data_5DMX
#
_entry.id   5DMX
#
_cell.length_a   113.677
_cell.length_b   116.779
_cell.length_c   177.429
_cell.angle_alpha   90.000
_cell.angle_beta   90.000
_cell.angle_gamma   90.000
#
_symmetry.space_group_name_H-M   'P 21 21 21'
#
loop_
_entity.id
_entity.type
_entity.pdbx_description
1 polymer 'D-alanine--D-alanine ligase'
2 water water
#
_entity_poly.entity_id   1
_entity_poly.type   'polypeptide(L)'
_entity_poly.pdbx_seq_one_letter_code
;MSNATKFGKVAVLLGGKSAERAVSLDSGQAVLDALLRSGVQAEAFDPQDRSVTELVNYDRAFIVLHGRGGEDGQIQGVLE
WLNIPYTGTGVQGSAIGMDKVKTKQIWQGSDLPTAPYRIITKETDLDSVIAELGLPVIIKPVHEGSSVGMSKVEKAEDFA
AAIEKATQHDAVVMAEKWITGREFTISFLNGQPLPVIRLQPPADVAFYDYEAKYQRNDVEYGIPCGLSETEEKKLQALCL
RAFQAVGAEGWGRIDAMQDEQGNFWLLEVNTVPGMTSHSLVPKAAKAVGYSFDELCVAILEQTLEGTA
;
_entity_poly.pdbx_strand_id   A,B,C,D,E,F
#
# COMPACT_ATOMS: atom_id res chain seq x y z
N MET A 1 -19.70 3.91 -8.23
CA MET A 1 -20.12 3.64 -6.81
C MET A 1 -19.23 4.37 -5.77
N SER A 2 -19.65 5.54 -5.28
CA SER A 2 -18.76 6.42 -4.44
C SER A 2 -18.71 6.07 -2.96
N ASN A 3 -17.62 6.50 -2.28
CA ASN A 3 -17.45 6.21 -0.86
C ASN A 3 -18.38 7.07 0.00
N ALA A 4 -18.91 8.15 -0.59
CA ALA A 4 -19.91 8.92 0.11
C ALA A 4 -21.08 8.02 0.34
N THR A 5 -21.57 7.44 -0.75
CA THR A 5 -22.82 6.63 -0.76
C THR A 5 -22.55 5.31 -0.03
N LYS A 6 -21.48 4.64 -0.43
CA LYS A 6 -21.20 3.28 0.02
C LYS A 6 -21.09 3.10 1.54
N PHE A 7 -20.28 3.92 2.19
CA PHE A 7 -20.13 3.94 3.64
C PHE A 7 -21.08 4.87 4.41
N GLY A 8 -21.72 5.81 3.74
CA GLY A 8 -22.63 6.74 4.44
C GLY A 8 -21.95 7.61 5.48
N LYS A 9 -22.72 8.10 6.45
CA LYS A 9 -22.19 8.97 7.51
C LYS A 9 -21.40 8.17 8.55
N VAL A 10 -20.06 8.22 8.47
CA VAL A 10 -19.22 7.48 9.44
C VAL A 10 -18.73 8.36 10.58
N ALA A 11 -18.82 7.85 11.81
CA ALA A 11 -18.30 8.55 13.00
C ALA A 11 -16.92 7.99 13.33
N VAL A 12 -15.93 8.88 13.46
CA VAL A 12 -14.59 8.50 13.92
C VAL A 12 -14.57 8.76 15.41
N LEU A 13 -14.68 7.69 16.19
CA LEU A 13 -14.71 7.80 17.65
C LEU A 13 -13.29 8.07 18.14
N LEU A 14 -13.07 9.16 18.85
CA LEU A 14 -11.73 9.57 19.24
C LEU A 14 -11.70 10.33 20.56
N GLY A 15 -10.54 10.36 21.19
CA GLY A 15 -10.36 11.09 22.45
C GLY A 15 -10.80 10.21 23.59
N GLY A 16 -12.01 10.47 24.07
CA GLY A 16 -12.60 9.62 25.09
C GLY A 16 -12.12 9.97 26.49
N LYS A 17 -12.28 9.02 27.39
CA LYS A 17 -12.17 9.27 28.83
C LYS A 17 -10.84 8.82 29.47
N SER A 18 -10.11 7.93 28.80
CA SER A 18 -8.94 7.31 29.38
C SER A 18 -7.70 8.21 29.48
N ALA A 19 -6.66 7.63 30.09
CA ALA A 19 -5.35 8.27 30.18
C ALA A 19 -4.68 8.41 28.81
N GLU A 20 -5.00 7.52 27.86
CA GLU A 20 -4.52 7.63 26.49
C GLU A 20 -5.31 8.62 25.59
N ARG A 21 -6.09 9.52 26.18
CA ARG A 21 -6.89 10.50 25.43
C ARG A 21 -6.10 11.26 24.37
N ALA A 22 -5.02 11.92 24.79
CA ALA A 22 -4.19 12.70 23.87
C ALA A 22 -3.69 11.88 22.67
N VAL A 23 -3.21 10.67 22.91
CA VAL A 23 -2.81 9.78 21.81
C VAL A 23 -4.01 9.50 20.88
N SER A 24 -5.20 9.30 21.46
CA SER A 24 -6.41 8.97 20.71
C SER A 24 -6.88 10.13 19.84
N LEU A 25 -6.83 11.34 20.37
CA LEU A 25 -7.06 12.54 19.57
C LEU A 25 -6.13 12.61 18.37
N ASP A 26 -4.86 12.28 18.58
CA ASP A 26 -3.90 12.21 17.46
C ASP A 26 -4.32 11.09 16.47
N SER A 27 -4.55 9.89 16.96
CA SER A 27 -4.99 8.81 16.07
C SER A 27 -6.28 9.12 15.33
N GLY A 28 -7.18 9.80 16.01
CA GLY A 28 -8.47 10.16 15.41
C GLY A 28 -8.33 11.15 14.29
N GLN A 29 -7.61 12.26 14.56
CA GLN A 29 -7.34 13.29 13.56
C GLN A 29 -6.69 12.71 12.30
N ALA A 30 -5.69 11.86 12.47
CA ALA A 30 -5.05 11.22 11.35
C ALA A 30 -6.04 10.44 10.49
N VAL A 31 -6.85 9.63 11.15
CA VAL A 31 -7.79 8.75 10.47
C VAL A 31 -8.88 9.57 9.78
N LEU A 32 -9.40 10.55 10.50
CA LEU A 32 -10.39 11.46 9.97
C LEU A 32 -9.94 12.17 8.70
N ASP A 33 -8.72 12.70 8.70
CA ASP A 33 -8.17 13.34 7.50
C ASP A 33 -8.04 12.35 6.34
N ALA A 34 -7.60 11.13 6.65
CA ALA A 34 -7.41 10.10 5.63
C ALA A 34 -8.71 9.65 4.99
N LEU A 35 -9.74 9.47 5.81
CA LEU A 35 -11.05 9.07 5.29
C LEU A 35 -11.66 10.21 4.47
N LEU A 36 -11.58 11.44 4.97
CA LEU A 36 -12.07 12.59 4.21
C LEU A 36 -11.39 12.72 2.84
N ARG A 37 -10.09 12.47 2.78
CA ARG A 37 -9.36 12.46 1.50
C ARG A 37 -9.85 11.38 0.58
N SER A 38 -10.29 10.26 1.15
CA SER A 38 -10.82 9.15 0.37
C SER A 38 -12.29 9.35 0.01
N GLY A 39 -12.86 10.50 0.36
CA GLY A 39 -14.22 10.83 -0.03
C GLY A 39 -15.29 10.11 0.76
N VAL A 40 -14.94 9.60 1.95
CA VAL A 40 -15.92 9.07 2.85
C VAL A 40 -16.41 10.23 3.72
N GLN A 41 -17.70 10.21 4.04
CA GLN A 41 -18.36 11.29 4.76
C GLN A 41 -18.11 11.13 6.25
N ALA A 42 -16.88 11.35 6.69
CA ALA A 42 -16.49 11.09 8.09
C ALA A 42 -16.64 12.31 8.96
N GLU A 43 -16.96 12.12 10.24
CA GLU A 43 -17.06 13.21 11.24
C GLU A 43 -16.47 12.77 12.56
N ALA A 44 -15.93 13.70 13.32
CA ALA A 44 -15.29 13.36 14.59
C ALA A 44 -16.36 13.22 15.61
N PHE A 45 -16.17 12.27 16.53
CA PHE A 45 -17.09 12.06 17.64
C PHE A 45 -16.24 11.79 18.86
N ASP A 46 -16.21 12.73 19.80
CA ASP A 46 -15.49 12.56 21.07
C ASP A 46 -16.47 12.23 22.18
N PRO A 47 -16.52 10.96 22.64
CA PRO A 47 -17.57 10.61 23.60
C PRO A 47 -17.46 11.27 24.98
N GLN A 48 -16.34 11.89 25.29
CA GLN A 48 -16.21 12.69 26.48
C GLN A 48 -16.91 14.06 26.34
N ASP A 49 -17.05 14.56 25.10
CA ASP A 49 -17.72 15.85 24.82
C ASP A 49 -19.14 15.73 24.24
N ARG A 50 -19.45 14.59 23.62
CA ARG A 50 -20.74 14.36 22.97
C ARG A 50 -21.34 13.11 23.55
N SER A 51 -22.58 13.19 24.02
CA SER A 51 -23.26 12.01 24.55
C SER A 51 -23.34 10.94 23.49
N VAL A 52 -23.03 9.70 23.86
CA VAL A 52 -23.10 8.55 22.93
C VAL A 52 -24.46 8.36 22.31
N THR A 53 -25.49 8.93 22.93
CA THR A 53 -26.87 8.92 22.40
C THR A 53 -26.95 9.44 20.94
N GLU A 54 -26.14 10.46 20.63
CA GLU A 54 -26.11 11.03 19.28
C GLU A 54 -25.45 10.13 18.22
N LEU A 55 -24.81 9.02 18.62
CA LEU A 55 -24.30 8.05 17.67
C LEU A 55 -25.35 7.54 16.70
N VAL A 56 -26.60 7.59 17.16
CA VAL A 56 -27.73 7.10 16.38
C VAL A 56 -27.87 7.83 15.03
N ASN A 57 -27.35 9.06 14.95
CA ASN A 57 -27.23 9.78 13.68
C ASN A 57 -26.24 9.21 12.62
N TYR A 58 -25.50 8.13 12.89
CA TYR A 58 -24.45 7.65 11.99
C TYR A 58 -24.72 6.26 11.54
N ASP A 59 -24.26 5.94 10.33
CA ASP A 59 -24.44 4.63 9.72
C ASP A 59 -23.35 3.63 10.11
N ARG A 60 -22.19 4.09 10.55
CA ARG A 60 -21.10 3.19 11.01
C ARG A 60 -20.07 3.96 11.82
N ALA A 61 -19.15 3.23 12.46
CA ALA A 61 -18.20 3.83 13.40
C ALA A 61 -16.82 3.27 13.21
N PHE A 62 -15.84 4.17 13.09
CA PHE A 62 -14.43 3.80 13.06
C PHE A 62 -13.97 4.10 14.48
N ILE A 63 -13.62 3.06 15.23
CA ILE A 63 -13.21 3.21 16.62
C ILE A 63 -11.72 3.39 16.64
N VAL A 64 -11.30 4.50 17.21
CA VAL A 64 -9.89 4.73 17.46
C VAL A 64 -9.71 5.38 18.84
N LEU A 65 -10.49 4.86 19.79
CA LEU A 65 -10.36 5.16 21.23
C LEU A 65 -9.40 4.16 21.87
N HIS A 66 -8.44 4.66 22.62
CA HIS A 66 -7.45 3.81 23.24
C HIS A 66 -7.74 3.75 24.73
N GLY A 67 -7.52 2.58 25.32
CA GLY A 67 -7.69 2.38 26.77
C GLY A 67 -9.11 2.14 27.25
N ARG A 68 -9.36 2.58 28.49
CA ARG A 68 -10.65 2.42 29.16
C ARG A 68 -11.76 3.08 28.32
N GLY A 69 -12.85 2.34 28.10
CA GLY A 69 -13.90 2.75 27.18
C GLY A 69 -13.73 2.26 25.74
N GLY A 70 -12.51 2.28 25.23
CA GLY A 70 -12.28 2.02 23.81
C GLY A 70 -11.80 0.63 23.53
N GLU A 71 -10.74 0.21 24.26
CA GLU A 71 -10.01 -1.05 24.03
C GLU A 71 -10.65 -2.20 24.83
N ASP A 72 -11.70 -1.92 25.62
CA ASP A 72 -12.19 -2.85 26.67
C ASP A 72 -13.66 -3.33 26.59
N GLY A 73 -14.34 -3.09 25.46
CA GLY A 73 -15.70 -3.60 25.27
C GLY A 73 -16.86 -2.62 25.51
N GLN A 74 -16.62 -1.56 26.27
CA GLN A 74 -17.67 -0.61 26.63
C GLN A 74 -18.34 0.05 25.42
N ILE A 75 -17.56 0.79 24.62
CA ILE A 75 -18.13 1.47 23.46
C ILE A 75 -18.69 0.44 22.45
N GLN A 76 -18.09 -0.75 22.41
CA GLN A 76 -18.56 -1.81 21.51
C GLN A 76 -19.96 -2.23 21.94
N GLY A 77 -20.16 -2.28 23.26
CA GLY A 77 -21.45 -2.51 23.82
C GLY A 77 -22.47 -1.55 23.27
N VAL A 78 -22.20 -0.24 23.40
CA VAL A 78 -23.21 0.76 23.01
C VAL A 78 -23.51 0.65 21.52
N LEU A 79 -22.50 0.37 20.72
CA LEU A 79 -22.71 0.25 19.29
C LEU A 79 -23.56 -0.95 18.95
N GLU A 80 -23.39 -2.05 19.68
CA GLU A 80 -24.24 -3.25 19.46
C GLU A 80 -25.71 -2.90 19.77
N TRP A 81 -25.94 -2.23 20.89
CA TRP A 81 -27.29 -1.81 21.24
C TRP A 81 -27.91 -0.76 20.34
N LEU A 82 -27.12 0.03 19.62
CA LEU A 82 -27.66 0.98 18.65
C LEU A 82 -27.67 0.41 17.22
N ASN A 83 -27.27 -0.84 17.03
CA ASN A 83 -27.24 -1.50 15.71
C ASN A 83 -26.40 -0.79 14.65
N ILE A 84 -25.25 -0.27 15.09
CA ILE A 84 -24.32 0.46 14.26
C ILE A 84 -23.07 -0.40 14.07
N PRO A 85 -22.79 -0.88 12.84
CA PRO A 85 -21.57 -1.68 12.65
C PRO A 85 -20.32 -0.84 12.89
N TYR A 86 -19.23 -1.52 13.22
CA TYR A 86 -18.04 -0.84 13.70
C TYR A 86 -16.74 -1.62 13.48
N THR A 87 -15.62 -0.93 13.56
CA THR A 87 -14.33 -1.53 13.22
C THR A 87 -13.79 -2.42 14.35
N GLY A 88 -13.00 -3.40 13.94
CA GLY A 88 -12.21 -4.16 14.88
C GLY A 88 -13.02 -5.15 15.68
N THR A 89 -12.61 -5.29 16.92
CA THR A 89 -12.95 -6.44 17.74
C THR A 89 -14.24 -6.15 18.51
N GLY A 90 -15.12 -7.15 18.58
CA GLY A 90 -16.36 -7.05 19.34
C GLY A 90 -16.17 -7.00 20.85
N VAL A 91 -17.26 -7.21 21.59
CA VAL A 91 -17.24 -6.93 23.04
C VAL A 91 -16.36 -7.91 23.78
N GLN A 92 -16.48 -9.19 23.41
CA GLN A 92 -15.77 -10.25 24.08
C GLN A 92 -14.26 -10.08 23.95
N GLY A 93 -13.77 -10.06 22.70
CA GLY A 93 -12.32 -9.93 22.43
C GLY A 93 -11.69 -8.68 23.01
N SER A 94 -12.43 -7.58 22.99
CA SER A 94 -11.98 -6.34 23.57
C SER A 94 -11.82 -6.46 25.07
N ALA A 95 -12.86 -6.94 25.74
CA ALA A 95 -12.88 -7.03 27.19
C ALA A 95 -11.77 -7.93 27.75
N ILE A 96 -11.53 -9.03 27.04
CA ILE A 96 -10.44 -9.95 27.37
C ILE A 96 -9.10 -9.30 27.08
N GLY A 97 -8.91 -8.87 25.83
CA GLY A 97 -7.67 -8.28 25.34
C GLY A 97 -7.01 -7.25 26.24
N MET A 98 -7.81 -6.44 26.88
CA MET A 98 -7.33 -5.41 27.77
C MET A 98 -7.09 -5.93 29.18
N ASP A 99 -7.12 -7.24 29.38
CA ASP A 99 -6.78 -7.84 30.67
C ASP A 99 -5.71 -8.88 30.38
N LYS A 100 -4.54 -8.72 31.01
CA LYS A 100 -3.40 -9.58 30.72
C LYS A 100 -3.65 -10.96 31.29
N VAL A 101 -4.06 -11.02 32.56
CA VAL A 101 -4.31 -12.31 33.23
C VAL A 101 -5.33 -13.11 32.42
N LYS A 102 -6.40 -12.44 31.99
CA LYS A 102 -7.43 -13.10 31.17
C LYS A 102 -6.91 -13.49 29.79
N THR A 103 -6.07 -12.65 29.20
CA THR A 103 -5.48 -12.96 27.90
C THR A 103 -4.56 -14.16 28.03
N LYS A 104 -3.83 -14.23 29.14
CA LYS A 104 -2.94 -15.36 29.39
C LYS A 104 -3.70 -16.63 29.66
N GLN A 105 -4.66 -16.55 30.58
CA GLN A 105 -5.59 -17.67 30.82
C GLN A 105 -6.12 -18.27 29.53
N ILE A 106 -6.63 -17.45 28.61
CA ILE A 106 -7.24 -18.05 27.43
C ILE A 106 -6.21 -18.57 26.42
N TRP A 107 -4.99 -18.04 26.52
CA TRP A 107 -3.87 -18.54 25.73
C TRP A 107 -3.36 -19.90 26.25
N GLN A 108 -3.06 -19.98 27.56
CA GLN A 108 -2.76 -21.28 28.22
C GLN A 108 -3.82 -22.31 27.83
N GLY A 109 -5.09 -21.95 28.03
CA GLY A 109 -6.23 -22.76 27.58
C GLY A 109 -6.34 -23.11 26.09
N SER A 110 -5.49 -22.54 25.23
CA SER A 110 -5.47 -22.91 23.80
C SER A 110 -4.14 -23.54 23.39
N ASP A 111 -3.37 -24.03 24.37
CA ASP A 111 -2.08 -24.66 24.13
C ASP A 111 -1.06 -23.69 23.49
N LEU A 112 -1.01 -22.44 23.99
CA LEU A 112 -0.17 -21.38 23.43
C LEU A 112 0.79 -20.83 24.48
N PRO A 113 2.02 -20.50 24.05
CA PRO A 113 3.11 -20.22 24.98
C PRO A 113 3.04 -18.84 25.56
N THR A 114 3.23 -18.73 26.87
CA THR A 114 3.25 -17.44 27.54
C THR A 114 3.85 -17.60 28.93
N ALA A 115 4.52 -16.55 29.40
CA ALA A 115 5.22 -16.63 30.68
C ALA A 115 4.26 -17.08 31.76
N PRO A 116 4.70 -18.01 32.62
CA PRO A 116 4.06 -18.20 33.93
C PRO A 116 3.92 -16.91 34.74
N TYR A 117 2.96 -16.92 35.65
CA TYR A 117 2.54 -15.72 36.36
C TYR A 117 1.79 -16.13 37.61
N ARG A 118 1.67 -15.22 38.57
CA ARG A 118 0.97 -15.51 39.82
C ARG A 118 0.21 -14.31 40.42
N ILE A 119 -0.73 -14.71 41.28
CA ILE A 119 -1.91 -13.90 41.59
C ILE A 119 -1.40 -12.86 42.59
N ILE A 120 -1.40 -11.60 42.18
CA ILE A 120 -0.65 -10.56 42.97
C ILE A 120 -0.97 -10.76 44.49
N VAL A 172 -5.27 -3.54 38.20
CA VAL A 172 -4.39 -4.40 38.99
C VAL A 172 -3.21 -4.93 38.15
N VAL A 173 -2.02 -4.90 38.77
CA VAL A 173 -0.81 -5.52 38.25
C VAL A 173 -0.53 -6.78 39.10
N MET A 174 0.10 -7.74 38.42
CA MET A 174 0.33 -9.20 38.64
C MET A 174 1.83 -9.43 38.91
N ALA A 175 2.29 -10.69 39.03
CA ALA A 175 3.74 -11.03 39.08
C ALA A 175 4.08 -12.09 38.01
N GLU A 176 4.94 -11.72 37.05
CA GLU A 176 5.28 -12.57 35.90
C GLU A 176 6.73 -13.10 35.92
N LYS A 177 6.94 -14.30 35.37
CA LYS A 177 8.28 -14.89 35.25
C LYS A 177 9.13 -14.14 34.24
N TRP A 178 10.30 -13.70 34.69
CA TRP A 178 11.25 -12.95 33.88
C TRP A 178 11.87 -13.87 32.80
N ILE A 179 11.69 -13.49 31.53
CA ILE A 179 12.38 -14.09 30.39
C ILE A 179 13.16 -12.97 29.69
N THR A 180 14.43 -13.23 29.38
CA THR A 180 15.21 -12.27 28.61
C THR A 180 15.20 -12.72 27.12
N GLY A 181 15.10 -11.69 26.28
CA GLY A 181 15.12 -11.83 24.83
C GLY A 181 14.63 -10.58 24.14
N ARG A 182 14.39 -10.68 22.84
CA ARG A 182 14.06 -9.52 22.00
C ARG A 182 12.55 -9.48 21.72
N GLU A 183 11.91 -8.34 22.01
CA GLU A 183 10.47 -8.13 21.73
C GLU A 183 10.18 -7.84 20.25
N PHE A 184 9.02 -8.28 19.80
CA PHE A 184 8.51 -8.02 18.45
C PHE A 184 7.04 -7.62 18.50
N THR A 185 6.49 -7.19 17.36
CA THR A 185 5.07 -6.97 17.25
C THR A 185 4.55 -7.29 15.85
N ILE A 186 3.48 -8.06 15.83
CA ILE A 186 2.87 -8.56 14.62
C ILE A 186 1.56 -7.82 14.53
N SER A 187 1.40 -7.04 13.47
CA SER A 187 0.22 -6.22 13.31
C SER A 187 -0.71 -6.99 12.41
N PHE A 188 -2.01 -6.72 12.51
CA PHE A 188 -3.03 -7.46 11.79
C PHE A 188 -3.91 -6.56 10.98
N LEU A 189 -4.24 -6.99 9.78
CA LEU A 189 -5.21 -6.32 8.92
C LEU A 189 -5.98 -7.37 8.10
N ASN A 190 -7.30 -7.21 8.04
CA ASN A 190 -8.23 -8.20 7.48
C ASN A 190 -8.02 -9.59 8.06
N GLY A 191 -7.80 -9.62 9.36
CA GLY A 191 -7.63 -10.88 10.09
C GLY A 191 -6.27 -11.53 9.97
N GLN A 192 -5.50 -11.14 8.94
CA GLN A 192 -4.20 -11.75 8.62
C GLN A 192 -3.03 -10.93 9.18
N PRO A 193 -1.91 -11.58 9.55
CA PRO A 193 -0.76 -10.82 10.05
C PRO A 193 -0.03 -10.07 8.95
N LEU A 194 0.67 -9.01 9.34
CA LEU A 194 1.47 -8.20 8.46
C LEU A 194 2.95 -8.36 8.88
N PRO A 195 3.89 -7.82 8.07
CA PRO A 195 5.33 -7.95 8.37
C PRO A 195 5.73 -7.56 9.80
N VAL A 196 6.51 -8.41 10.46
CA VAL A 196 6.84 -8.20 11.89
C VAL A 196 7.90 -7.12 12.06
N ILE A 197 7.81 -6.42 13.20
CA ILE A 197 8.59 -5.26 13.54
C ILE A 197 9.27 -5.53 14.86
N ARG A 198 10.58 -5.31 14.93
CA ARG A 198 11.35 -5.44 16.17
C ARG A 198 11.12 -4.19 17.01
N LEU A 199 11.01 -4.35 18.33
CA LEU A 199 10.92 -3.21 19.26
C LEU A 199 12.21 -3.08 20.05
N GLN A 200 12.54 -1.87 20.54
CA GLN A 200 13.54 -1.65 21.61
C GLN A 200 12.83 -1.32 22.92
N TYR A 221 15.74 1.18 14.05
CA TYR A 221 14.49 1.31 13.28
C TYR A 221 13.50 0.18 13.68
N GLY A 222 13.07 -0.72 12.77
CA GLY A 222 11.97 -1.69 13.07
C GLY A 222 11.99 -2.88 12.12
N ILE A 223 12.00 -2.60 10.81
CA ILE A 223 12.07 -3.66 9.78
C ILE A 223 13.27 -3.46 8.85
N PRO A 224 13.96 -4.54 8.45
CA PRO A 224 13.69 -5.93 8.87
C PRO A 224 13.97 -6.22 10.35
N CYS A 225 13.28 -7.24 10.86
CA CYS A 225 13.23 -7.55 12.30
C CYS A 225 14.48 -8.25 12.85
N GLY A 226 15.14 -9.01 11.98
CA GLY A 226 16.29 -9.82 12.37
C GLY A 226 15.90 -11.26 12.64
N LEU A 227 14.88 -11.74 11.93
CA LEU A 227 14.47 -13.15 11.96
C LEU A 227 14.70 -13.66 10.58
N SER A 228 14.95 -14.98 10.45
CA SER A 228 15.00 -15.59 9.12
C SER A 228 13.59 -15.56 8.53
N GLU A 229 13.48 -15.69 7.22
CA GLU A 229 12.19 -15.66 6.54
C GLU A 229 11.26 -16.75 7.09
N THR A 230 11.80 -17.93 7.37
CA THR A 230 10.98 -19.02 7.90
C THR A 230 10.68 -18.77 9.40
N GLU A 231 11.69 -18.34 10.16
CA GLU A 231 11.50 -17.95 11.58
C GLU A 231 10.44 -16.86 11.75
N GLU A 232 10.38 -15.94 10.79
CA GLU A 232 9.38 -14.89 10.77
C GLU A 232 7.96 -15.48 10.53
N LYS A 233 7.81 -16.28 9.50
CA LYS A 233 6.53 -16.97 9.22
C LYS A 233 6.03 -17.85 10.37
N LYS A 234 6.95 -18.42 11.14
CA LYS A 234 6.60 -19.18 12.33
C LYS A 234 5.96 -18.30 13.40
N LEU A 235 6.55 -17.12 13.61
CA LEU A 235 6.01 -16.14 14.57
C LEU A 235 4.65 -15.59 14.10
N GLN A 236 4.47 -15.43 12.79
CA GLN A 236 3.22 -14.93 12.22
C GLN A 236 2.08 -15.94 12.41
N ALA A 237 2.36 -17.20 12.10
CA ALA A 237 1.35 -18.26 12.23
C ALA A 237 0.94 -18.47 13.68
N LEU A 238 1.92 -18.45 14.58
CA LEU A 238 1.67 -18.54 16.02
C LEU A 238 0.79 -17.39 16.50
N CYS A 239 1.13 -16.17 16.08
CA CYS A 239 0.39 -14.97 16.48
C CYS A 239 -1.01 -14.92 15.89
N LEU A 240 -1.20 -15.43 14.68
CA LEU A 240 -2.54 -15.59 14.11
C LEU A 240 -3.42 -16.47 14.98
N ARG A 241 -2.85 -17.53 15.55
CA ARG A 241 -3.63 -18.41 16.44
C ARG A 241 -3.99 -17.69 17.74
N ALA A 242 -3.04 -16.98 18.32
CA ALA A 242 -3.27 -16.17 19.52
C ALA A 242 -4.23 -14.99 19.33
N PHE A 243 -4.34 -14.50 18.09
CA PHE A 243 -5.27 -13.45 17.70
C PHE A 243 -6.67 -14.03 17.63
N GLN A 244 -6.80 -15.15 16.92
CA GLN A 244 -8.06 -15.91 16.81
C GLN A 244 -8.54 -16.47 18.14
N ALA A 245 -7.61 -17.01 18.92
CA ALA A 245 -7.91 -17.61 20.23
C ALA A 245 -8.70 -16.67 21.12
N VAL A 246 -8.29 -15.42 21.14
CA VAL A 246 -8.81 -14.42 22.04
C VAL A 246 -10.04 -13.76 21.35
N GLY A 247 -10.29 -14.11 20.08
CA GLY A 247 -11.49 -13.70 19.37
C GLY A 247 -11.43 -12.27 18.90
N ALA A 248 -10.23 -11.81 18.58
CA ALA A 248 -10.06 -10.50 18.01
C ALA A 248 -10.30 -10.62 16.54
N GLU A 249 -10.75 -9.54 15.93
CA GLU A 249 -11.02 -9.56 14.49
C GLU A 249 -10.74 -8.24 13.81
N GLY A 250 -10.42 -8.31 12.52
CA GLY A 250 -10.23 -7.13 11.68
C GLY A 250 -8.78 -6.71 11.70
N TRP A 251 -8.41 -6.00 12.75
CA TRP A 251 -7.08 -5.48 12.86
C TRP A 251 -6.71 -5.38 14.31
N GLY A 252 -5.41 -5.20 14.55
CA GLY A 252 -4.87 -5.15 15.90
C GLY A 252 -3.40 -5.45 15.92
N ARG A 253 -2.86 -5.70 17.11
CA ARG A 253 -1.45 -5.98 17.32
C ARG A 253 -1.26 -7.06 18.37
N ILE A 254 -0.40 -8.05 18.09
CA ILE A 254 0.10 -8.97 19.12
C ILE A 254 1.58 -8.72 19.36
N ASP A 255 1.96 -8.52 20.63
CA ASP A 255 3.37 -8.44 21.03
C ASP A 255 3.89 -9.83 21.44
N ALA A 256 5.11 -10.17 21.02
CA ALA A 256 5.74 -11.45 21.34
C ALA A 256 7.22 -11.29 21.71
N MET A 257 7.74 -12.25 22.47
CA MET A 257 9.15 -12.33 22.91
C MET A 257 9.84 -13.42 22.10
N GLN A 258 11.16 -13.32 22.01
CA GLN A 258 12.01 -14.46 21.62
C GLN A 258 13.13 -14.63 22.63
N ASP A 259 13.12 -15.74 23.39
CA ASP A 259 14.14 -16.02 24.42
C ASP A 259 15.48 -16.44 23.80
N GLU A 260 16.49 -16.57 24.65
CA GLU A 260 17.86 -16.93 24.21
C GLU A 260 17.94 -18.21 23.34
N GLN A 261 17.04 -19.16 23.57
CA GLN A 261 17.02 -20.44 22.84
C GLN A 261 16.21 -20.43 21.53
N GLY A 262 15.61 -19.29 21.16
CA GLY A 262 14.85 -19.20 19.90
C GLY A 262 13.35 -19.51 20.05
N ASN A 263 12.87 -19.69 21.28
CA ASN A 263 11.44 -20.01 21.54
C ASN A 263 10.60 -18.74 21.70
N PHE A 264 9.40 -18.75 21.15
CA PHE A 264 8.50 -17.60 21.26
C PHE A 264 7.59 -17.64 22.48
N TRP A 265 7.27 -16.45 23.00
CA TRP A 265 6.38 -16.28 24.14
C TRP A 265 5.44 -15.12 23.81
N LEU A 266 4.16 -15.27 24.14
CA LEU A 266 3.19 -14.25 23.85
C LEU A 266 3.07 -13.39 25.07
N LEU A 267 2.85 -12.10 24.83
CA LEU A 267 2.91 -11.06 25.87
C LEU A 267 1.61 -10.32 26.10
N GLU A 268 1.04 -9.76 25.03
CA GLU A 268 -0.15 -8.95 25.11
C GLU A 268 -0.78 -8.69 23.74
N VAL A 269 -2.00 -8.15 23.79
CA VAL A 269 -2.80 -7.84 22.60
C VAL A 269 -3.34 -6.41 22.70
N ASN A 270 -3.35 -5.71 21.57
CA ASN A 270 -3.95 -4.36 21.43
C ASN A 270 -4.99 -4.43 20.33
N THR A 271 -6.24 -4.16 20.70
CA THR A 271 -7.40 -4.39 19.81
C THR A 271 -7.85 -3.14 19.09
N VAL A 272 -7.45 -1.96 19.59
CA VAL A 272 -7.44 -0.70 18.79
C VAL A 272 -6.03 -0.02 18.89
N PRO A 273 -5.17 -0.32 17.91
CA PRO A 273 -3.82 0.22 17.91
C PRO A 273 -3.74 1.69 17.54
N GLY A 274 -2.60 2.30 17.83
CA GLY A 274 -2.30 3.68 17.44
C GLY A 274 -2.32 3.88 15.93
N MET A 275 -2.78 5.05 15.53
CA MET A 275 -2.76 5.49 14.15
C MET A 275 -2.08 6.86 14.01
N THR A 276 -1.22 7.20 14.98
CA THR A 276 -0.37 8.40 14.93
C THR A 276 0.74 8.19 13.91
N SER A 277 1.46 9.24 13.57
CA SER A 277 2.56 9.19 12.57
C SER A 277 3.68 8.25 12.98
N HIS A 278 3.97 8.18 14.27
CA HIS A 278 4.99 7.29 14.82
C HIS A 278 4.49 5.84 15.14
N SER A 279 3.24 5.50 14.78
CA SER A 279 2.63 4.25 15.21
C SER A 279 3.00 3.07 14.34
N LEU A 280 2.99 1.89 14.94
CA LEU A 280 3.59 0.68 14.33
C LEU A 280 2.73 0.00 13.23
N VAL A 281 1.41 0.11 13.31
CA VAL A 281 0.55 -0.58 12.33
C VAL A 281 0.64 0.02 10.92
N PRO A 282 0.59 1.37 10.80
CA PRO A 282 0.83 1.94 9.48
C PRO A 282 2.19 1.59 8.89
N LYS A 283 3.21 1.58 9.74
CA LYS A 283 4.56 1.16 9.36
C LYS A 283 4.54 -0.23 8.74
N ALA A 284 3.99 -1.21 9.45
CA ALA A 284 3.87 -2.55 8.88
C ALA A 284 2.92 -2.68 7.65
N ALA A 285 1.85 -1.89 7.61
CA ALA A 285 0.94 -1.90 6.45
C ALA A 285 1.62 -1.32 5.22
N LYS A 286 2.47 -0.33 5.45
CA LYS A 286 3.25 0.29 4.37
C LYS A 286 4.22 -0.72 3.78
N ALA A 287 4.84 -1.54 4.63
CA ALA A 287 5.74 -2.59 4.17
C ALA A 287 5.13 -3.56 3.16
N VAL A 288 3.81 -3.55 3.01
CA VAL A 288 3.10 -4.40 2.06
C VAL A 288 2.32 -3.55 1.09
N GLY A 289 2.72 -2.29 0.96
CA GLY A 289 2.16 -1.39 -0.06
C GLY A 289 0.85 -0.67 0.24
N TYR A 290 0.49 -0.53 1.52
CA TYR A 290 -0.67 0.27 1.90
C TYR A 290 -0.20 1.66 2.29
N SER A 291 -0.75 2.67 1.60
CA SER A 291 -0.70 4.04 2.07
C SER A 291 -1.59 4.14 3.29
N PHE A 292 -1.36 5.15 4.10
CA PHE A 292 -2.17 5.34 5.28
C PHE A 292 -3.65 5.46 4.92
N ASP A 293 -3.95 6.17 3.84
CA ASP A 293 -5.33 6.35 3.40
C ASP A 293 -5.96 5.04 2.98
N GLU A 294 -5.16 4.20 2.35
CA GLU A 294 -5.60 2.90 1.91
C GLU A 294 -5.85 2.02 3.12
N LEU A 295 -4.91 2.03 4.05
CA LEU A 295 -5.06 1.30 5.31
C LEU A 295 -6.32 1.71 6.05
N CYS A 296 -6.58 3.01 6.15
CA CYS A 296 -7.80 3.49 6.80
C CYS A 296 -9.07 2.99 6.12
N VAL A 297 -9.12 2.93 4.79
CA VAL A 297 -10.32 2.44 4.13
C VAL A 297 -10.45 0.94 4.34
N ALA A 298 -9.34 0.20 4.20
CA ALA A 298 -9.31 -1.26 4.46
C ALA A 298 -9.91 -1.61 5.83
N ILE A 299 -9.52 -0.87 6.86
CA ILE A 299 -10.08 -1.07 8.19
C ILE A 299 -11.57 -0.79 8.18
N LEU A 300 -11.98 0.32 7.55
CA LEU A 300 -13.41 0.69 7.52
C LEU A 300 -14.26 -0.33 6.78
N GLU A 301 -13.68 -1.01 5.79
CA GLU A 301 -14.40 -2.04 5.01
C GLU A 301 -14.92 -3.22 5.86
N GLN A 302 -14.27 -3.53 6.98
CA GLN A 302 -14.78 -4.47 8.01
C GLN A 302 -16.24 -4.23 8.37
N THR A 303 -16.68 -2.96 8.40
CA THR A 303 -18.04 -2.61 8.72
C THR A 303 -19.08 -2.89 7.62
N LEU A 304 -18.69 -3.55 6.52
CA LEU A 304 -19.62 -4.04 5.53
C LEU A 304 -19.89 -5.49 6.01
N GLU A 305 -20.97 -5.62 6.78
CA GLU A 305 -21.60 -6.94 7.10
C GLU A 305 -20.66 -7.95 7.78
N SER B 2 -30.35 6.19 54.92
CA SER B 2 -31.35 5.15 55.34
C SER B 2 -32.78 5.63 55.10
N ASN B 3 -33.68 4.65 54.95
CA ASN B 3 -35.11 4.81 54.59
C ASN B 3 -35.39 4.97 53.07
N ALA B 4 -34.88 3.97 52.29
CA ALA B 4 -34.86 3.83 50.77
C ALA B 4 -35.09 5.11 49.90
N THR B 5 -34.62 6.19 50.50
CA THR B 5 -34.04 7.37 49.82
C THR B 5 -32.65 7.07 49.21
N LYS B 6 -31.93 6.11 49.82
CA LYS B 6 -30.60 5.70 49.33
C LYS B 6 -30.50 5.22 47.91
N PHE B 7 -31.37 4.33 47.48
CA PHE B 7 -31.21 3.80 46.15
C PHE B 7 -31.68 4.75 45.05
N GLY B 8 -32.44 5.77 45.38
CA GLY B 8 -32.90 6.71 44.34
C GLY B 8 -33.77 6.07 43.28
N LYS B 9 -33.84 6.69 42.09
CA LYS B 9 -34.63 6.17 40.98
C LYS B 9 -33.96 4.96 40.32
N VAL B 10 -34.42 3.75 40.62
CA VAL B 10 -33.81 2.59 40.06
C VAL B 10 -34.59 2.07 38.81
N ALA B 11 -33.88 1.71 37.74
CA ALA B 11 -34.49 1.10 36.54
C ALA B 11 -34.34 -0.42 36.62
N VAL B 12 -35.45 -1.15 36.49
CA VAL B 12 -35.41 -2.59 36.36
C VAL B 12 -35.41 -2.91 34.87
N LEU B 13 -34.25 -3.30 34.35
CA LEU B 13 -34.10 -3.58 32.91
C LEU B 13 -34.71 -4.95 32.64
N LEU B 14 -35.69 -5.02 31.77
CA LEU B 14 -36.42 -6.27 31.53
C LEU B 14 -36.94 -6.41 30.12
N GLY B 15 -37.21 -7.64 29.71
CA GLY B 15 -37.72 -7.92 28.38
C GLY B 15 -36.56 -8.01 27.40
N GLY B 16 -36.38 -6.94 26.65
CA GLY B 16 -35.24 -6.84 25.76
C GLY B 16 -35.48 -7.49 24.42
N LYS B 17 -34.38 -7.79 23.76
CA LYS B 17 -34.40 -8.20 22.35
C LYS B 17 -34.29 -9.72 22.09
N SER B 18 -33.78 -10.47 23.06
CA SER B 18 -33.43 -11.86 22.86
C SER B 18 -34.63 -12.82 22.76
N ALA B 19 -34.31 -14.08 22.50
CA ALA B 19 -35.27 -15.15 22.49
C ALA B 19 -35.83 -15.41 23.89
N GLU B 20 -35.05 -15.11 24.93
CA GLU B 20 -35.54 -15.23 26.32
C GLU B 20 -36.36 -14.01 26.82
N ARG B 21 -36.88 -13.20 25.89
CA ARG B 21 -37.70 -12.03 26.24
C ARG B 21 -38.84 -12.33 27.25
N ALA B 22 -39.71 -13.24 26.89
CA ALA B 22 -40.84 -13.60 27.75
C ALA B 22 -40.39 -13.99 29.16
N VAL B 23 -39.35 -14.82 29.29
CA VAL B 23 -38.85 -15.18 30.61
C VAL B 23 -38.38 -13.91 31.35
N SER B 24 -37.74 -12.99 30.61
CA SER B 24 -37.20 -11.77 31.21
C SER B 24 -38.29 -10.83 31.71
N LEU B 25 -39.36 -10.68 30.94
CA LEU B 25 -40.56 -9.97 31.39
C LEU B 25 -41.09 -10.54 32.71
N ASP B 26 -41.11 -11.86 32.81
CA ASP B 26 -41.52 -12.51 34.06
C ASP B 26 -40.53 -12.17 35.18
N SER B 27 -39.23 -12.37 34.94
CA SER B 27 -38.22 -12.03 35.98
C SER B 27 -38.24 -10.56 36.38
N GLY B 28 -38.50 -9.69 35.40
CA GLY B 28 -38.56 -8.26 35.64
C GLY B 28 -39.72 -7.86 36.50
N GLN B 29 -40.92 -8.30 36.12
CA GLN B 29 -42.13 -8.07 36.91
C GLN B 29 -41.98 -8.52 38.36
N ALA B 30 -41.47 -9.70 38.58
CA ALA B 30 -41.26 -10.20 39.92
C ALA B 30 -40.38 -9.28 40.72
N VAL B 31 -39.26 -8.88 40.14
CA VAL B 31 -38.25 -8.08 40.82
C VAL B 31 -38.80 -6.70 41.09
N LEU B 32 -39.42 -6.11 40.07
CA LEU B 32 -40.08 -4.82 40.20
C LEU B 32 -41.12 -4.76 41.34
N ASP B 33 -41.97 -5.78 41.46
CA ASP B 33 -42.96 -5.86 42.56
C ASP B 33 -42.28 -5.97 43.91
N ALA B 34 -41.22 -6.76 43.99
CA ALA B 34 -40.49 -6.96 45.22
C ALA B 34 -39.77 -5.70 45.68
N LEU B 35 -39.17 -4.97 44.74
CA LEU B 35 -38.47 -3.75 45.12
C LEU B 35 -39.50 -2.70 45.55
N LEU B 36 -40.62 -2.58 44.80
CA LEU B 36 -41.68 -1.63 45.15
C LEU B 36 -42.25 -1.90 46.56
N ARG B 37 -42.40 -3.17 46.92
CA ARG B 37 -42.79 -3.56 48.29
C ARG B 37 -41.76 -3.20 49.33
N SER B 38 -40.49 -3.18 48.96
CA SER B 38 -39.41 -2.77 49.86
C SER B 38 -39.23 -1.25 49.89
N GLY B 39 -40.09 -0.51 49.19
CA GLY B 39 -40.02 0.93 49.23
C GLY B 39 -38.88 1.56 48.46
N VAL B 40 -38.32 0.84 47.49
CA VAL B 40 -37.38 1.42 46.56
C VAL B 40 -38.17 1.97 45.38
N GLN B 41 -37.71 3.08 44.83
CA GLN B 41 -38.41 3.81 43.78
C GLN B 41 -38.10 3.20 42.44
N ALA B 42 -38.61 1.99 42.20
CA ALA B 42 -38.25 1.23 40.99
C ALA B 42 -39.20 1.47 39.85
N GLU B 43 -38.71 1.40 38.62
CA GLU B 43 -39.54 1.53 37.41
C GLU B 43 -39.08 0.52 36.37
N ALA B 44 -39.99 0.08 35.54
CA ALA B 44 -39.65 -0.86 34.47
C ALA B 44 -39.02 -0.14 33.34
N PHE B 45 -38.03 -0.76 32.71
CA PHE B 45 -37.37 -0.23 31.52
C PHE B 45 -37.17 -1.39 30.56
N ASP B 46 -37.91 -1.39 29.47
CA ASP B 46 -37.76 -2.42 28.43
C ASP B 46 -36.97 -1.84 27.26
N PRO B 47 -35.69 -2.24 27.07
CA PRO B 47 -34.90 -1.60 26.04
C PRO B 47 -35.34 -1.85 24.62
N GLN B 48 -36.24 -2.80 24.41
CA GLN B 48 -36.85 -2.99 23.08
C GLN B 48 -37.94 -1.95 22.79
N ASP B 49 -38.58 -1.42 23.84
CA ASP B 49 -39.63 -0.38 23.71
C ASP B 49 -39.16 1.05 24.03
N ARG B 50 -38.09 1.20 24.82
CA ARG B 50 -37.56 2.49 25.23
C ARG B 50 -36.10 2.58 24.83
N SER B 51 -35.72 3.64 24.13
CA SER B 51 -34.32 3.83 23.78
C SER B 51 -33.47 3.88 25.04
N VAL B 52 -32.34 3.18 25.02
CA VAL B 52 -31.38 3.18 26.15
C VAL B 52 -30.89 4.56 26.54
N THR B 53 -31.01 5.53 25.62
CA THR B 53 -30.67 6.94 25.89
C THR B 53 -31.37 7.50 27.14
N GLU B 54 -32.61 7.10 27.36
CA GLU B 54 -33.38 7.54 28.51
C GLU B 54 -32.90 6.95 29.86
N LEU B 55 -32.00 5.97 29.83
CA LEU B 55 -31.40 5.45 31.08
C LEU B 55 -30.75 6.52 31.91
N VAL B 56 -30.34 7.59 31.25
CA VAL B 56 -29.69 8.72 31.91
C VAL B 56 -30.56 9.35 33.02
N ASN B 57 -31.89 9.22 32.91
CA ASN B 57 -32.83 9.59 33.98
C ASN B 57 -32.79 8.78 35.29
N TYR B 58 -31.94 7.75 35.40
CA TYR B 58 -31.97 6.85 36.58
C TYR B 58 -30.66 6.86 37.28
N ASP B 59 -30.69 6.62 38.59
CA ASP B 59 -29.51 6.59 39.44
C ASP B 59 -28.82 5.23 39.50
N ARG B 60 -29.54 4.15 39.19
CA ARG B 60 -28.95 2.80 39.15
C ARG B 60 -29.84 1.86 38.37
N ALA B 61 -29.33 0.65 38.10
CA ALA B 61 -30.02 -0.30 37.25
C ALA B 61 -29.95 -1.70 37.83
N PHE B 62 -31.12 -2.35 37.91
CA PHE B 62 -31.21 -3.75 38.26
C PHE B 62 -31.38 -4.46 36.93
N ILE B 63 -30.37 -5.24 36.52
CA ILE B 63 -30.39 -5.93 35.23
C ILE B 63 -31.02 -7.27 35.44
N VAL B 64 -32.11 -7.50 34.73
CA VAL B 64 -32.71 -8.80 34.69
C VAL B 64 -33.14 -9.13 33.22
N LEU B 65 -32.24 -8.77 32.29
CA LEU B 65 -32.32 -9.16 30.88
C LEU B 65 -31.58 -10.47 30.64
N HIS B 66 -32.19 -11.43 29.99
CA HIS B 66 -31.59 -12.73 29.79
C HIS B 66 -31.19 -12.83 28.34
N GLY B 67 -30.06 -13.48 28.09
CA GLY B 67 -29.58 -13.73 26.72
C GLY B 67 -28.85 -12.59 26.05
N ARG B 68 -28.99 -12.53 24.72
CA ARG B 68 -28.35 -11.51 23.90
C ARG B 68 -28.78 -10.09 24.33
N GLY B 69 -27.80 -9.22 24.49
CA GLY B 69 -28.01 -7.92 25.10
C GLY B 69 -27.84 -7.87 26.62
N GLY B 70 -28.30 -8.89 27.33
CA GLY B 70 -28.35 -8.84 28.78
C GLY B 70 -27.27 -9.59 29.48
N GLU B 71 -27.06 -10.84 29.05
CA GLU B 71 -26.12 -11.79 29.71
C GLU B 71 -24.70 -11.68 29.10
N ASP B 72 -24.50 -10.82 28.09
CA ASP B 72 -23.31 -10.87 27.22
C ASP B 72 -22.41 -9.62 27.14
N GLY B 73 -22.63 -8.66 28.03
CA GLY B 73 -21.77 -7.45 28.05
C GLY B 73 -22.28 -6.17 27.36
N GLN B 74 -23.22 -6.30 26.43
CA GLN B 74 -23.76 -5.13 25.70
C GLN B 74 -24.40 -4.06 26.58
N ILE B 75 -25.46 -4.39 27.31
CA ILE B 75 -26.12 -3.41 28.18
C ILE B 75 -25.16 -2.93 29.25
N GLN B 76 -24.23 -3.78 29.68
CA GLN B 76 -23.24 -3.41 30.71
C GLN B 76 -22.33 -2.33 30.15
N GLY B 77 -22.00 -2.48 28.87
CA GLY B 77 -21.33 -1.45 28.13
C GLY B 77 -22.02 -0.10 28.26
N VAL B 78 -23.32 -0.02 27.89
CA VAL B 78 -24.00 1.28 27.83
C VAL B 78 -24.05 1.88 29.21
N LEU B 79 -24.24 1.05 30.23
CA LEU B 79 -24.31 1.56 31.58
C LEU B 79 -22.97 2.14 32.01
N GLU B 80 -21.87 1.53 31.59
CA GLU B 80 -20.53 2.04 31.94
C GLU B 80 -20.34 3.41 31.33
N TRP B 81 -20.72 3.53 30.06
CA TRP B 81 -20.64 4.83 29.40
C TRP B 81 -21.56 5.90 29.93
N LEU B 82 -22.68 5.53 30.57
CA LEU B 82 -23.57 6.53 31.16
C LEU B 82 -23.28 6.73 32.63
N ASN B 83 -22.26 6.07 33.17
CA ASN B 83 -21.85 6.24 34.56
C ASN B 83 -22.97 5.88 35.58
N ILE B 84 -23.74 4.83 35.25
CA ILE B 84 -24.87 4.34 36.06
C ILE B 84 -24.48 2.99 36.69
N PRO B 85 -24.33 2.92 38.02
CA PRO B 85 -23.99 1.61 38.61
C PRO B 85 -25.08 0.58 38.41
N TYR B 86 -24.72 -0.70 38.43
CA TYR B 86 -25.63 -1.76 38.04
C TYR B 86 -25.33 -3.12 38.66
N THR B 87 -26.29 -4.03 38.59
CA THR B 87 -26.18 -5.29 39.32
C THR B 87 -25.36 -6.29 38.57
N GLY B 88 -24.73 -7.18 39.34
CA GLY B 88 -24.09 -8.34 38.76
C GLY B 88 -22.75 -8.04 38.07
N THR B 89 -22.53 -8.74 36.98
CA THR B 89 -21.22 -8.92 36.43
C THR B 89 -20.97 -7.84 35.39
N GLY B 90 -19.74 -7.31 35.38
CA GLY B 90 -19.36 -6.29 34.41
C GLY B 90 -19.22 -6.81 32.99
N VAL B 91 -18.57 -6.01 32.12
CA VAL B 91 -18.58 -6.31 30.67
C VAL B 91 -17.78 -7.56 30.33
N GLN B 92 -16.63 -7.70 30.98
CA GLN B 92 -15.74 -8.82 30.73
C GLN B 92 -16.38 -10.16 31.09
N GLY B 93 -16.75 -10.31 32.36
CA GLY B 93 -17.35 -11.57 32.85
C GLY B 93 -18.63 -11.96 32.12
N SER B 94 -19.43 -10.98 31.76
CA SER B 94 -20.63 -11.22 31.01
C SER B 94 -20.32 -11.76 29.63
N ALA B 95 -19.43 -11.09 28.92
CA ALA B 95 -19.09 -11.44 27.53
C ALA B 95 -18.47 -12.83 27.40
N ILE B 96 -17.62 -13.17 28.37
CA ILE B 96 -17.06 -14.51 28.50
C ILE B 96 -18.14 -15.51 28.85
N GLY B 97 -18.81 -15.28 29.98
CA GLY B 97 -19.82 -16.19 30.53
C GLY B 97 -20.83 -16.75 29.54
N MET B 98 -21.24 -15.94 28.58
CA MET B 98 -22.20 -16.34 27.57
C MET B 98 -21.53 -17.01 26.39
N ASP B 99 -20.25 -17.36 26.52
CA ASP B 99 -19.55 -18.14 25.50
C ASP B 99 -18.97 -19.35 26.19
N LYS B 100 -19.36 -20.55 25.74
CA LYS B 100 -18.98 -21.77 26.44
C LYS B 100 -17.51 -22.04 26.19
N VAL B 101 -17.09 -21.97 24.91
CA VAL B 101 -15.70 -22.25 24.55
C VAL B 101 -14.78 -21.32 25.35
N LYS B 102 -15.14 -20.04 25.42
CA LYS B 102 -14.36 -19.07 26.17
C LYS B 102 -14.40 -19.34 27.67
N THR B 103 -15.56 -19.76 28.17
CA THR B 103 -15.68 -20.08 29.58
C THR B 103 -14.82 -21.28 29.91
N LYS B 104 -14.79 -22.25 29.00
CA LYS B 104 -13.97 -23.45 29.17
C LYS B 104 -12.50 -23.13 29.08
N GLN B 105 -12.11 -22.41 28.03
CA GLN B 105 -10.72 -21.93 27.90
C GLN B 105 -10.23 -21.32 29.18
N ILE B 106 -10.98 -20.39 29.77
CA ILE B 106 -10.42 -19.68 30.93
C ILE B 106 -10.45 -20.54 32.18
N TRP B 107 -11.32 -21.56 32.17
CA TRP B 107 -11.33 -22.57 33.23
C TRP B 107 -10.13 -23.54 33.13
N GLN B 108 -9.92 -24.14 31.95
CA GLN B 108 -8.68 -24.94 31.68
C GLN B 108 -7.46 -24.12 32.13
N GLY B 109 -7.37 -22.89 31.64
CA GLY B 109 -6.32 -21.94 32.05
C GLY B 109 -6.20 -21.58 33.52
N SER B 110 -7.15 -22.01 34.36
CA SER B 110 -7.06 -21.81 35.82
C SER B 110 -6.97 -23.14 36.58
N ASP B 111 -6.60 -24.21 35.87
CA ASP B 111 -6.50 -25.59 36.42
C ASP B 111 -7.80 -26.04 37.08
N LEU B 112 -8.87 -25.87 36.33
CA LEU B 112 -10.19 -26.23 36.75
C LEU B 112 -10.80 -27.27 35.79
N PRO B 113 -11.53 -28.26 36.36
CA PRO B 113 -12.04 -29.38 35.58
C PRO B 113 -13.23 -29.09 34.70
N THR B 114 -13.17 -29.54 33.46
CA THR B 114 -14.28 -29.35 32.52
C THR B 114 -14.11 -30.31 31.34
N ALA B 115 -15.23 -30.75 30.78
CA ALA B 115 -15.20 -31.71 29.70
C ALA B 115 -14.29 -31.20 28.60
N PRO B 116 -13.44 -32.08 28.03
CA PRO B 116 -12.86 -31.84 26.72
C PRO B 116 -13.90 -31.50 25.64
N TYR B 117 -13.43 -30.83 24.61
CA TYR B 117 -14.29 -30.27 23.57
C TYR B 117 -13.46 -29.94 22.31
N ARG B 118 -14.11 -29.76 21.16
CA ARG B 118 -13.45 -29.33 19.92
C ARG B 118 -14.34 -28.39 19.16
N ILE B 119 -13.82 -27.22 18.83
CA ILE B 119 -14.63 -26.21 18.17
C ILE B 119 -14.80 -26.68 16.74
N ILE B 120 -16.03 -26.93 16.30
CA ILE B 120 -16.27 -27.46 14.96
C ILE B 120 -16.29 -26.30 13.96
N THR B 121 -15.11 -26.08 13.39
CA THR B 121 -15.05 -25.58 12.03
C THR B 121 -15.73 -26.71 11.27
N LYS B 122 -16.83 -26.46 10.56
CA LYS B 122 -17.61 -27.57 9.98
C LYS B 122 -16.88 -27.98 8.69
N GLU B 123 -15.84 -28.81 8.88
CA GLU B 123 -14.74 -29.09 7.92
C GLU B 123 -13.46 -29.74 8.51
N THR B 124 -13.16 -29.54 9.80
CA THR B 124 -12.05 -30.20 10.50
C THR B 124 -12.35 -31.68 10.42
N ASP B 125 -11.31 -32.50 10.30
CA ASP B 125 -11.52 -33.92 10.04
C ASP B 125 -12.24 -34.49 11.28
N LEU B 126 -13.34 -35.20 11.04
CA LEU B 126 -14.22 -35.70 12.10
C LEU B 126 -13.57 -36.87 12.81
N ASP B 127 -12.72 -37.62 12.11
CA ASP B 127 -12.02 -38.77 12.69
C ASP B 127 -11.10 -38.43 13.88
N SER B 128 -10.34 -37.35 13.74
CA SER B 128 -9.45 -36.85 14.80
C SER B 128 -10.25 -36.35 16.02
N VAL B 129 -11.49 -35.91 15.77
CA VAL B 129 -12.39 -35.41 16.81
C VAL B 129 -13.03 -36.58 17.58
N ILE B 130 -13.53 -37.60 16.88
CA ILE B 130 -14.03 -38.82 17.57
C ILE B 130 -12.90 -39.62 18.23
N ALA B 131 -11.66 -39.44 17.77
CA ALA B 131 -10.49 -40.02 18.42
C ALA B 131 -10.15 -39.32 19.74
N GLU B 132 -10.22 -37.99 19.77
CA GLU B 132 -9.93 -37.21 21.00
C GLU B 132 -10.96 -37.42 22.10
N LEU B 133 -12.24 -37.39 21.73
CA LEU B 133 -13.33 -37.25 22.69
C LEU B 133 -14.03 -38.56 23.04
N GLY B 134 -14.05 -39.49 22.09
CA GLY B 134 -14.79 -40.74 22.22
C GLY B 134 -16.25 -40.53 21.90
N LEU B 135 -16.97 -41.61 21.67
CA LEU B 135 -18.42 -41.54 21.43
C LEU B 135 -19.11 -42.07 22.71
N PRO B 136 -20.37 -41.67 22.99
CA PRO B 136 -21.10 -40.62 22.25
C PRO B 136 -20.54 -39.21 22.51
N VAL B 137 -20.90 -38.28 21.63
CA VAL B 137 -20.47 -36.89 21.75
C VAL B 137 -21.67 -35.93 21.75
N ILE B 138 -21.63 -34.89 22.60
CA ILE B 138 -22.62 -33.80 22.54
C ILE B 138 -22.12 -32.73 21.58
N ILE B 139 -22.89 -32.44 20.54
CA ILE B 139 -22.70 -31.21 19.78
C ILE B 139 -23.77 -30.23 20.28
N LYS B 140 -23.41 -28.95 20.41
CA LYS B 140 -24.32 -27.90 20.89
C LYS B 140 -23.94 -26.53 20.34
N PRO B 141 -24.93 -25.61 20.14
CA PRO B 141 -24.57 -24.22 19.80
C PRO B 141 -23.77 -23.52 20.93
N VAL B 142 -22.86 -22.62 20.56
CA VAL B 142 -21.87 -22.07 21.52
C VAL B 142 -22.43 -21.01 22.45
N HIS B 143 -22.97 -19.92 21.93
CA HIS B 143 -23.38 -18.80 22.80
C HIS B 143 -24.74 -19.01 23.50
N GLU B 144 -25.75 -19.49 22.76
CA GLU B 144 -27.14 -19.60 23.26
C GLU B 144 -27.57 -20.98 23.81
N GLY B 145 -27.06 -21.33 25.00
CA GLY B 145 -27.46 -22.56 25.70
C GLY B 145 -28.34 -22.32 26.89
N ALA B 171 -25.12 -20.43 14.69
CA ALA B 171 -24.24 -20.46 13.49
C ALA B 171 -22.86 -21.01 13.83
N VAL B 172 -22.32 -20.60 14.99
CA VAL B 172 -21.07 -21.16 15.52
C VAL B 172 -21.51 -22.36 16.35
N VAL B 173 -20.83 -23.51 16.17
CA VAL B 173 -21.13 -24.76 16.91
C VAL B 173 -19.89 -25.53 17.42
N MET B 174 -20.09 -26.23 18.53
CA MET B 174 -19.04 -26.99 19.24
C MET B 174 -19.34 -28.49 19.40
N ALA B 175 -18.33 -29.31 19.77
CA ALA B 175 -18.53 -30.74 20.10
C ALA B 175 -17.88 -31.05 21.46
N GLU B 176 -18.68 -31.48 22.44
CA GLU B 176 -18.22 -31.77 23.81
C GLU B 176 -18.24 -33.26 24.15
N LYS B 177 -17.29 -33.67 24.97
CA LYS B 177 -17.22 -35.07 25.43
C LYS B 177 -18.40 -35.38 26.35
N TRP B 178 -19.17 -36.42 26.02
CA TRP B 178 -20.31 -36.89 26.86
C TRP B 178 -19.80 -37.50 28.17
N ILE B 179 -20.28 -36.98 29.29
CA ILE B 179 -20.05 -37.59 30.61
C ILE B 179 -21.42 -37.90 31.22
N THR B 180 -21.58 -39.11 31.77
CA THR B 180 -22.80 -39.52 32.46
C THR B 180 -22.65 -39.14 33.91
N GLY B 181 -23.72 -38.61 34.48
CA GLY B 181 -23.79 -38.30 35.90
C GLY B 181 -24.91 -37.35 36.22
N ARG B 182 -24.91 -36.84 37.46
CA ARG B 182 -25.99 -36.01 37.95
C ARG B 182 -25.58 -34.53 37.93
N GLU B 183 -26.40 -33.70 37.29
CA GLU B 183 -26.19 -32.24 37.26
C GLU B 183 -26.59 -31.53 38.57
N PHE B 184 -25.87 -30.46 38.90
CA PHE B 184 -26.17 -29.61 40.04
C PHE B 184 -26.08 -28.15 39.63
N THR B 185 -26.49 -27.25 40.53
CA THR B 185 -26.30 -25.82 40.32
C THR B 185 -26.08 -25.09 41.62
N ILE B 186 -25.02 -24.28 41.62
CA ILE B 186 -24.56 -23.55 42.78
C ILE B 186 -24.86 -22.09 42.45
N SER B 187 -25.71 -21.48 43.26
CA SER B 187 -26.16 -20.12 43.01
C SER B 187 -25.30 -19.25 43.88
N PHE B 188 -25.12 -17.99 43.47
CA PHE B 188 -24.24 -17.07 44.16
C PHE B 188 -24.97 -15.80 44.55
N LEU B 189 -24.64 -15.29 45.74
CA LEU B 189 -25.11 -14.02 46.21
C LEU B 189 -24.05 -13.38 47.10
N ASN B 190 -23.82 -12.08 46.89
CA ASN B 190 -22.72 -11.34 47.48
C ASN B 190 -21.37 -12.02 47.28
N GLY B 191 -21.17 -12.57 46.09
CA GLY B 191 -19.94 -13.24 45.71
C GLY B 191 -19.77 -14.66 46.21
N GLN B 192 -20.53 -15.03 47.25
CA GLN B 192 -20.40 -16.31 47.93
C GLN B 192 -21.44 -17.32 47.43
N PRO B 193 -21.10 -18.64 47.45
CA PRO B 193 -22.08 -19.63 47.00
C PRO B 193 -23.21 -19.83 48.02
N LEU B 194 -24.34 -20.31 47.52
CA LEU B 194 -25.50 -20.64 48.32
C LEU B 194 -25.70 -22.17 48.25
N PRO B 195 -26.64 -22.71 49.06
CA PRO B 195 -26.90 -24.17 49.06
C PRO B 195 -27.13 -24.77 47.68
N VAL B 196 -26.46 -25.89 47.39
CA VAL B 196 -26.56 -26.50 46.03
C VAL B 196 -27.88 -27.21 45.83
N ILE B 197 -28.31 -27.23 44.58
CA ILE B 197 -29.59 -27.77 44.14
C ILE B 197 -29.30 -28.81 43.07
N ARG B 198 -29.89 -29.98 43.20
CA ARG B 198 -29.83 -31.01 42.16
C ARG B 198 -30.79 -30.63 41.04
N LEU B 199 -30.41 -30.88 39.78
CA LEU B 199 -31.29 -30.73 38.64
C LEU B 199 -31.78 -32.10 38.17
N GLN B 200 -33.02 -32.16 37.70
CA GLN B 200 -33.62 -33.36 37.11
C GLN B 200 -33.86 -33.09 35.59
N TYR B 221 -38.59 -31.89 43.81
CA TYR B 221 -37.87 -30.74 44.35
C TYR B 221 -36.35 -30.90 44.06
N GLY B 222 -35.52 -30.06 44.70
CA GLY B 222 -34.09 -29.94 44.42
C GLY B 222 -33.12 -30.06 45.60
N ILE B 223 -33.56 -29.66 46.79
CA ILE B 223 -32.74 -29.73 48.00
C ILE B 223 -33.50 -30.57 49.06
N PRO B 224 -32.84 -31.56 49.69
CA PRO B 224 -31.39 -31.80 49.61
C PRO B 224 -30.90 -32.38 48.30
N CYS B 225 -29.64 -32.09 47.96
CA CYS B 225 -29.08 -32.42 46.65
C CYS B 225 -28.73 -33.91 46.51
N GLY B 226 -28.38 -34.53 47.63
CA GLY B 226 -27.87 -35.90 47.67
C GLY B 226 -26.35 -35.97 47.66
N LEU B 227 -25.70 -34.95 48.24
CA LEU B 227 -24.26 -34.92 48.45
C LEU B 227 -24.08 -34.93 49.93
N SER B 228 -22.97 -35.48 50.39
CA SER B 228 -22.65 -35.38 51.82
C SER B 228 -22.31 -33.92 52.14
N GLU B 229 -22.37 -33.53 53.40
CA GLU B 229 -22.10 -32.13 53.76
C GLU B 229 -20.69 -31.71 53.35
N THR B 230 -19.70 -32.60 53.45
CA THR B 230 -18.33 -32.25 53.04
C THR B 230 -18.22 -32.26 51.51
N GLU B 231 -18.80 -33.28 50.87
CA GLU B 231 -18.86 -33.31 49.42
C GLU B 231 -19.54 -32.07 48.80
N GLU B 232 -20.53 -31.55 49.50
CA GLU B 232 -21.24 -30.35 49.08
C GLU B 232 -20.32 -29.13 49.19
N LYS B 233 -19.69 -28.93 50.33
CA LYS B 233 -18.69 -27.86 50.52
C LYS B 233 -17.53 -27.91 49.52
N LYS B 234 -17.15 -29.12 49.08
CA LYS B 234 -16.13 -29.27 48.04
C LYS B 234 -16.60 -28.70 46.73
N LEU B 235 -17.84 -29.01 46.36
CA LEU B 235 -18.43 -28.47 45.13
C LEU B 235 -18.61 -26.94 45.20
N GLN B 236 -18.92 -26.42 46.39
CA GLN B 236 -19.11 -24.97 46.58
C GLN B 236 -17.79 -24.21 46.44
N ALA B 237 -16.74 -24.73 47.06
CA ALA B 237 -15.41 -24.10 47.00
C ALA B 237 -14.84 -24.14 45.59
N LEU B 238 -15.02 -25.26 44.89
CA LEU B 238 -14.64 -25.41 43.49
C LEU B 238 -15.36 -24.41 42.60
N CYS B 239 -16.67 -24.30 42.78
CA CYS B 239 -17.50 -23.38 42.00
C CYS B 239 -17.23 -21.91 42.30
N LEU B 240 -16.88 -21.58 43.55
CA LEU B 240 -16.42 -20.24 43.88
C LEU B 240 -15.18 -19.85 43.08
N ARG B 241 -14.26 -20.80 42.87
CA ARG B 241 -13.05 -20.53 42.10
C ARG B 241 -13.40 -20.29 40.63
N ALA B 242 -14.26 -21.12 40.09
CA ALA B 242 -14.75 -20.99 38.71
C ALA B 242 -15.59 -19.73 38.45
N PHE B 243 -16.21 -19.22 39.51
CA PHE B 243 -16.98 -17.97 39.46
C PHE B 243 -16.01 -16.79 39.41
N GLN B 244 -15.05 -16.81 40.33
CA GLN B 244 -13.99 -15.80 40.38
C GLN B 244 -13.07 -15.82 39.14
N ALA B 245 -12.73 -17.02 38.70
CA ALA B 245 -11.88 -17.21 37.52
C ALA B 245 -12.37 -16.45 36.31
N VAL B 246 -13.68 -16.50 36.04
CA VAL B 246 -14.29 -15.84 34.88
C VAL B 246 -14.56 -14.35 35.21
N GLY B 247 -14.39 -13.95 36.46
CA GLY B 247 -14.55 -12.56 36.85
C GLY B 247 -16.01 -12.16 36.94
N ALA B 248 -16.87 -13.09 37.34
CA ALA B 248 -18.27 -12.77 37.61
C ALA B 248 -18.32 -12.22 39.02
N GLU B 249 -19.29 -11.37 39.26
CA GLU B 249 -19.41 -10.75 40.60
C GLU B 249 -20.86 -10.47 41.00
N GLY B 250 -21.10 -10.49 42.29
CA GLY B 250 -22.40 -10.22 42.84
C GLY B 250 -23.21 -11.48 42.99
N TRP B 251 -23.84 -11.88 41.90
CA TRP B 251 -24.73 -13.00 41.92
C TRP B 251 -24.69 -13.68 40.59
N GLY B 252 -25.18 -14.91 40.57
CA GLY B 252 -25.19 -15.73 39.36
C GLY B 252 -25.33 -17.20 39.68
N ARG B 253 -25.06 -18.05 38.69
CA ARG B 253 -25.21 -19.49 38.82
C ARG B 253 -24.10 -20.21 38.09
N ILE B 254 -23.50 -21.21 38.74
CA ILE B 254 -22.61 -22.17 38.06
C ILE B 254 -23.26 -23.54 38.06
N ASP B 255 -23.37 -24.15 36.87
CA ASP B 255 -23.80 -25.54 36.71
C ASP B 255 -22.58 -26.49 36.73
N ALA B 256 -22.72 -27.62 37.42
CA ALA B 256 -21.66 -28.62 37.53
C ALA B 256 -22.21 -30.05 37.44
N MET B 257 -21.36 -30.96 37.01
CA MET B 257 -21.66 -32.40 36.83
C MET B 257 -20.98 -33.15 37.97
N GLN B 258 -21.51 -34.33 38.27
CA GLN B 258 -20.78 -35.33 39.04
C GLN B 258 -20.85 -36.67 38.27
N ASP B 259 -19.71 -37.12 37.76
CA ASP B 259 -19.64 -38.40 37.02
C ASP B 259 -19.81 -39.61 37.93
N GLU B 260 -19.95 -40.79 37.32
CA GLU B 260 -20.16 -42.06 38.05
C GLU B 260 -19.11 -42.32 39.15
N GLN B 261 -17.88 -41.81 38.98
CA GLN B 261 -16.77 -42.01 39.94
C GLN B 261 -16.67 -40.96 41.07
N GLY B 262 -17.58 -39.98 41.10
CA GLY B 262 -17.58 -38.96 42.16
C GLY B 262 -16.77 -37.70 41.84
N ASN B 263 -16.29 -37.57 40.60
CA ASN B 263 -15.48 -36.39 40.18
C ASN B 263 -16.35 -35.27 39.64
N PHE B 264 -16.04 -34.01 39.98
CA PHE B 264 -16.79 -32.85 39.47
C PHE B 264 -16.27 -32.30 38.15
N TRP B 265 -17.19 -31.80 37.35
CA TRP B 265 -16.88 -31.16 36.08
C TRP B 265 -17.73 -29.89 36.00
N LEU B 266 -17.14 -28.82 35.49
CA LEU B 266 -17.84 -27.55 35.33
C LEU B 266 -18.43 -27.51 33.93
N LEU B 267 -19.61 -26.92 33.81
CA LEU B 267 -20.41 -26.95 32.60
C LEU B 267 -20.64 -25.58 31.98
N GLU B 268 -21.19 -24.65 32.77
CA GLU B 268 -21.58 -23.33 32.29
C GLU B 268 -21.86 -22.35 33.42
N VAL B 269 -21.96 -21.08 33.03
CA VAL B 269 -22.18 -19.98 33.93
C VAL B 269 -23.35 -19.10 33.41
N ASN B 270 -24.19 -18.64 34.34
CA ASN B 270 -25.30 -17.71 34.06
C ASN B 270 -25.05 -16.50 34.94
N THR B 271 -24.86 -15.33 34.31
CA THR B 271 -24.47 -14.10 34.99
C THR B 271 -25.65 -13.19 35.32
N VAL B 272 -26.81 -13.40 34.64
CA VAL B 272 -28.13 -12.89 35.10
C VAL B 272 -29.18 -14.04 35.10
N PRO B 273 -29.31 -14.71 36.24
CA PRO B 273 -30.22 -15.80 36.38
C PRO B 273 -31.68 -15.39 36.41
N GLY B 274 -32.55 -16.38 36.21
CA GLY B 274 -34.00 -16.20 36.30
C GLY B 274 -34.43 -15.77 37.70
N MET B 275 -35.47 -14.94 37.74
CA MET B 275 -36.11 -14.51 38.98
C MET B 275 -37.62 -14.76 38.92
N THR B 276 -38.05 -15.70 38.07
CA THR B 276 -39.44 -16.16 37.99
C THR B 276 -39.73 -17.01 39.23
N SER B 277 -41.00 -17.35 39.43
CA SER B 277 -41.43 -18.10 40.64
C SER B 277 -40.82 -19.47 40.70
N HIS B 278 -40.60 -20.09 39.56
CA HIS B 278 -39.98 -21.43 39.52
C HIS B 278 -38.46 -21.44 39.36
N SER B 279 -37.82 -20.28 39.50
CA SER B 279 -36.40 -20.15 39.24
C SER B 279 -35.53 -20.57 40.42
N LEU B 280 -34.32 -21.02 40.12
CA LEU B 280 -33.48 -21.73 41.08
C LEU B 280 -32.75 -20.86 42.09
N VAL B 281 -32.43 -19.62 41.74
CA VAL B 281 -31.72 -18.75 42.68
C VAL B 281 -32.56 -18.35 43.93
N PRO B 282 -33.81 -17.93 43.73
CA PRO B 282 -34.64 -17.67 44.92
C PRO B 282 -34.81 -18.89 45.82
N LYS B 283 -34.97 -20.04 45.20
CA LYS B 283 -35.04 -21.32 45.91
C LYS B 283 -33.83 -21.51 46.82
N ALA B 284 -32.63 -21.41 46.28
CA ALA B 284 -31.42 -21.52 47.09
C ALA B 284 -31.21 -20.39 48.09
N ALA B 285 -31.62 -19.17 47.75
CA ALA B 285 -31.54 -18.05 48.71
C ALA B 285 -32.50 -18.24 49.87
N LYS B 286 -33.68 -18.81 49.59
CA LYS B 286 -34.67 -19.15 50.63
C LYS B 286 -34.11 -20.20 51.61
N ALA B 287 -33.41 -21.21 51.10
CA ALA B 287 -32.76 -22.21 51.94
C ALA B 287 -31.81 -21.65 53.01
N VAL B 288 -31.44 -20.38 52.88
CA VAL B 288 -30.52 -19.73 53.81
C VAL B 288 -31.26 -18.52 54.44
N GLY B 289 -32.59 -18.53 54.40
CA GLY B 289 -33.42 -17.50 55.04
C GLY B 289 -33.64 -16.16 54.35
N TYR B 290 -33.45 -16.09 53.03
CA TYR B 290 -33.84 -14.88 52.26
C TYR B 290 -35.24 -15.04 51.60
N SER B 291 -36.12 -14.12 51.93
CA SER B 291 -37.35 -13.95 51.20
C SER B 291 -36.99 -13.41 49.86
N PHE B 292 -37.88 -13.55 48.91
CA PHE B 292 -37.64 -12.99 47.56
C PHE B 292 -37.38 -11.52 47.59
N ASP B 293 -38.14 -10.79 48.43
CA ASP B 293 -37.95 -9.35 48.57
C ASP B 293 -36.59 -9.01 49.15
N GLU B 294 -36.15 -9.82 50.10
CA GLU B 294 -34.86 -9.62 50.74
C GLU B 294 -33.74 -9.89 49.75
N LEU B 295 -33.88 -11.00 49.02
CA LEU B 295 -32.94 -11.34 47.96
C LEU B 295 -32.83 -10.23 46.92
N CYS B 296 -33.97 -9.68 46.48
CA CYS B 296 -33.95 -8.56 45.52
C CYS B 296 -33.22 -7.32 46.03
N VAL B 297 -33.38 -6.98 47.31
CA VAL B 297 -32.66 -5.85 47.85
C VAL B 297 -31.15 -6.18 47.97
N ALA B 298 -30.83 -7.38 48.45
CA ALA B 298 -29.43 -7.83 48.55
C ALA B 298 -28.67 -7.69 47.22
N ILE B 299 -29.30 -8.11 46.14
CA ILE B 299 -28.74 -7.94 44.82
C ILE B 299 -28.57 -6.49 44.47
N LEU B 300 -29.59 -5.67 44.72
CA LEU B 300 -29.51 -4.23 44.43
C LEU B 300 -28.39 -3.53 45.22
N GLU B 301 -28.08 -4.02 46.43
CA GLU B 301 -27.05 -3.42 47.30
C GLU B 301 -25.64 -3.41 46.68
N GLN B 302 -25.38 -4.38 45.79
CA GLN B 302 -24.16 -4.37 44.95
C GLN B 302 -23.90 -3.02 44.31
N THR B 303 -24.95 -2.30 43.92
CA THR B 303 -24.80 -1.01 43.25
C THR B 303 -24.40 0.17 44.17
N LEU B 304 -24.07 -0.11 45.44
CA LEU B 304 -23.52 0.88 46.40
C LEU B 304 -22.01 0.71 46.69
N GLU B 305 -21.38 1.79 47.14
CA GLU B 305 -19.97 1.76 47.57
C GLU B 305 -19.76 0.88 48.81
N MET C 1 41.07 -43.38 -18.15
CA MET C 1 40.12 -44.51 -18.30
C MET C 1 39.51 -44.71 -19.71
N SER C 2 39.15 -43.65 -20.44
CA SER C 2 38.72 -43.80 -21.87
C SER C 2 38.97 -42.56 -22.73
N ASN C 3 39.12 -42.77 -24.04
CA ASN C 3 39.37 -41.68 -24.99
C ASN C 3 38.09 -40.93 -25.18
N ALA C 4 38.15 -39.84 -25.94
CA ALA C 4 37.02 -38.99 -26.20
C ALA C 4 36.12 -39.66 -27.40
N THR C 5 36.22 -41.02 -27.57
CA THR C 5 35.14 -42.07 -27.90
C THR C 5 33.97 -41.99 -26.87
N LYS C 6 34.29 -41.47 -25.70
CA LYS C 6 33.33 -41.14 -24.64
C LYS C 6 32.08 -40.27 -25.02
N PHE C 7 32.27 -39.23 -25.79
CA PHE C 7 31.19 -38.37 -26.32
C PHE C 7 30.56 -38.82 -27.64
N GLY C 8 31.17 -39.72 -28.37
CA GLY C 8 30.61 -40.14 -29.67
C GLY C 8 30.50 -39.01 -30.71
N LYS C 9 29.61 -39.17 -31.68
CA LYS C 9 29.45 -38.17 -32.74
C LYS C 9 28.69 -36.95 -32.23
N VAL C 10 29.40 -35.86 -31.95
CA VAL C 10 28.72 -34.62 -31.50
C VAL C 10 28.46 -33.63 -32.61
N ALA C 11 27.26 -33.06 -32.64
CA ALA C 11 26.93 -31.99 -33.57
C ALA C 11 27.11 -30.63 -32.87
N VAL C 12 27.88 -29.74 -33.49
CA VAL C 12 27.95 -28.36 -33.07
C VAL C 12 26.92 -27.56 -33.88
N LEU C 13 25.81 -27.23 -33.25
CA LEU C 13 24.73 -26.48 -33.89
C LEU C 13 25.16 -25.02 -34.00
N LEU C 14 25.20 -24.47 -35.22
CA LEU C 14 25.70 -23.12 -35.43
C LEU C 14 25.06 -22.42 -36.61
N GLY C 15 25.15 -21.10 -36.63
CA GLY C 15 24.57 -20.29 -37.71
C GLY C 15 23.10 -20.04 -37.48
N GLY C 16 22.28 -20.81 -38.18
CA GLY C 16 20.85 -20.79 -37.92
C GLY C 16 20.17 -19.69 -38.68
N LYS C 17 18.98 -19.35 -38.18
CA LYS C 17 18.04 -18.50 -38.92
C LYS C 17 18.01 -17.02 -38.48
N SER C 18 18.47 -16.73 -37.26
CA SER C 18 18.28 -15.43 -36.64
C SER C 18 19.16 -14.32 -37.22
N ALA C 19 18.93 -13.12 -36.70
CA ALA C 19 19.76 -11.96 -37.00
C ALA C 19 21.18 -12.11 -36.45
N GLU C 20 21.35 -12.87 -35.36
CA GLU C 20 22.69 -13.18 -34.83
C GLU C 20 23.44 -14.36 -35.53
N ARG C 21 23.01 -14.73 -36.74
CA ARG C 21 23.66 -15.77 -37.52
C ARG C 21 25.17 -15.64 -37.60
N ALA C 22 25.64 -14.51 -38.12
CA ALA C 22 27.09 -14.29 -38.28
C ALA C 22 27.88 -14.50 -36.98
N VAL C 23 27.39 -13.94 -35.88
CA VAL C 23 28.04 -14.16 -34.58
C VAL C 23 28.06 -15.66 -34.25
N SER C 24 26.97 -16.35 -34.56
CA SER C 24 26.83 -17.79 -34.25
C SER C 24 27.81 -18.65 -35.06
N LEU C 25 27.95 -18.35 -36.35
CA LEU C 25 28.99 -18.96 -37.19
C LEU C 25 30.38 -18.78 -36.59
N ASP C 26 30.67 -17.61 -36.07
CA ASP C 26 31.92 -17.37 -35.38
C ASP C 26 31.99 -18.22 -34.10
N SER C 27 30.98 -18.17 -33.24
CA SER C 27 30.98 -19.00 -32.01
C SER C 27 31.08 -20.52 -32.30
N GLY C 28 30.41 -20.94 -33.38
CA GLY C 28 30.41 -22.33 -33.79
C GLY C 28 31.76 -22.83 -34.23
N GLN C 29 32.37 -22.09 -35.16
CA GLN C 29 33.72 -22.37 -35.62
C GLN C 29 34.70 -22.48 -34.47
N ALA C 30 34.68 -21.53 -33.55
CA ALA C 30 35.61 -21.54 -32.44
C ALA C 30 35.46 -22.84 -31.61
N VAL C 31 34.22 -23.18 -31.30
CA VAL C 31 33.93 -24.32 -30.48
C VAL C 31 34.30 -25.60 -31.22
N LEU C 32 33.89 -25.71 -32.47
CA LEU C 32 34.21 -26.84 -33.30
C LEU C 32 35.71 -27.11 -33.36
N ASP C 33 36.52 -26.07 -33.56
CA ASP C 33 37.98 -26.20 -33.57
C ASP C 33 38.51 -26.68 -32.22
N ALA C 34 37.93 -26.16 -31.15
CA ALA C 34 38.35 -26.53 -29.79
C ALA C 34 38.01 -27.99 -29.41
N LEU C 35 36.81 -28.43 -29.78
CA LEU C 35 36.45 -29.80 -29.53
C LEU C 35 37.31 -30.76 -30.39
N LEU C 36 37.52 -30.41 -31.68
CA LEU C 36 38.35 -31.25 -32.55
C LEU C 36 39.76 -31.40 -32.01
N ARG C 37 40.31 -30.33 -31.45
CA ARG C 37 41.63 -30.40 -30.80
C ARG C 37 41.62 -31.30 -29.59
N SER C 38 40.48 -31.39 -28.91
CA SER C 38 40.35 -32.22 -27.72
C SER C 38 39.99 -33.64 -28.09
N GLY C 39 39.96 -33.94 -29.38
CA GLY C 39 39.78 -35.31 -29.83
C GLY C 39 38.35 -35.79 -29.75
N VAL C 40 37.39 -34.86 -29.64
CA VAL C 40 36.00 -35.24 -29.72
C VAL C 40 35.60 -35.22 -31.17
N GLN C 41 34.75 -36.15 -31.55
CA GLN C 41 34.37 -36.34 -32.92
C GLN C 41 33.28 -35.34 -33.29
N ALA C 42 33.63 -34.07 -33.40
CA ALA C 42 32.64 -33.00 -33.62
C ALA C 42 32.43 -32.71 -35.09
N GLU C 43 31.22 -32.30 -35.44
CA GLU C 43 30.90 -31.87 -36.82
C GLU C 43 29.97 -30.67 -36.80
N ALA C 44 30.06 -29.80 -37.81
CA ALA C 44 29.24 -28.60 -37.85
C ALA C 44 27.88 -28.98 -38.35
N PHE C 45 26.85 -28.37 -37.80
CA PHE C 45 25.49 -28.56 -38.24
C PHE C 45 24.82 -27.20 -38.28
N ASP C 46 24.54 -26.69 -39.46
CA ASP C 46 23.84 -25.41 -39.62
C ASP C 46 22.39 -25.69 -39.98
N PRO C 47 21.45 -25.46 -39.03
CA PRO C 47 20.06 -25.84 -39.33
C PRO C 47 19.37 -25.03 -40.42
N GLN C 48 19.95 -23.93 -40.86
CA GLN C 48 19.45 -23.22 -42.02
C GLN C 48 19.82 -23.91 -43.34
N ASP C 49 20.94 -24.65 -43.34
CA ASP C 49 21.40 -25.39 -44.52
C ASP C 49 21.09 -26.90 -44.52
N ARG C 50 20.91 -27.49 -43.34
CA ARG C 50 20.69 -28.93 -43.16
C ARG C 50 19.40 -29.10 -42.39
N SER C 51 18.50 -29.92 -42.92
CA SER C 51 17.26 -30.21 -42.20
C SER C 51 17.59 -30.82 -40.84
N VAL C 52 16.90 -30.35 -39.80
CA VAL C 52 17.06 -30.88 -38.43
C VAL C 52 16.80 -32.38 -38.32
N THR C 53 16.09 -32.94 -39.31
CA THR C 53 15.85 -34.39 -39.39
C THR C 53 17.16 -35.21 -39.31
N GLU C 54 18.22 -34.70 -39.93
CA GLU C 54 19.52 -35.39 -39.93
C GLU C 54 20.25 -35.37 -38.58
N LEU C 55 19.76 -34.58 -37.61
CA LEU C 55 20.30 -34.64 -36.25
C LEU C 55 20.31 -36.04 -35.65
N VAL C 56 19.37 -36.87 -36.12
CA VAL C 56 19.23 -38.24 -35.65
C VAL C 56 20.53 -39.07 -35.84
N ASN C 57 21.38 -38.68 -36.80
CA ASN C 57 22.74 -39.25 -36.95
C ASN C 57 23.76 -38.95 -35.83
N TYR C 58 23.41 -38.17 -34.80
CA TYR C 58 24.40 -37.75 -33.80
C TYR C 58 24.00 -38.22 -32.42
N ASP C 59 25.00 -38.42 -31.58
CA ASP C 59 24.81 -38.87 -30.20
C ASP C 59 24.58 -37.75 -29.20
N ARG C 60 24.99 -36.54 -29.52
CA ARG C 60 24.76 -35.35 -28.66
C ARG C 60 24.94 -34.07 -29.44
N ALA C 61 24.57 -32.95 -28.83
CA ALA C 61 24.58 -31.66 -29.51
C ALA C 61 25.15 -30.56 -28.61
N PHE C 62 26.11 -29.79 -29.15
CA PHE C 62 26.62 -28.59 -28.50
C PHE C 62 25.89 -27.45 -29.20
N ILE C 63 25.03 -26.76 -28.47
CA ILE C 63 24.21 -25.68 -29.02
C ILE C 63 24.96 -24.39 -28.86
N VAL C 64 25.22 -23.75 -29.99
CA VAL C 64 25.82 -22.43 -29.99
C VAL C 64 25.12 -21.55 -31.05
N LEU C 65 23.79 -21.72 -31.12
CA LEU C 65 22.89 -20.88 -31.90
C LEU C 65 22.42 -19.71 -31.04
N HIS C 66 22.50 -18.50 -31.56
CA HIS C 66 22.13 -17.32 -30.80
C HIS C 66 20.85 -16.80 -31.38
N GLY C 67 19.98 -16.30 -30.50
CA GLY C 67 18.71 -15.71 -30.92
C GLY C 67 17.55 -16.67 -31.23
N ARG C 68 16.67 -16.25 -32.14
CA ARG C 68 15.46 -17.03 -32.51
C ARG C 68 15.91 -18.38 -33.02
N GLY C 69 15.23 -19.42 -32.55
CA GLY C 69 15.60 -20.79 -32.81
C GLY C 69 16.58 -21.36 -31.80
N GLY C 70 17.57 -20.59 -31.34
CA GLY C 70 18.64 -21.13 -30.49
C GLY C 70 18.46 -20.86 -29.03
N GLU C 71 18.22 -19.58 -28.69
CA GLU C 71 18.22 -19.07 -27.32
C GLU C 71 16.80 -19.17 -26.73
N ASP C 72 15.81 -19.66 -27.52
CA ASP C 72 14.36 -19.51 -27.17
C ASP C 72 13.52 -20.79 -27.03
N GLY C 73 14.17 -21.97 -26.98
CA GLY C 73 13.44 -23.23 -26.77
C GLY C 73 13.16 -24.11 -27.98
N GLN C 74 13.17 -23.52 -29.18
CA GLN C 74 12.79 -24.25 -30.40
C GLN C 74 13.68 -25.44 -30.69
N ILE C 75 14.97 -25.20 -30.88
CA ILE C 75 15.90 -26.31 -31.16
C ILE C 75 15.97 -27.30 -29.99
N GLN C 76 15.77 -26.80 -28.76
CA GLN C 76 15.76 -27.66 -27.58
C GLN C 76 14.59 -28.62 -27.71
N GLY C 77 13.47 -28.10 -28.20
CA GLY C 77 12.30 -28.90 -28.49
C GLY C 77 12.67 -30.06 -29.35
N VAL C 78 13.30 -29.80 -30.49
CA VAL C 78 13.52 -30.88 -31.47
C VAL C 78 14.46 -31.90 -30.89
N LEU C 79 15.44 -31.44 -30.14
CA LEU C 79 16.40 -32.36 -29.53
C LEU C 79 15.74 -33.25 -28.48
N GLU C 80 14.77 -32.72 -27.72
CA GLU C 80 13.99 -33.55 -26.77
C GLU C 80 13.22 -34.63 -27.53
N TRP C 81 12.54 -34.26 -28.60
CA TRP C 81 11.82 -35.24 -29.41
C TRP C 81 12.68 -36.26 -30.13
N LEU C 82 13.94 -35.96 -30.38
CA LEU C 82 14.83 -36.94 -31.01
C LEU C 82 15.66 -37.72 -29.96
N ASN C 83 15.46 -37.45 -28.67
CA ASN C 83 16.21 -38.11 -27.60
C ASN C 83 17.72 -37.94 -27.65
N ILE C 84 18.15 -36.74 -28.01
CA ILE C 84 19.56 -36.38 -28.16
C ILE C 84 19.91 -35.43 -27.04
N PRO C 85 20.77 -35.85 -26.07
CA PRO C 85 21.17 -34.88 -25.02
C PRO C 85 21.95 -33.68 -25.58
N TYR C 86 21.91 -32.56 -24.85
CA TYR C 86 22.39 -31.31 -25.37
C TYR C 86 22.84 -30.32 -24.30
N THR C 87 23.58 -29.30 -24.71
CA THR C 87 24.19 -28.39 -23.77
C THR C 87 23.21 -27.35 -23.27
N GLY C 88 23.46 -26.88 -22.05
CA GLY C 88 22.80 -25.71 -21.56
C GLY C 88 21.35 -25.99 -21.17
N THR C 89 20.52 -25.00 -21.43
CA THR C 89 19.26 -24.85 -20.77
C THR C 89 18.19 -25.53 -21.59
N GLY C 90 17.27 -26.22 -20.92
CA GLY C 90 16.15 -26.87 -21.58
C GLY C 90 15.11 -25.89 -22.17
N VAL C 91 13.93 -26.42 -22.51
CA VAL C 91 12.96 -25.65 -23.29
C VAL C 91 12.39 -24.52 -22.48
N GLN C 92 12.07 -24.79 -21.22
CA GLN C 92 11.42 -23.82 -20.37
C GLN C 92 12.31 -22.61 -20.12
N GLY C 93 13.50 -22.85 -19.55
CA GLY C 93 14.44 -21.78 -19.23
C GLY C 93 14.83 -20.94 -20.45
N SER C 94 14.98 -21.59 -21.59
CA SER C 94 15.32 -20.92 -22.84
C SER C 94 14.20 -20.00 -23.26
N ALA C 95 12.99 -20.51 -23.32
CA ALA C 95 11.82 -19.75 -23.78
C ALA C 95 11.54 -18.51 -22.93
N ILE C 96 11.72 -18.67 -21.62
CA ILE C 96 11.60 -17.57 -20.67
C ILE C 96 12.75 -16.61 -20.85
N GLY C 97 13.98 -17.11 -20.73
CA GLY C 97 15.21 -16.31 -20.76
C GLY C 97 15.32 -15.30 -21.89
N MET C 98 14.79 -15.65 -23.04
CA MET C 98 14.79 -14.79 -24.19
C MET C 98 13.60 -13.82 -24.18
N ASP C 99 12.88 -13.73 -23.07
CA ASP C 99 11.83 -12.74 -22.92
C ASP C 99 12.13 -11.97 -21.62
N LYS C 100 12.31 -10.66 -21.73
CA LYS C 100 12.72 -9.85 -20.59
C LYS C 100 11.56 -9.73 -19.61
N VAL C 101 10.38 -9.38 -20.14
CA VAL C 101 9.19 -9.23 -19.28
C VAL C 101 8.95 -10.52 -18.50
N LYS C 102 9.04 -11.66 -19.18
CA LYS C 102 8.85 -12.96 -18.53
C LYS C 102 9.95 -13.27 -17.56
N THR C 103 11.17 -12.89 -17.89
CA THR C 103 12.31 -13.08 -16.98
C THR C 103 12.14 -12.24 -15.73
N LYS C 104 11.64 -11.02 -15.91
CA LYS C 104 11.39 -10.13 -14.79
C LYS C 104 10.25 -10.64 -13.94
N GLN C 105 9.11 -10.96 -14.57
CA GLN C 105 7.97 -11.56 -13.88
C GLN C 105 8.40 -12.71 -12.97
N ILE C 106 9.20 -13.65 -13.48
CA ILE C 106 9.56 -14.78 -12.64
C ILE C 106 10.59 -14.45 -11.56
N TRP C 107 11.34 -13.39 -11.80
CA TRP C 107 12.27 -12.86 -10.78
C TRP C 107 11.52 -12.13 -9.63
N GLN C 108 10.64 -11.17 -9.98
CA GLN C 108 9.72 -10.55 -8.99
C GLN C 108 9.06 -11.66 -8.16
N GLY C 109 8.44 -12.62 -8.86
CA GLY C 109 7.87 -13.82 -8.23
C GLY C 109 8.79 -14.72 -7.38
N SER C 110 10.10 -14.48 -7.37
CA SER C 110 11.03 -15.21 -6.50
C SER C 110 11.71 -14.29 -5.48
N ASP C 111 11.13 -13.11 -5.25
CA ASP C 111 11.65 -12.14 -4.28
C ASP C 111 13.06 -11.66 -4.66
N LEU C 112 13.25 -11.36 -5.96
CA LEU C 112 14.54 -10.95 -6.50
C LEU C 112 14.46 -9.56 -7.14
N PRO C 113 15.51 -8.75 -6.95
CA PRO C 113 15.47 -7.35 -7.32
C PRO C 113 15.62 -7.10 -8.80
N THR C 114 14.77 -6.24 -9.35
CA THR C 114 14.84 -5.89 -10.76
C THR C 114 14.02 -4.64 -11.01
N ALA C 115 14.49 -3.84 -11.95
CA ALA C 115 13.88 -2.55 -12.23
C ALA C 115 12.41 -2.75 -12.50
N PRO C 116 11.57 -1.89 -11.91
CA PRO C 116 10.23 -1.72 -12.41
C PRO C 116 10.16 -1.48 -13.91
N TYR C 117 9.00 -1.77 -14.48
CA TYR C 117 8.82 -1.75 -15.93
C TYR C 117 7.34 -1.71 -16.24
N ARG C 118 7.00 -1.37 -17.48
CA ARG C 118 5.62 -1.41 -17.93
C ARG C 118 5.56 -1.83 -19.36
N ILE C 119 4.78 -2.86 -19.65
CA ILE C 119 4.70 -3.41 -20.99
C ILE C 119 3.88 -2.44 -21.83
N ILE C 120 4.44 -1.97 -22.94
CA ILE C 120 3.65 -1.16 -23.85
C ILE C 120 4.01 -1.26 -25.33
N THR C 121 2.91 -1.34 -26.08
CA THR C 121 2.79 -1.42 -27.55
C THR C 121 3.49 -0.26 -28.26
N LEU C 126 -0.64 6.30 -20.92
CA LEU C 126 0.76 6.78 -20.95
C LEU C 126 1.25 7.67 -19.76
N ASP C 127 0.45 8.67 -19.38
CA ASP C 127 0.77 9.55 -18.23
C ASP C 127 0.95 8.77 -16.90
N SER C 128 0.12 7.75 -16.72
CA SER C 128 0.31 6.79 -15.61
C SER C 128 1.69 6.07 -15.57
N VAL C 129 2.29 5.83 -16.73
CA VAL C 129 3.56 5.12 -16.84
C VAL C 129 4.73 6.03 -16.43
N ILE C 130 4.73 7.27 -16.93
CA ILE C 130 5.78 8.23 -16.57
C ILE C 130 5.66 8.70 -15.09
N ALA C 131 4.44 8.63 -14.55
CA ALA C 131 4.19 8.90 -13.13
C ALA C 131 4.77 7.81 -12.23
N GLU C 132 4.61 6.55 -12.64
CA GLU C 132 5.02 5.38 -11.87
C GLU C 132 6.52 5.05 -11.92
N LEU C 133 7.17 5.24 -13.07
CA LEU C 133 8.59 4.87 -13.26
C LEU C 133 9.54 6.05 -13.07
N GLY C 134 9.07 7.26 -13.37
CA GLY C 134 9.87 8.46 -13.30
C GLY C 134 10.68 8.60 -14.57
N LEU C 135 11.24 9.78 -14.76
CA LEU C 135 12.10 10.05 -15.92
C LEU C 135 13.56 10.21 -15.41
N PRO C 136 14.57 9.91 -16.23
CA PRO C 136 14.42 9.33 -17.58
C PRO C 136 13.98 7.85 -17.55
N VAL C 137 13.48 7.36 -18.68
CA VAL C 137 13.04 5.97 -18.82
C VAL C 137 13.76 5.27 -19.99
N ILE C 138 14.14 4.00 -19.82
CA ILE C 138 14.64 3.19 -20.94
C ILE C 138 13.44 2.50 -21.61
N ILE C 139 13.23 2.74 -22.90
CA ILE C 139 12.38 1.88 -23.72
C ILE C 139 13.32 0.96 -24.51
N LYS C 140 12.96 -0.32 -24.65
CA LYS C 140 13.79 -1.32 -25.36
C LYS C 140 12.92 -2.44 -25.93
N PRO C 141 13.39 -3.10 -27.03
CA PRO C 141 12.65 -4.27 -27.54
C PRO C 141 12.68 -5.44 -26.55
N VAL C 142 11.61 -6.25 -26.52
CA VAL C 142 11.43 -7.27 -25.48
C VAL C 142 12.29 -8.53 -25.68
N HIS C 143 12.12 -9.24 -26.80
CA HIS C 143 12.78 -10.55 -26.96
C HIS C 143 14.27 -10.49 -27.32
N GLU C 144 14.63 -9.58 -28.21
CA GLU C 144 16.03 -9.48 -28.68
C GLU C 144 16.57 -8.05 -28.74
N GLY C 145 17.26 -7.61 -27.68
CA GLY C 145 17.98 -6.33 -27.70
C GLY C 145 19.46 -6.56 -27.97
N MET C 174 9.01 -2.76 -24.39
CA MET C 174 8.72 -2.43 -23.00
C MET C 174 9.31 -1.05 -22.60
N ALA C 175 8.98 -0.56 -21.41
CA ALA C 175 9.56 0.66 -20.82
C ALA C 175 10.06 0.32 -19.42
N GLU C 176 11.36 0.47 -19.20
CA GLU C 176 12.01 0.16 -17.93
C GLU C 176 12.49 1.41 -17.17
N LYS C 177 12.44 1.35 -15.83
CA LYS C 177 12.91 2.44 -14.97
C LYS C 177 14.42 2.58 -15.05
N TRP C 178 14.90 3.78 -15.38
CA TRP C 178 16.34 4.07 -15.46
C TRP C 178 16.94 4.08 -14.07
N ILE C 179 17.99 3.29 -13.89
CA ILE C 179 18.83 3.33 -12.70
C ILE C 179 20.25 3.66 -13.17
N THR C 180 20.90 4.59 -12.47
CA THR C 180 22.30 4.94 -12.71
C THR C 180 23.17 4.03 -11.88
N GLY C 181 24.24 3.53 -12.51
CA GLY C 181 25.23 2.73 -11.85
C GLY C 181 26.08 1.98 -12.83
N ARG C 182 26.86 1.03 -12.32
CA ARG C 182 27.81 0.28 -13.13
C ARG C 182 27.30 -1.16 -13.43
N GLU C 183 27.24 -1.52 -14.72
CA GLU C 183 26.85 -2.87 -15.16
C GLU C 183 27.95 -3.92 -14.94
N PHE C 184 27.52 -5.14 -14.66
CA PHE C 184 28.41 -6.30 -14.51
C PHE C 184 27.82 -7.49 -15.27
N THR C 185 28.61 -8.57 -15.37
CA THR C 185 28.10 -9.85 -15.89
C THR C 185 28.77 -11.07 -15.24
N ILE C 186 27.90 -11.98 -14.79
CA ILE C 186 28.31 -13.12 -14.01
C ILE C 186 28.05 -14.26 -14.95
N SER C 187 29.11 -14.98 -15.29
CA SER C 187 29.05 -16.05 -16.25
C SER C 187 28.95 -17.31 -15.44
N PHE C 188 28.37 -18.34 -16.03
CA PHE C 188 28.10 -19.58 -15.30
C PHE C 188 28.70 -20.74 -16.03
N LEU C 189 29.23 -21.68 -15.25
CA LEU C 189 29.71 -22.95 -15.75
C LEU C 189 29.50 -24.02 -14.69
N ASN C 190 29.03 -25.18 -15.12
CA ASN C 190 28.59 -26.27 -14.24
C ASN C 190 27.62 -25.81 -13.17
N GLY C 191 26.71 -24.91 -13.58
CA GLY C 191 25.68 -24.40 -12.69
C GLY C 191 26.13 -23.31 -11.75
N GLN C 192 27.45 -23.19 -11.54
CA GLN C 192 28.05 -22.29 -10.56
C GLN C 192 28.55 -21.01 -11.23
N PRO C 193 28.54 -19.87 -10.51
CA PRO C 193 29.03 -18.63 -11.12
C PRO C 193 30.55 -18.61 -11.22
N LEU C 194 31.04 -17.79 -12.14
CA LEU C 194 32.47 -17.58 -12.36
C LEU C 194 32.79 -16.12 -12.00
N PRO C 195 34.09 -15.75 -11.95
CA PRO C 195 34.48 -14.38 -11.63
C PRO C 195 33.74 -13.30 -12.43
N VAL C 196 33.28 -12.27 -11.71
CA VAL C 196 32.46 -11.23 -12.36
C VAL C 196 33.32 -10.29 -13.15
N ILE C 197 32.72 -9.73 -14.20
CA ILE C 197 33.36 -8.88 -15.16
C ILE C 197 32.56 -7.59 -15.21
N ARG C 198 33.24 -6.46 -15.12
CA ARG C 198 32.63 -5.14 -15.29
C ARG C 198 32.44 -4.88 -16.79
N LEU C 199 31.32 -4.26 -17.17
CA LEU C 199 31.06 -3.84 -18.56
C LEU C 199 31.13 -2.33 -18.67
N GLN C 200 31.24 -1.81 -19.91
CA GLN C 200 31.06 -0.38 -20.18
C GLN C 200 29.60 -0.20 -20.56
N TYR C 221 39.90 -3.28 -20.01
CA TYR C 221 39.63 -4.68 -19.68
C TYR C 221 38.40 -4.76 -18.73
N GLY C 222 38.16 -5.94 -18.15
CA GLY C 222 36.96 -6.26 -17.38
C GLY C 222 37.16 -6.74 -15.95
N ILE C 223 38.27 -7.43 -15.70
CA ILE C 223 38.57 -7.94 -14.35
C ILE C 223 39.95 -7.46 -13.89
N PRO C 224 40.11 -7.05 -12.62
CA PRO C 224 39.05 -7.11 -11.57
C PRO C 224 37.94 -6.09 -11.78
N CYS C 225 36.78 -6.41 -11.23
CA CYS C 225 35.52 -5.68 -11.52
C CYS C 225 35.42 -4.34 -10.79
N GLY C 226 36.08 -4.26 -9.63
CA GLY C 226 35.99 -3.11 -8.74
C GLY C 226 34.98 -3.30 -7.62
N LEU C 227 34.79 -4.55 -7.18
CA LEU C 227 33.95 -4.90 -6.04
C LEU C 227 34.89 -5.47 -5.02
N SER C 228 34.54 -5.35 -3.76
CA SER C 228 35.31 -6.03 -2.71
C SER C 228 35.05 -7.54 -2.82
N GLU C 229 35.91 -8.35 -2.22
CA GLU C 229 35.76 -9.81 -2.29
C GLU C 229 34.39 -10.26 -1.76
N THR C 230 33.92 -9.66 -0.67
CA THR C 230 32.64 -10.03 -0.09
C THR C 230 31.48 -9.47 -0.93
N GLU C 231 31.61 -8.21 -1.36
CA GLU C 231 30.63 -7.60 -2.30
C GLU C 231 30.48 -8.39 -3.60
N GLU C 232 31.59 -8.97 -4.07
CA GLU C 232 31.60 -9.82 -5.27
C GLU C 232 30.84 -11.13 -5.02
N LYS C 233 31.18 -11.84 -3.96
CA LYS C 233 30.44 -13.05 -3.53
C LYS C 233 28.94 -12.83 -3.27
N LYS C 234 28.55 -11.63 -2.83
CA LYS C 234 27.14 -11.27 -2.71
C LYS C 234 26.42 -11.21 -4.05
N LEU C 235 27.06 -10.59 -5.03
CA LEU C 235 26.52 -10.53 -6.39
C LEU C 235 26.46 -11.93 -7.04
N GLN C 236 27.44 -12.79 -6.74
CA GLN C 236 27.49 -14.14 -7.29
C GLN C 236 26.38 -15.03 -6.73
N ALA C 237 26.18 -14.98 -5.41
CA ALA C 237 25.11 -15.73 -4.74
C ALA C 237 23.71 -15.29 -5.19
N LEU C 238 23.52 -13.98 -5.34
CA LEU C 238 22.28 -13.40 -5.85
C LEU C 238 22.00 -13.87 -7.26
N CYS C 239 23.02 -13.82 -8.11
CA CYS C 239 22.88 -14.22 -9.51
C CYS C 239 22.68 -15.73 -9.69
N LEU C 240 23.29 -16.53 -8.82
CA LEU C 240 23.00 -17.96 -8.77
C LEU C 240 21.51 -18.24 -8.51
N ARG C 241 20.88 -17.45 -7.64
CA ARG C 241 19.46 -17.62 -7.35
C ARG C 241 18.63 -17.25 -8.58
N ALA C 242 18.96 -16.14 -9.22
CA ALA C 242 18.28 -15.68 -10.44
C ALA C 242 18.46 -16.60 -11.64
N PHE C 243 19.57 -17.35 -11.64
CA PHE C 243 19.90 -18.34 -12.67
C PHE C 243 19.00 -19.55 -12.44
N GLN C 244 18.97 -20.02 -11.20
CA GLN C 244 18.14 -21.16 -10.78
C GLN C 244 16.65 -20.86 -10.87
N ALA C 245 16.27 -19.65 -10.46
CA ALA C 245 14.88 -19.19 -10.50
C ALA C 245 14.24 -19.41 -11.86
N VAL C 246 14.98 -19.05 -12.90
CA VAL C 246 14.47 -19.02 -14.25
C VAL C 246 14.67 -20.44 -14.85
N GLY C 247 15.36 -21.32 -14.12
CA GLY C 247 15.52 -22.72 -14.50
C GLY C 247 16.54 -22.90 -15.62
N ALA C 248 17.56 -22.06 -15.64
CA ALA C 248 18.67 -22.20 -16.56
C ALA C 248 19.61 -23.22 -15.93
N GLU C 249 20.33 -23.93 -16.79
CA GLU C 249 21.28 -24.91 -16.28
C GLU C 249 22.52 -25.06 -17.15
N GLY C 250 23.62 -25.44 -16.53
CA GLY C 250 24.85 -25.68 -17.21
C GLY C 250 25.72 -24.46 -17.24
N TRP C 251 25.41 -23.58 -18.19
CA TRP C 251 26.21 -22.40 -18.42
C TRP C 251 25.32 -21.34 -18.96
N GLY C 252 25.82 -20.11 -18.89
CA GLY C 252 25.09 -18.93 -19.35
C GLY C 252 25.67 -17.67 -18.74
N ARG C 253 24.92 -16.59 -18.86
CA ARG C 253 25.33 -15.29 -18.34
C ARG C 253 24.15 -14.58 -17.72
N ILE C 254 24.34 -14.00 -16.54
CA ILE C 254 23.39 -13.02 -15.96
C ILE C 254 24.05 -11.65 -15.94
N ASP C 255 23.37 -10.65 -16.50
CA ASP C 255 23.76 -9.24 -16.37
C ASP C 255 23.09 -8.57 -15.15
N ALA C 256 23.85 -7.78 -14.39
CA ALA C 256 23.36 -7.09 -13.19
C ALA C 256 23.88 -5.66 -13.11
N MET C 257 23.14 -4.81 -12.41
CA MET C 257 23.46 -3.40 -12.15
C MET C 257 23.93 -3.24 -10.71
N GLN C 258 24.69 -2.18 -10.43
CA GLN C 258 24.89 -1.69 -9.07
C GLN C 258 24.61 -0.20 -9.05
N ASP C 259 23.53 0.20 -8.35
CA ASP C 259 23.15 1.63 -8.22
C ASP C 259 24.08 2.42 -7.29
N GLU C 260 23.90 3.74 -7.27
CA GLU C 260 24.75 4.66 -6.47
C GLU C 260 24.88 4.25 -4.99
N GLN C 261 23.82 3.63 -4.43
CA GLN C 261 23.79 3.22 -3.02
C GLN C 261 24.38 1.83 -2.71
N GLY C 262 24.89 1.11 -3.73
CA GLY C 262 25.49 -0.21 -3.51
C GLY C 262 24.51 -1.39 -3.65
N ASN C 263 23.27 -1.13 -4.09
CA ASN C 263 22.25 -2.19 -4.23
C ASN C 263 22.28 -2.81 -5.62
N PHE C 264 22.10 -4.13 -5.70
CA PHE C 264 22.07 -4.83 -6.99
C PHE C 264 20.69 -4.91 -7.63
N TRP C 265 20.68 -4.92 -8.95
CA TRP C 265 19.46 -5.07 -9.76
C TRP C 265 19.76 -6.03 -10.90
N LEU C 266 18.83 -6.94 -11.20
CA LEU C 266 19.02 -7.93 -12.25
C LEU C 266 18.40 -7.39 -13.52
N LEU C 267 19.02 -7.68 -14.64
CA LEU C 267 18.74 -7.04 -15.92
C LEU C 267 18.27 -8.01 -16.98
N GLU C 268 19.04 -9.07 -17.21
CA GLU C 268 18.74 -10.05 -18.27
C GLU C 268 19.56 -11.33 -18.14
N VAL C 269 19.18 -12.32 -18.93
CA VAL C 269 19.83 -13.63 -18.97
C VAL C 269 20.12 -14.03 -20.42
N ASN C 270 21.30 -14.62 -20.64
CA ASN C 270 21.69 -15.22 -21.94
C ASN C 270 21.99 -16.68 -21.70
N THR C 271 21.22 -17.56 -22.36
CA THR C 271 21.24 -19.02 -22.09
C THR C 271 22.14 -19.79 -23.05
N VAL C 272 22.47 -19.16 -24.21
CA VAL C 272 23.63 -19.58 -25.04
C VAL C 272 24.51 -18.34 -25.38
N PRO C 273 25.53 -18.10 -24.53
CA PRO C 273 26.41 -16.97 -24.69
C PRO C 273 27.39 -17.12 -25.85
N GLY C 274 27.97 -15.98 -26.26
CA GLY C 274 28.98 -15.94 -27.29
C GLY C 274 30.21 -16.74 -26.91
N MET C 275 30.80 -17.37 -27.92
CA MET C 275 32.06 -18.09 -27.79
C MET C 275 33.09 -17.59 -28.81
N THR C 276 32.92 -16.34 -29.28
CA THR C 276 33.86 -15.67 -30.16
C THR C 276 35.06 -15.26 -29.34
N SER C 277 36.13 -14.82 -30.00
CA SER C 277 37.38 -14.44 -29.35
C SER C 277 37.20 -13.29 -28.37
N HIS C 278 36.31 -12.35 -28.74
CA HIS C 278 36.02 -11.19 -27.91
C HIS C 278 34.90 -11.43 -26.85
N SER C 279 34.43 -12.66 -26.69
CA SER C 279 33.28 -12.96 -25.83
C SER C 279 33.64 -13.10 -24.33
N LEU C 280 32.67 -12.79 -23.47
CA LEU C 280 32.92 -12.63 -22.06
C LEU C 280 33.04 -13.92 -21.26
N VAL C 281 32.38 -14.98 -21.69
CA VAL C 281 32.40 -16.24 -20.89
C VAL C 281 33.78 -16.91 -20.88
N PRO C 282 34.43 -17.00 -22.06
CA PRO C 282 35.80 -17.51 -22.03
C PRO C 282 36.76 -16.67 -21.15
N LYS C 283 36.59 -15.36 -21.22
CA LYS C 283 37.33 -14.43 -20.40
C LYS C 283 37.18 -14.80 -18.92
N ALA C 284 35.96 -14.91 -18.45
CA ALA C 284 35.74 -15.30 -17.05
C ALA C 284 36.13 -16.75 -16.69
N ALA C 285 36.00 -17.68 -17.63
CA ALA C 285 36.47 -19.04 -17.40
C ALA C 285 38.01 -19.10 -17.33
N LYS C 286 38.70 -18.25 -18.12
CA LYS C 286 40.15 -18.16 -18.08
C LYS C 286 40.62 -17.66 -16.73
N ALA C 287 39.91 -16.68 -16.16
CA ALA C 287 40.22 -16.19 -14.80
C ALA C 287 40.25 -17.24 -13.70
N VAL C 288 39.72 -18.43 -13.97
CA VAL C 288 39.76 -19.56 -13.05
C VAL C 288 40.52 -20.74 -13.64
N GLY C 289 41.37 -20.45 -14.62
CA GLY C 289 42.27 -21.46 -15.19
C GLY C 289 41.76 -22.40 -16.25
N TYR C 290 40.66 -22.03 -16.92
CA TYR C 290 40.17 -22.79 -18.07
C TYR C 290 40.68 -22.18 -19.37
N SER C 291 41.37 -22.99 -20.14
CA SER C 291 41.64 -22.67 -21.55
C SER C 291 40.32 -22.76 -22.28
N PHE C 292 40.24 -22.12 -23.42
CA PHE C 292 39.04 -22.22 -24.24
C PHE C 292 38.67 -23.65 -24.57
N ASP C 293 39.67 -24.47 -24.86
CA ASP C 293 39.42 -25.90 -25.16
C ASP C 293 38.86 -26.64 -23.95
N GLU C 294 39.36 -26.31 -22.78
CA GLU C 294 38.95 -26.94 -21.52
C GLU C 294 37.54 -26.51 -21.19
N LEU C 295 37.27 -25.21 -21.35
CA LEU C 295 35.92 -24.69 -21.22
C LEU C 295 34.92 -25.38 -22.17
N CYS C 296 35.28 -25.53 -23.43
CA CYS C 296 34.41 -26.23 -24.37
C CYS C 296 34.10 -27.67 -23.94
N VAL C 297 35.07 -28.39 -23.39
CA VAL C 297 34.81 -29.78 -22.96
C VAL C 297 33.95 -29.80 -21.72
N ALA C 298 34.26 -28.93 -20.77
CA ALA C 298 33.42 -28.73 -19.58
C ALA C 298 31.92 -28.49 -19.90
N ILE C 299 31.64 -27.61 -20.86
CA ILE C 299 30.28 -27.41 -21.33
C ILE C 299 29.69 -28.68 -21.92
N LEU C 300 30.46 -29.38 -22.75
CA LEU C 300 29.98 -30.60 -23.38
C LEU C 300 29.67 -31.70 -22.37
N GLU C 301 30.40 -31.72 -21.24
CA GLU C 301 30.21 -32.74 -20.19
C GLU C 301 28.81 -32.73 -19.58
N GLN C 302 28.14 -31.58 -19.60
CA GLN C 302 26.71 -31.49 -19.24
C GLN C 302 25.86 -32.57 -19.92
N THR C 303 26.19 -32.93 -21.15
CA THR C 303 25.42 -33.94 -21.90
C THR C 303 25.62 -35.39 -21.45
N LEU C 304 26.34 -35.63 -20.35
CA LEU C 304 26.49 -36.96 -19.73
C LEU C 304 25.67 -37.15 -18.42
N GLU C 305 25.45 -38.41 -18.03
CA GLU C 305 24.88 -38.74 -16.69
C GLU C 305 25.76 -38.25 -15.52
N ALA D 4 -11.77 -26.70 -46.68
CA ALA D 4 -11.39 -28.12 -46.88
C ALA D 4 -10.31 -28.45 -47.92
N THR D 5 -10.53 -27.95 -49.12
CA THR D 5 -9.48 -27.83 -50.15
C THR D 5 -8.33 -26.84 -49.73
N LYS D 6 -8.69 -25.83 -48.94
CA LYS D 6 -7.72 -24.88 -48.35
C LYS D 6 -6.65 -25.41 -47.37
N PHE D 7 -7.02 -26.31 -46.46
CA PHE D 7 -6.11 -26.75 -45.40
C PHE D 7 -5.04 -27.75 -45.85
N GLY D 8 -5.16 -28.34 -47.03
CA GLY D 8 -4.13 -29.28 -47.51
C GLY D 8 -4.02 -30.52 -46.64
N LYS D 9 -2.86 -31.18 -46.69
CA LYS D 9 -2.61 -32.39 -45.88
C LYS D 9 -2.36 -32.06 -44.41
N VAL D 10 -3.37 -32.23 -43.55
CA VAL D 10 -3.18 -31.95 -42.11
C VAL D 10 -2.84 -33.20 -41.31
N ALA D 11 -1.86 -33.10 -40.42
CA ALA D 11 -1.52 -34.18 -39.49
C ALA D 11 -2.23 -33.92 -38.14
N VAL D 12 -2.97 -34.92 -37.65
CA VAL D 12 -3.54 -34.89 -36.31
C VAL D 12 -2.55 -35.61 -35.40
N LEU D 13 -1.80 -34.83 -34.63
CA LEU D 13 -0.78 -35.38 -33.72
C LEU D 13 -1.49 -35.96 -32.51
N LEU D 14 -1.31 -37.26 -32.25
CA LEU D 14 -2.05 -37.93 -31.17
C LEU D 14 -1.26 -39.07 -30.54
N GLY D 15 -1.67 -39.43 -29.33
CA GLY D 15 -1.02 -40.53 -28.60
C GLY D 15 0.21 -40.01 -27.89
N GLY D 16 1.36 -40.27 -28.49
CA GLY D 16 2.60 -39.72 -27.97
C GLY D 16 3.18 -40.55 -26.85
N LYS D 17 4.06 -39.91 -26.10
CA LYS D 17 4.94 -40.61 -25.16
C LYS D 17 4.49 -40.56 -23.70
N SER D 18 3.63 -39.60 -23.35
CA SER D 18 3.29 -39.33 -21.98
C SER D 18 2.37 -40.39 -21.32
N ALA D 19 2.12 -40.17 -20.03
CA ALA D 19 1.17 -40.95 -19.27
C ALA D 19 -0.25 -40.73 -19.73
N GLU D 20 -0.55 -39.56 -20.29
CA GLU D 20 -1.87 -39.29 -20.89
C GLU D 20 -2.07 -39.79 -22.33
N ARG D 21 -1.22 -40.73 -22.77
CA ARG D 21 -1.33 -41.34 -24.10
C ARG D 21 -2.72 -41.82 -24.48
N ALA D 22 -3.27 -42.73 -23.67
CA ALA D 22 -4.61 -43.26 -23.92
C ALA D 22 -5.68 -42.16 -24.09
N VAL D 23 -5.68 -41.16 -23.21
CA VAL D 23 -6.63 -40.04 -23.37
C VAL D 23 -6.38 -39.29 -24.70
N SER D 24 -5.11 -39.13 -25.07
CA SER D 24 -4.74 -38.47 -26.31
C SER D 24 -5.21 -39.24 -27.56
N LEU D 25 -5.00 -40.56 -27.58
CA LEU D 25 -5.55 -41.41 -28.64
C LEU D 25 -7.05 -41.19 -28.79
N ASP D 26 -7.75 -41.08 -27.67
CA ASP D 26 -9.19 -40.81 -27.72
C ASP D 26 -9.42 -39.41 -28.32
N SER D 27 -8.76 -38.39 -27.80
CA SER D 27 -8.92 -37.03 -28.33
C SER D 27 -8.56 -36.93 -29.80
N GLY D 28 -7.53 -37.68 -30.19
CA GLY D 28 -7.07 -37.68 -31.57
C GLY D 28 -8.09 -38.27 -32.52
N GLN D 29 -8.53 -39.48 -32.20
CA GLN D 29 -9.56 -40.19 -32.98
C GLN D 29 -10.83 -39.34 -33.18
N ALA D 30 -11.30 -38.71 -32.12
CA ALA D 30 -12.46 -37.85 -32.21
C ALA D 30 -12.25 -36.73 -33.20
N VAL D 31 -11.11 -36.07 -33.09
CA VAL D 31 -10.79 -34.90 -33.91
C VAL D 31 -10.60 -35.34 -35.36
N LEU D 32 -9.85 -36.40 -35.55
CA LEU D 32 -9.63 -36.97 -36.88
C LEU D 32 -10.92 -37.29 -37.60
N ASP D 33 -11.87 -37.94 -36.91
CA ASP D 33 -13.18 -38.26 -37.50
C ASP D 33 -13.95 -37.00 -37.85
N ALA D 34 -13.90 -36.00 -36.98
CA ALA D 34 -14.60 -34.72 -37.19
C ALA D 34 -14.04 -33.93 -38.38
N LEU D 35 -12.72 -33.90 -38.51
CA LEU D 35 -12.11 -33.21 -39.64
C LEU D 35 -12.40 -33.95 -40.95
N LEU D 36 -12.28 -35.28 -40.93
CA LEU D 36 -12.58 -36.09 -42.13
C LEU D 36 -14.04 -35.90 -42.59
N ARG D 37 -14.97 -35.77 -41.65
CA ARG D 37 -16.36 -35.43 -41.97
C ARG D 37 -16.52 -34.04 -42.57
N SER D 38 -15.67 -33.11 -42.16
CA SER D 38 -15.68 -31.75 -42.72
C SER D 38 -14.90 -31.66 -44.03
N GLY D 39 -14.43 -32.79 -44.56
CA GLY D 39 -13.76 -32.82 -45.85
C GLY D 39 -12.33 -32.31 -45.84
N VAL D 40 -11.70 -32.22 -44.67
CA VAL D 40 -10.29 -31.83 -44.60
C VAL D 40 -9.50 -33.11 -44.73
N GLN D 41 -8.38 -33.02 -45.41
CA GLN D 41 -7.56 -34.17 -45.75
C GLN D 41 -6.68 -34.52 -44.54
N ALA D 42 -7.29 -35.01 -43.46
CA ALA D 42 -6.59 -35.28 -42.19
C ALA D 42 -6.03 -36.70 -42.10
N GLU D 43 -4.90 -36.87 -41.43
CA GLU D 43 -4.28 -38.18 -41.19
C GLU D 43 -3.75 -38.24 -39.76
N ALA D 44 -3.74 -39.42 -39.19
CA ALA D 44 -3.24 -39.59 -37.84
C ALA D 44 -1.74 -39.63 -37.87
N PHE D 45 -1.11 -39.04 -36.86
CA PHE D 45 0.33 -39.10 -36.70
C PHE D 45 0.61 -39.33 -35.23
N ASP D 46 1.09 -40.51 -34.90
CA ASP D 46 1.47 -40.83 -33.52
C ASP D 46 3.00 -40.74 -33.38
N PRO D 47 3.53 -39.67 -32.73
CA PRO D 47 5.00 -39.54 -32.69
C PRO D 47 5.76 -40.61 -31.93
N GLN D 48 5.09 -41.46 -31.17
CA GLN D 48 5.73 -42.60 -30.53
C GLN D 48 5.94 -43.74 -31.54
N ASP D 49 5.11 -43.80 -32.58
CA ASP D 49 5.22 -44.84 -33.64
C ASP D 49 5.85 -44.36 -34.95
N ARG D 50 5.79 -43.05 -35.22
CA ARG D 50 6.31 -42.46 -36.46
C ARG D 50 7.32 -41.41 -36.09
N SER D 51 8.53 -41.48 -36.66
CA SER D 51 9.52 -40.43 -36.43
C SER D 51 8.96 -39.07 -36.85
N VAL D 52 9.14 -38.05 -36.00
CA VAL D 52 8.72 -36.67 -36.31
C VAL D 52 9.30 -36.13 -37.61
N THR D 53 10.40 -36.71 -38.09
CA THR D 53 11.01 -36.37 -39.39
C THR D 53 10.00 -36.38 -40.54
N GLU D 54 9.07 -37.35 -40.51
CA GLU D 54 8.05 -37.47 -41.55
C GLU D 54 6.96 -36.38 -41.50
N LEU D 55 6.93 -35.55 -40.45
CA LEU D 55 6.02 -34.41 -40.41
C LEU D 55 6.18 -33.48 -41.60
N VAL D 56 7.39 -33.49 -42.17
CA VAL D 56 7.71 -32.66 -43.32
C VAL D 56 6.76 -32.91 -44.54
N ASN D 57 6.18 -34.11 -44.61
CA ASN D 57 5.11 -34.42 -45.60
C ASN D 57 3.77 -33.70 -45.42
N TYR D 58 3.59 -32.85 -44.41
CA TYR D 58 2.26 -32.27 -44.12
C TYR D 58 2.33 -30.77 -44.18
N ASP D 59 1.20 -30.15 -44.52
CA ASP D 59 1.07 -28.70 -44.64
C ASP D 59 0.69 -28.01 -43.34
N ARG D 60 0.12 -28.74 -42.39
CA ARG D 60 -0.19 -28.16 -41.06
C ARG D 60 -0.44 -29.28 -40.04
N ALA D 61 -0.57 -28.92 -38.77
CA ALA D 61 -0.68 -29.88 -37.69
C ALA D 61 -1.72 -29.47 -36.68
N PHE D 62 -2.61 -30.40 -36.36
CA PHE D 62 -3.57 -30.23 -35.30
C PHE D 62 -2.99 -31.00 -34.14
N ILE D 63 -2.59 -30.29 -33.08
CA ILE D 63 -1.95 -30.90 -31.93
C ILE D 63 -3.02 -31.27 -30.94
N VAL D 64 -3.08 -32.57 -30.63
CA VAL D 64 -3.94 -33.04 -29.57
C VAL D 64 -3.18 -34.11 -28.75
N LEU D 65 -1.89 -33.81 -28.51
CA LEU D 65 -1.04 -34.55 -27.58
C LEU D 65 -1.16 -33.94 -26.18
N HIS D 66 -1.39 -34.77 -25.17
CA HIS D 66 -1.56 -34.29 -23.81
C HIS D 66 -0.32 -34.66 -23.03
N GLY D 67 0.09 -33.78 -22.13
CA GLY D 67 1.25 -34.02 -21.27
C GLY D 67 2.62 -33.79 -21.88
N ARG D 68 3.59 -34.54 -21.38
CA ARG D 68 4.98 -34.44 -21.79
C ARG D 68 5.10 -34.65 -23.32
N GLY D 69 5.83 -33.75 -23.97
CA GLY D 69 5.90 -33.72 -25.42
C GLY D 69 4.85 -32.83 -26.06
N GLY D 70 3.63 -32.85 -25.56
CA GLY D 70 2.53 -32.16 -26.24
C GLY D 70 2.16 -30.82 -25.65
N GLU D 71 1.98 -30.81 -24.34
CA GLU D 71 1.46 -29.65 -23.59
C GLU D 71 2.63 -28.74 -23.14
N ASP D 72 3.89 -29.11 -23.43
CA ASP D 72 5.09 -28.50 -22.78
C ASP D 72 6.14 -27.83 -23.71
N GLY D 73 5.82 -27.62 -24.98
CA GLY D 73 6.72 -26.90 -25.89
C GLY D 73 7.56 -27.75 -26.83
N GLN D 74 7.77 -29.02 -26.50
CA GLN D 74 8.65 -29.88 -27.31
C GLN D 74 8.18 -30.05 -28.77
N ILE D 75 6.98 -30.59 -28.98
CA ILE D 75 6.50 -30.79 -30.34
C ILE D 75 6.33 -29.45 -31.06
N GLN D 76 6.04 -28.40 -30.31
CA GLN D 76 5.91 -27.04 -30.90
C GLN D 76 7.25 -26.61 -31.45
N GLY D 77 8.31 -26.94 -30.71
CA GLY D 77 9.67 -26.74 -31.16
C GLY D 77 9.86 -27.33 -32.53
N VAL D 78 9.58 -28.64 -32.66
CA VAL D 78 9.92 -29.33 -33.93
C VAL D 78 9.12 -28.73 -35.08
N LEU D 79 7.87 -28.35 -34.80
CA LEU D 79 7.04 -27.78 -35.84
C LEU D 79 7.55 -26.41 -36.28
N GLU D 80 8.09 -25.62 -35.34
CA GLU D 80 8.71 -24.32 -35.70
C GLU D 80 9.90 -24.56 -36.62
N TRP D 81 10.76 -25.49 -36.25
CA TRP D 81 11.91 -25.82 -37.10
C TRP D 81 11.59 -26.45 -38.45
N LEU D 82 10.43 -27.06 -38.61
CA LEU D 82 10.02 -27.59 -39.91
C LEU D 82 9.10 -26.63 -40.69
N ASN D 83 8.83 -25.45 -40.14
CA ASN D 83 8.00 -24.42 -40.79
C ASN D 83 6.59 -24.86 -41.11
N ILE D 84 6.02 -25.63 -40.18
CA ILE D 84 4.68 -26.22 -40.31
C ILE D 84 3.76 -25.52 -39.31
N PRO D 85 2.76 -24.73 -39.77
CA PRO D 85 1.89 -24.04 -38.80
C PRO D 85 1.07 -25.05 -38.03
N TYR D 86 0.61 -24.65 -36.86
CA TYR D 86 0.00 -25.59 -35.94
C TYR D 86 -0.95 -24.96 -34.94
N THR D 87 -1.75 -25.79 -34.28
CA THR D 87 -2.82 -25.28 -33.44
C THR D 87 -2.35 -24.88 -32.07
N GLY D 88 -3.05 -23.92 -31.49
CA GLY D 88 -2.87 -23.59 -30.09
C GLY D 88 -1.60 -22.79 -29.80
N THR D 89 -1.01 -23.10 -28.67
CA THR D 89 -0.05 -22.25 -28.02
C THR D 89 1.35 -22.59 -28.48
N GLY D 90 2.17 -21.56 -28.72
CA GLY D 90 3.56 -21.73 -29.13
C GLY D 90 4.47 -22.28 -28.03
N VAL D 91 5.79 -22.18 -28.23
CA VAL D 91 6.73 -22.88 -27.36
C VAL D 91 6.74 -22.32 -25.95
N GLN D 92 6.71 -21.00 -25.87
CA GLN D 92 6.83 -20.30 -24.59
C GLN D 92 5.64 -20.62 -23.68
N GLY D 93 4.44 -20.31 -24.16
CA GLY D 93 3.21 -20.51 -23.40
C GLY D 93 3.01 -21.95 -22.98
N SER D 94 3.36 -22.87 -23.87
CA SER D 94 3.27 -24.29 -23.57
C SER D 94 4.21 -24.69 -22.46
N ALA D 95 5.47 -24.32 -22.58
CA ALA D 95 6.50 -24.67 -21.59
C ALA D 95 6.21 -24.16 -20.18
N ILE D 96 5.68 -22.94 -20.11
CA ILE D 96 5.26 -22.32 -18.88
C ILE D 96 4.02 -23.03 -18.38
N GLY D 97 2.96 -23.05 -19.20
CA GLY D 97 1.63 -23.58 -18.85
C GLY D 97 1.63 -24.93 -18.17
N MET D 98 2.54 -25.80 -18.57
CA MET D 98 2.69 -27.10 -17.98
C MET D 98 3.52 -27.11 -16.70
N ASP D 99 3.84 -25.93 -16.17
CA ASP D 99 4.55 -25.85 -14.92
C ASP D 99 3.71 -24.92 -14.06
N LYS D 100 3.25 -25.44 -12.92
CA LYS D 100 2.33 -24.67 -12.09
C LYS D 100 3.08 -23.56 -11.39
N VAL D 101 4.24 -23.89 -10.78
CA VAL D 101 5.04 -22.87 -10.08
C VAL D 101 5.38 -21.70 -11.01
N LYS D 102 5.79 -22.02 -12.23
CA LYS D 102 6.07 -21.01 -13.25
C LYS D 102 4.81 -20.26 -13.67
N THR D 103 3.69 -20.96 -13.78
CA THR D 103 2.44 -20.31 -14.17
C THR D 103 2.01 -19.34 -13.08
N LYS D 104 2.22 -19.75 -11.83
CA LYS D 104 1.89 -18.90 -10.69
C LYS D 104 2.81 -17.71 -10.63
N GLN D 105 4.13 -17.96 -10.69
CA GLN D 105 5.12 -16.88 -10.75
C GLN D 105 4.70 -15.83 -11.77
N ILE D 106 4.37 -16.22 -13.00
CA ILE D 106 4.09 -15.19 -14.00
C ILE D 106 2.73 -14.50 -13.78
N TRP D 107 1.84 -15.19 -13.08
CA TRP D 107 0.56 -14.61 -12.68
C TRP D 107 0.73 -13.59 -11.54
N GLN D 108 1.40 -13.97 -10.45
CA GLN D 108 1.82 -13.02 -9.39
C GLN D 108 2.45 -11.77 -10.05
N GLY D 109 3.46 -12.01 -10.89
CA GLY D 109 4.09 -10.96 -11.67
C GLY D 109 3.22 -10.13 -12.62
N SER D 110 1.95 -10.50 -12.82
CA SER D 110 1.01 -9.71 -13.64
C SER D 110 -0.15 -9.17 -12.80
N ASP D 111 0.03 -9.14 -11.48
CA ASP D 111 -0.95 -8.56 -10.56
C ASP D 111 -2.28 -9.41 -10.46
N LEU D 112 -2.14 -10.73 -10.63
CA LEU D 112 -3.27 -11.65 -10.77
C LEU D 112 -3.32 -12.63 -9.59
N PRO D 113 -4.55 -12.96 -9.14
CA PRO D 113 -4.75 -13.65 -7.86
C PRO D 113 -4.51 -15.13 -7.95
N THR D 114 -3.78 -15.68 -6.97
CA THR D 114 -3.51 -17.12 -6.97
C THR D 114 -2.99 -17.57 -5.62
N ALA D 115 -3.35 -18.79 -5.25
CA ALA D 115 -3.05 -19.31 -3.93
C ALA D 115 -1.57 -19.20 -3.70
N PRO D 116 -1.18 -18.76 -2.50
CA PRO D 116 0.17 -19.02 -2.01
C PRO D 116 0.60 -20.47 -2.10
N TYR D 117 1.91 -20.68 -2.12
CA TYR D 117 2.51 -22.00 -2.39
C TYR D 117 3.96 -22.06 -1.95
N ARG D 118 4.52 -23.27 -1.86
CA ARG D 118 5.97 -23.47 -1.60
C ARG D 118 6.66 -24.59 -2.43
N ILE D 119 7.92 -24.37 -2.79
CA ILE D 119 8.84 -25.43 -3.27
C ILE D 119 9.04 -26.41 -2.13
N ILE D 120 8.84 -27.70 -2.45
CA ILE D 120 9.43 -28.79 -1.64
C ILE D 120 10.85 -29.28 -2.05
N THR D 121 11.64 -29.72 -1.07
CA THR D 121 12.88 -30.52 -1.27
C THR D 121 12.99 -31.50 -0.10
N LYS D 122 14.05 -32.29 -0.11
CA LYS D 122 14.62 -32.92 1.13
C LYS D 122 15.83 -32.12 1.62
N GLU D 123 15.55 -31.13 2.46
CA GLU D 123 16.41 -29.93 2.66
C GLU D 123 15.53 -28.72 3.06
N THR D 124 14.22 -28.81 2.85
CA THR D 124 13.25 -27.80 3.28
C THR D 124 12.73 -28.03 4.70
N ASP D 125 12.46 -26.93 5.40
CA ASP D 125 11.77 -26.96 6.69
C ASP D 125 10.27 -27.24 6.43
N LEU D 126 9.74 -28.28 7.07
CA LEU D 126 8.34 -28.69 6.91
C LEU D 126 7.41 -27.79 7.75
N ASP D 127 7.89 -27.41 8.95
CA ASP D 127 7.18 -26.51 9.87
C ASP D 127 7.05 -25.06 9.33
N SER D 128 8.02 -24.58 8.54
CA SER D 128 7.98 -23.23 7.94
C SER D 128 6.89 -23.09 6.90
N VAL D 129 6.57 -24.23 6.27
CA VAL D 129 5.59 -24.28 5.20
C VAL D 129 4.18 -24.33 5.81
N ILE D 130 3.97 -25.13 6.85
CA ILE D 130 2.65 -25.12 7.54
C ILE D 130 2.39 -23.80 8.26
N ALA D 131 3.47 -23.12 8.64
CA ALA D 131 3.37 -21.78 9.25
C ALA D 131 2.93 -20.73 8.22
N GLU D 132 3.47 -20.78 7.00
CA GLU D 132 3.12 -19.81 5.92
C GLU D 132 1.72 -19.98 5.38
N LEU D 133 1.34 -21.23 5.14
CA LEU D 133 0.16 -21.55 4.33
C LEU D 133 -1.07 -21.93 5.15
N GLY D 134 -0.83 -22.47 6.35
CA GLY D 134 -1.89 -22.98 7.22
C GLY D 134 -2.25 -24.39 6.82
N LEU D 135 -2.98 -25.07 7.70
CA LEU D 135 -3.55 -26.39 7.41
C LEU D 135 -5.09 -26.25 7.21
N PRO D 136 -5.73 -27.12 6.42
CA PRO D 136 -5.08 -28.14 5.58
C PRO D 136 -4.31 -27.56 4.37
N VAL D 137 -3.42 -28.37 3.80
CA VAL D 137 -2.62 -27.98 2.65
C VAL D 137 -2.77 -29.00 1.50
N ILE D 138 -2.83 -28.51 0.25
CA ILE D 138 -2.76 -29.39 -0.92
C ILE D 138 -1.31 -29.56 -1.30
N ILE D 139 -0.81 -30.79 -1.30
CA ILE D 139 0.43 -31.10 -2.01
C ILE D 139 0.04 -31.73 -3.35
N LYS D 140 0.77 -31.39 -4.41
CA LYS D 140 0.51 -31.91 -5.76
C LYS D 140 1.80 -31.91 -6.58
N PRO D 141 1.94 -32.87 -7.53
CA PRO D 141 3.10 -32.83 -8.43
C PRO D 141 3.07 -31.58 -9.32
N VAL D 142 4.25 -31.06 -9.66
CA VAL D 142 4.33 -29.73 -10.30
C VAL D 142 3.92 -29.75 -11.76
N HIS D 143 4.57 -30.56 -12.58
CA HIS D 143 4.33 -30.47 -14.02
C HIS D 143 3.06 -31.21 -14.52
N GLU D 144 2.84 -32.43 -14.04
CA GLU D 144 1.73 -33.27 -14.50
C GLU D 144 0.50 -33.09 -13.62
N VAL D 148 -5.24 -36.38 -7.97
CA VAL D 148 -4.69 -37.50 -8.72
C VAL D 148 -3.14 -37.42 -8.80
N GLY D 149 -2.46 -38.27 -8.03
CA GLY D 149 -1.00 -38.22 -7.86
C GLY D 149 -0.65 -37.27 -6.72
N MET D 150 -1.36 -36.15 -6.65
CA MET D 150 -1.52 -35.37 -5.44
C MET D 150 -2.28 -36.12 -4.36
N SER D 151 -2.12 -35.67 -3.12
CA SER D 151 -2.91 -36.13 -1.96
C SER D 151 -3.57 -34.88 -1.31
N LYS D 152 -4.07 -35.02 -0.08
CA LYS D 152 -4.41 -33.86 0.76
C LYS D 152 -4.06 -34.15 2.23
N VAL D 153 -3.06 -33.43 2.74
CA VAL D 153 -2.60 -33.63 4.11
C VAL D 153 -3.51 -32.93 5.13
N GLU D 154 -3.69 -33.59 6.28
CA GLU D 154 -4.37 -33.00 7.45
C GLU D 154 -3.41 -32.82 8.65
N LYS D 155 -2.59 -33.84 8.92
CA LYS D 155 -1.66 -33.85 10.07
C LYS D 155 -0.21 -33.74 9.62
N ALA D 156 0.63 -33.20 10.51
CA ALA D 156 2.09 -33.13 10.30
C ALA D 156 2.78 -34.50 10.27
N GLU D 157 2.06 -35.58 10.60
CA GLU D 157 2.55 -36.93 10.38
C GLU D 157 2.33 -37.41 8.94
N ASP D 158 1.26 -36.96 8.28
CA ASP D 158 0.95 -37.38 6.89
C ASP D 158 1.71 -36.62 5.75
N PHE D 159 2.77 -35.86 6.09
CA PHE D 159 3.66 -35.27 5.07
C PHE D 159 4.57 -36.33 4.44
N ALA D 160 5.37 -37.01 5.28
CA ALA D 160 6.35 -38.04 4.83
C ALA D 160 5.82 -39.06 3.79
N ALA D 161 4.50 -39.32 3.81
CA ALA D 161 3.84 -40.21 2.85
C ALA D 161 3.05 -39.51 1.72
N ALA D 162 2.51 -38.32 1.98
CA ALA D 162 1.69 -37.60 0.96
C ALA D 162 2.51 -37.08 -0.22
N ILE D 163 3.73 -36.58 0.05
CA ILE D 163 4.69 -36.17 -0.99
C ILE D 163 5.26 -37.37 -1.76
N GLU D 164 5.38 -38.52 -1.07
CA GLU D 164 5.90 -39.76 -1.69
C GLU D 164 4.91 -40.41 -2.68
N LYS D 165 3.65 -39.97 -2.69
CA LYS D 165 2.68 -40.36 -3.72
C LYS D 165 2.99 -39.73 -5.09
N ALA D 166 3.83 -38.69 -5.11
CA ALA D 166 4.20 -38.01 -6.36
C ALA D 166 5.71 -37.96 -6.68
N THR D 167 6.58 -38.61 -5.89
CA THR D 167 8.05 -38.62 -6.21
C THR D 167 8.39 -39.41 -7.52
N GLN D 168 7.52 -40.34 -7.92
CA GLN D 168 7.66 -41.01 -9.22
C GLN D 168 7.04 -40.18 -10.36
N HIS D 169 5.91 -39.52 -10.10
CA HIS D 169 5.16 -38.78 -11.15
C HIS D 169 5.88 -37.53 -11.64
N ASP D 170 6.57 -36.86 -10.71
CA ASP D 170 7.24 -35.58 -10.95
C ASP D 170 8.39 -35.40 -9.95
N ALA D 171 9.56 -35.02 -10.46
CA ALA D 171 10.79 -34.96 -9.68
C ALA D 171 10.64 -34.04 -8.47
N VAL D 172 9.98 -32.91 -8.68
CA VAL D 172 9.75 -31.87 -7.66
C VAL D 172 8.25 -31.61 -7.45
N VAL D 173 7.85 -31.54 -6.18
CA VAL D 173 6.43 -31.45 -5.75
C VAL D 173 6.16 -30.10 -5.06
N MET D 174 4.96 -29.55 -5.17
CA MET D 174 4.74 -28.29 -4.50
C MET D 174 3.73 -28.52 -3.36
N ALA D 175 3.56 -27.50 -2.52
CA ALA D 175 2.52 -27.46 -1.47
C ALA D 175 1.73 -26.15 -1.62
N GLU D 176 0.45 -26.25 -1.91
CA GLU D 176 -0.42 -25.11 -2.14
C GLU D 176 -1.42 -24.89 -0.98
N LYS D 177 -1.73 -23.61 -0.71
CA LYS D 177 -2.69 -23.24 0.33
C LYS D 177 -4.10 -23.67 -0.05
N TRP D 178 -4.74 -24.45 0.84
CA TRP D 178 -6.12 -24.92 0.62
C TRP D 178 -7.06 -23.76 0.77
N ILE D 179 -7.89 -23.54 -0.24
CA ILE D 179 -9.00 -22.59 -0.16
C ILE D 179 -10.29 -23.39 -0.31
N THR D 180 -11.30 -23.11 0.55
CA THR D 180 -12.63 -23.71 0.44
C THR D 180 -13.42 -22.87 -0.52
N GLY D 181 -14.08 -23.55 -1.45
CA GLY D 181 -14.94 -22.88 -2.41
C GLY D 181 -15.23 -23.79 -3.59
N ARG D 182 -15.82 -23.20 -4.62
CA ARG D 182 -16.28 -23.94 -5.78
C ARG D 182 -15.35 -23.71 -7.00
N GLU D 183 -14.84 -24.80 -7.58
CA GLU D 183 -14.01 -24.74 -8.79
C GLU D 183 -14.83 -24.51 -10.07
N PHE D 184 -14.21 -23.83 -11.03
CA PHE D 184 -14.80 -23.57 -12.35
C PHE D 184 -13.75 -23.80 -13.44
N THR D 185 -14.18 -23.77 -14.70
CA THR D 185 -13.26 -23.72 -15.83
C THR D 185 -13.83 -22.89 -16.93
N ILE D 186 -12.93 -22.07 -17.47
CA ILE D 186 -13.23 -21.17 -18.55
C ILE D 186 -12.44 -21.71 -19.72
N SER D 187 -13.15 -22.09 -20.78
CA SER D 187 -12.54 -22.66 -21.95
C SER D 187 -12.38 -21.52 -22.95
N PHE D 188 -11.42 -21.67 -23.86
CA PHE D 188 -11.10 -20.60 -24.79
C PHE D 188 -11.15 -21.10 -26.20
N LEU D 189 -11.65 -20.26 -27.10
CA LEU D 189 -11.62 -20.51 -28.52
C LEU D 189 -11.48 -19.17 -29.26
N ASN D 190 -10.62 -19.16 -30.28
CA ASN D 190 -10.21 -17.94 -30.99
C ASN D 190 -9.72 -16.83 -30.05
N GLY D 191 -8.98 -17.22 -29.01
CA GLY D 191 -8.44 -16.31 -28.02
C GLY D 191 -9.41 -15.85 -26.94
N GLN D 192 -10.72 -15.98 -27.22
CA GLN D 192 -11.77 -15.43 -26.35
C GLN D 192 -12.37 -16.52 -25.45
N PRO D 193 -12.82 -16.15 -24.24
CA PRO D 193 -13.41 -17.16 -23.37
C PRO D 193 -14.79 -17.61 -23.84
N LEU D 194 -15.18 -18.81 -23.40
CA LEU D 194 -16.48 -19.41 -23.69
C LEU D 194 -17.23 -19.54 -22.37
N PRO D 195 -18.54 -19.88 -22.42
CA PRO D 195 -19.33 -20.05 -21.20
C PRO D 195 -18.69 -20.91 -20.10
N VAL D 196 -18.70 -20.41 -18.88
CA VAL D 196 -18.01 -21.12 -17.77
C VAL D 196 -18.81 -22.30 -17.27
N ILE D 197 -18.08 -23.31 -16.80
CA ILE D 197 -18.59 -24.61 -16.39
C ILE D 197 -18.14 -24.85 -14.95
N ARG D 198 -19.07 -25.22 -14.09
CA ARG D 198 -18.78 -25.59 -12.71
C ARG D 198 -18.22 -27.01 -12.69
N LEU D 199 -17.25 -27.28 -11.82
CA LEU D 199 -16.72 -28.63 -11.60
C LEU D 199 -17.38 -29.03 -10.23
N GLY D 222 -22.81 -29.28 -15.80
CA GLY D 222 -21.84 -28.23 -15.54
C GLY D 222 -22.36 -26.81 -15.75
N ILE D 223 -23.29 -26.64 -16.69
CA ILE D 223 -23.87 -25.32 -16.99
C ILE D 223 -25.40 -25.36 -16.89
N PRO D 224 -26.04 -24.35 -16.30
CA PRO D 224 -25.38 -23.12 -15.79
C PRO D 224 -24.53 -23.34 -14.54
N CYS D 225 -23.55 -22.44 -14.37
CA CYS D 225 -22.48 -22.61 -13.37
C CYS D 225 -22.94 -22.28 -11.95
N GLY D 226 -23.90 -21.38 -11.85
CA GLY D 226 -24.36 -20.84 -10.57
C GLY D 226 -23.73 -19.51 -10.22
N LEU D 227 -23.41 -18.71 -11.26
CA LEU D 227 -22.88 -17.34 -11.11
C LEU D 227 -23.92 -16.46 -11.74
N SER D 228 -24.02 -15.22 -11.27
CA SER D 228 -24.85 -14.22 -11.93
C SER D 228 -24.21 -13.85 -13.29
N GLU D 229 -25.02 -13.29 -14.21
CA GLU D 229 -24.61 -13.04 -15.58
C GLU D 229 -23.72 -11.81 -15.76
N THR D 230 -23.42 -11.07 -14.68
CA THR D 230 -22.20 -10.24 -14.58
C THR D 230 -21.02 -10.79 -13.68
N GLU D 231 -21.32 -11.51 -12.59
CA GLU D 231 -20.31 -12.30 -11.83
C GLU D 231 -19.55 -13.32 -12.75
N GLU D 232 -20.27 -13.84 -13.75
CA GLU D 232 -19.70 -14.71 -14.78
C GLU D 232 -18.74 -13.93 -15.69
N LYS D 233 -19.19 -12.81 -16.24
CA LYS D 233 -18.37 -11.91 -17.07
C LYS D 233 -17.10 -11.42 -16.35
N LYS D 234 -17.17 -11.26 -15.02
CA LYS D 234 -15.99 -10.90 -14.21
C LYS D 234 -14.94 -12.01 -14.19
N LEU D 235 -15.38 -13.25 -14.01
CA LEU D 235 -14.49 -14.40 -14.08
C LEU D 235 -13.89 -14.62 -15.49
N GLN D 236 -14.68 -14.33 -16.53
CA GLN D 236 -14.22 -14.47 -17.92
C GLN D 236 -13.15 -13.45 -18.29
N ALA D 237 -13.37 -12.19 -17.91
CA ALA D 237 -12.40 -11.11 -18.14
C ALA D 237 -11.09 -11.32 -17.39
N LEU D 238 -11.19 -11.76 -16.13
CA LEU D 238 -10.02 -12.12 -15.32
C LEU D 238 -9.21 -13.25 -15.97
N CYS D 239 -9.91 -14.30 -16.40
CA CYS D 239 -9.27 -15.46 -17.01
C CYS D 239 -8.67 -15.16 -18.37
N LEU D 240 -9.30 -14.26 -19.13
CA LEU D 240 -8.70 -13.76 -20.39
C LEU D 240 -7.34 -13.11 -20.13
N ARG D 241 -7.21 -12.37 -19.03
CA ARG D 241 -5.93 -11.74 -18.71
C ARG D 241 -4.89 -12.80 -18.35
N ALA D 242 -5.29 -13.77 -17.52
CA ALA D 242 -4.41 -14.88 -17.12
C ALA D 242 -4.00 -15.81 -18.28
N PHE D 243 -4.84 -15.85 -19.32
CA PHE D 243 -4.58 -16.59 -20.55
C PHE D 243 -3.54 -15.85 -21.39
N GLN D 244 -3.78 -14.55 -21.59
CA GLN D 244 -2.83 -13.66 -22.29
C GLN D 244 -1.52 -13.47 -21.54
N ALA D 245 -1.58 -13.35 -20.22
CA ALA D 245 -0.39 -13.20 -19.37
C ALA D 245 0.66 -14.26 -19.64
N VAL D 246 0.23 -15.53 -19.72
CA VAL D 246 1.15 -16.68 -19.90
C VAL D 246 1.46 -16.82 -21.40
N GLY D 247 0.76 -16.10 -22.27
CA GLY D 247 1.04 -16.10 -23.70
C GLY D 247 0.47 -17.31 -24.39
N ALA D 248 -0.66 -17.80 -23.89
CA ALA D 248 -1.37 -18.87 -24.56
C ALA D 248 -2.20 -18.26 -25.67
N GLU D 249 -2.45 -19.02 -26.72
CA GLU D 249 -3.23 -18.52 -27.85
C GLU D 249 -4.08 -19.58 -28.53
N GLY D 250 -5.18 -19.15 -29.13
CA GLY D 250 -6.05 -20.02 -29.90
C GLY D 250 -7.14 -20.59 -29.04
N TRP D 251 -6.79 -21.66 -28.31
CA TRP D 251 -7.74 -22.37 -27.47
C TRP D 251 -7.03 -22.97 -26.31
N GLY D 252 -7.80 -23.32 -25.31
CA GLY D 252 -7.26 -23.85 -24.05
C GLY D 252 -8.27 -23.72 -22.92
N ARG D 253 -7.80 -23.94 -21.69
CA ARG D 253 -8.63 -23.94 -20.52
C ARG D 253 -7.93 -23.31 -19.35
N ILE D 254 -8.61 -22.43 -18.63
CA ILE D 254 -8.13 -21.94 -17.33
C ILE D 254 -9.08 -22.42 -16.26
N ASP D 255 -8.54 -23.06 -15.21
CA ASP D 255 -9.28 -23.42 -14.01
C ASP D 255 -9.18 -22.32 -12.95
N ALA D 256 -10.30 -22.01 -12.29
CA ALA D 256 -10.38 -20.96 -11.27
C ALA D 256 -11.23 -21.40 -10.08
N MET D 257 -10.97 -20.79 -8.93
CA MET D 257 -11.68 -21.01 -7.66
C MET D 257 -12.57 -19.80 -7.34
N GLN D 258 -13.59 -20.03 -6.53
CA GLN D 258 -14.32 -18.94 -5.85
C GLN D 258 -14.43 -19.28 -4.37
N ASP D 259 -13.73 -18.52 -3.52
CA ASP D 259 -13.79 -18.73 -2.07
C ASP D 259 -15.13 -18.27 -1.45
N GLU D 260 -15.33 -18.61 -0.17
CA GLU D 260 -16.56 -18.28 0.57
C GLU D 260 -16.95 -16.78 0.53
N GLN D 261 -15.94 -15.90 0.45
CA GLN D 261 -16.14 -14.42 0.46
C GLN D 261 -16.39 -13.80 -0.94
N GLY D 262 -16.44 -14.61 -2.00
CA GLY D 262 -16.71 -14.10 -3.34
C GLY D 262 -15.46 -13.71 -4.15
N ASN D 263 -14.25 -13.98 -3.62
CA ASN D 263 -12.96 -13.65 -4.30
C ASN D 263 -12.45 -14.77 -5.21
N PHE D 264 -11.95 -14.40 -6.39
CA PHE D 264 -11.49 -15.40 -7.35
C PHE D 264 -10.03 -15.74 -7.15
N TRP D 265 -9.67 -16.97 -7.49
CA TRP D 265 -8.28 -17.42 -7.46
C TRP D 265 -7.99 -18.28 -8.69
N LEU D 266 -6.83 -18.10 -9.30
CA LEU D 266 -6.45 -18.86 -10.49
C LEU D 266 -5.66 -20.07 -10.03
N LEU D 267 -5.84 -21.19 -10.72
CA LEU D 267 -5.21 -22.46 -10.27
C LEU D 267 -4.32 -23.16 -11.28
N GLU D 268 -4.72 -23.24 -12.55
CA GLU D 268 -3.89 -23.86 -13.59
C GLU D 268 -4.38 -23.58 -15.00
N VAL D 269 -3.53 -23.93 -15.97
CA VAL D 269 -3.81 -23.74 -17.39
C VAL D 269 -3.54 -25.07 -18.15
N ASN D 270 -4.40 -25.37 -19.13
CA ASN D 270 -4.25 -26.49 -20.05
C ASN D 270 -4.23 -25.92 -21.46
N THR D 271 -3.12 -26.13 -22.17
CA THR D 271 -2.88 -25.49 -23.47
C THR D 271 -3.22 -26.40 -24.64
N VAL D 272 -3.34 -27.71 -24.39
CA VAL D 272 -4.06 -28.65 -25.30
C VAL D 272 -5.08 -29.50 -24.49
N PRO D 273 -6.32 -29.02 -24.42
CA PRO D 273 -7.38 -29.68 -23.66
C PRO D 273 -7.90 -30.95 -24.30
N GLY D 274 -8.60 -31.76 -23.50
CA GLY D 274 -9.23 -32.97 -23.98
C GLY D 274 -10.28 -32.69 -25.04
N MET D 275 -10.38 -33.61 -25.99
CA MET D 275 -11.41 -33.59 -27.01
C MET D 275 -12.21 -34.90 -27.05
N THR D 276 -12.23 -35.61 -25.92
CA THR D 276 -12.98 -36.85 -25.78
C THR D 276 -14.42 -36.46 -25.63
N SER D 277 -15.32 -37.45 -25.69
CA SER D 277 -16.75 -37.20 -25.59
C SER D 277 -17.15 -36.58 -24.27
N HIS D 278 -16.47 -36.95 -23.20
CA HIS D 278 -16.73 -36.43 -21.85
C HIS D 278 -15.97 -35.12 -21.52
N SER D 279 -15.28 -34.52 -22.49
CA SER D 279 -14.37 -33.40 -22.25
C SER D 279 -15.10 -32.06 -22.19
N LEU D 280 -14.54 -31.14 -21.41
CA LEU D 280 -15.23 -29.88 -21.06
C LEU D 280 -15.23 -28.78 -22.15
N VAL D 281 -14.26 -28.75 -23.05
CA VAL D 281 -14.23 -27.71 -24.08
C VAL D 281 -15.33 -27.85 -25.13
N PRO D 282 -15.55 -29.06 -25.66
CA PRO D 282 -16.70 -29.22 -26.55
C PRO D 282 -18.05 -28.89 -25.91
N LYS D 283 -18.20 -29.25 -24.64
CA LYS D 283 -19.35 -28.88 -23.87
C LYS D 283 -19.56 -27.37 -23.89
N ALA D 284 -18.57 -26.60 -23.48
CA ALA D 284 -18.69 -25.13 -23.49
C ALA D 284 -18.81 -24.51 -24.90
N ALA D 285 -18.18 -25.10 -25.91
CA ALA D 285 -18.33 -24.64 -27.30
C ALA D 285 -19.74 -24.92 -27.83
N LYS D 286 -20.33 -26.03 -27.41
CA LYS D 286 -21.73 -26.36 -27.74
C LYS D 286 -22.70 -25.34 -27.14
N ALA D 287 -22.46 -24.91 -25.90
CA ALA D 287 -23.27 -23.85 -25.26
C ALA D 287 -23.38 -22.53 -26.05
N VAL D 288 -22.53 -22.35 -27.06
CA VAL D 288 -22.49 -21.15 -27.86
C VAL D 288 -22.72 -21.57 -29.34
N GLY D 289 -23.30 -22.76 -29.55
CA GLY D 289 -23.73 -23.22 -30.87
C GLY D 289 -22.70 -23.85 -31.80
N TYR D 290 -21.59 -24.33 -31.24
CA TYR D 290 -20.62 -25.10 -32.02
C TYR D 290 -20.89 -26.60 -31.87
N SER D 291 -21.11 -27.27 -32.98
CA SER D 291 -21.00 -28.72 -33.03
C SER D 291 -19.52 -29.08 -32.85
N PHE D 292 -19.26 -30.31 -32.46
CA PHE D 292 -17.90 -30.79 -32.35
C PHE D 292 -17.12 -30.61 -33.65
N ASP D 293 -17.74 -30.92 -34.78
CA ASP D 293 -17.09 -30.78 -36.09
C ASP D 293 -16.75 -29.33 -36.41
N GLU D 294 -17.65 -28.44 -36.02
CA GLU D 294 -17.45 -27.01 -36.21
C GLU D 294 -16.33 -26.50 -35.32
N LEU D 295 -16.36 -26.92 -34.06
CA LEU D 295 -15.29 -26.58 -33.12
C LEU D 295 -13.93 -27.05 -33.64
N CYS D 296 -13.86 -28.28 -34.16
CA CYS D 296 -12.61 -28.79 -34.70
C CYS D 296 -12.08 -27.97 -35.87
N VAL D 297 -12.97 -27.49 -36.75
CA VAL D 297 -12.50 -26.66 -37.87
C VAL D 297 -12.07 -25.29 -37.36
N ALA D 298 -12.85 -24.70 -36.45
CA ALA D 298 -12.49 -23.43 -35.81
C ALA D 298 -11.08 -23.44 -35.21
N ILE D 299 -10.74 -24.50 -34.49
CA ILE D 299 -9.39 -24.67 -33.94
C ILE D 299 -8.36 -24.77 -35.06
N LEU D 300 -8.65 -25.55 -36.10
CA LEU D 300 -7.74 -25.70 -37.23
C LEU D 300 -7.49 -24.40 -37.99
N GLU D 301 -8.50 -23.51 -38.02
CA GLU D 301 -8.38 -22.21 -38.70
C GLU D 301 -7.27 -21.29 -38.16
N GLN D 302 -6.92 -21.45 -36.88
CA GLN D 302 -5.74 -20.80 -36.28
C GLN D 302 -4.50 -20.95 -37.14
N THR D 303 -4.35 -22.10 -37.81
CA THR D 303 -3.17 -22.36 -38.66
C THR D 303 -3.13 -21.61 -39.99
N LEU D 304 -4.06 -20.67 -40.22
CA LEU D 304 -4.06 -19.79 -41.41
C LEU D 304 -3.52 -18.38 -41.07
N ALA E 4 15.40 64.91 15.63
CA ALA E 4 15.51 63.53 15.05
C ALA E 4 15.78 62.43 16.17
N THR E 5 15.10 62.62 17.31
CA THR E 5 14.71 61.54 18.26
C THR E 5 13.42 60.78 17.76
N LYS E 6 12.76 61.27 16.70
CA LYS E 6 11.66 60.55 16.06
C LYS E 6 12.03 59.23 15.38
N PHE E 7 13.10 59.15 14.58
CA PHE E 7 13.37 57.96 13.75
C PHE E 7 13.91 56.77 14.56
N GLY E 8 14.32 56.99 15.81
CA GLY E 8 14.83 55.89 16.63
C GLY E 8 16.09 55.25 16.06
N LYS E 9 16.36 54.00 16.43
CA LYS E 9 17.55 53.29 15.96
C LYS E 9 17.38 52.81 14.51
N VAL E 10 17.98 53.52 13.56
CA VAL E 10 17.89 53.10 12.16
C VAL E 10 19.08 52.28 11.69
N ALA E 11 18.82 51.21 10.96
CA ALA E 11 19.87 50.39 10.36
C ALA E 11 20.06 50.81 8.90
N VAL E 12 21.31 51.11 8.52
CA VAL E 12 21.64 51.36 7.13
C VAL E 12 22.16 50.04 6.59
N LEU E 13 21.33 49.38 5.78
CA LEU E 13 21.68 48.08 5.20
C LEU E 13 22.64 48.32 4.07
N LEU E 14 23.84 47.76 4.13
CA LEU E 14 24.87 48.01 3.11
C LEU E 14 25.78 46.81 2.86
N GLY E 15 26.43 46.81 1.73
CA GLY E 15 27.36 45.75 1.37
C GLY E 15 26.61 44.59 0.76
N GLY E 16 26.39 43.58 1.58
CA GLY E 16 25.60 42.44 1.15
C GLY E 16 26.40 41.44 0.33
N LYS E 17 25.67 40.60 -0.38
CA LYS E 17 26.21 39.36 -0.97
C LYS E 17 26.53 39.45 -2.46
N SER E 18 25.95 40.44 -3.14
CA SER E 18 26.04 40.53 -4.58
C SER E 18 27.41 40.97 -5.13
N ALA E 19 27.49 40.97 -6.46
CA ALA E 19 28.66 41.49 -7.19
C ALA E 19 28.82 43.00 -7.02
N GLU E 20 27.72 43.72 -6.81
CA GLU E 20 27.77 45.17 -6.51
C GLU E 20 28.08 45.52 -5.03
N ARG E 21 28.63 44.57 -4.27
CA ARG E 21 28.99 44.80 -2.85
C ARG E 21 29.81 46.08 -2.62
N ALA E 22 30.95 46.19 -3.30
CA ALA E 22 31.83 47.35 -3.14
C ALA E 22 31.10 48.68 -3.36
N VAL E 23 30.30 48.75 -4.42
CA VAL E 23 29.52 49.96 -4.66
C VAL E 23 28.55 50.22 -3.51
N SER E 24 27.97 49.13 -2.97
CA SER E 24 27.00 49.26 -1.88
C SER E 24 27.64 49.76 -0.56
N LEU E 25 28.82 49.22 -0.23
CA LEU E 25 29.61 49.74 0.90
C LEU E 25 29.84 51.23 0.76
N ASP E 26 30.15 51.67 -0.47
CA ASP E 26 30.39 53.08 -0.72
C ASP E 26 29.04 53.86 -0.57
N SER E 27 27.96 53.39 -1.17
CA SER E 27 26.64 54.04 -0.97
C SER E 27 26.20 54.07 0.51
N GLY E 28 26.51 52.99 1.22
CA GLY E 28 26.14 52.86 2.63
C GLY E 28 26.85 53.86 3.50
N GLN E 29 28.18 53.89 3.36
CA GLN E 29 29.01 54.86 4.08
C GLN E 29 28.55 56.29 3.89
N ALA E 30 28.29 56.66 2.64
CA ALA E 30 27.83 58.02 2.34
C ALA E 30 26.55 58.35 3.07
N VAL E 31 25.58 57.42 3.01
CA VAL E 31 24.27 57.61 3.62
C VAL E 31 24.37 57.65 5.15
N LEU E 32 25.09 56.68 5.69
CA LEU E 32 25.36 56.63 7.12
C LEU E 32 25.95 57.93 7.68
N ASP E 33 26.96 58.49 7.00
CA ASP E 33 27.56 59.77 7.41
C ASP E 33 26.56 60.91 7.36
N ALA E 34 25.75 60.93 6.30
CA ALA E 34 24.73 61.95 6.13
C ALA E 34 23.64 61.89 7.21
N LEU E 35 23.19 60.69 7.56
CA LEU E 35 22.17 60.56 8.59
C LEU E 35 22.73 60.93 9.95
N LEU E 36 23.95 60.45 10.25
CA LEU E 36 24.60 60.80 11.52
C LEU E 36 24.78 62.32 11.69
N ARG E 37 25.11 63.02 10.59
CA ARG E 37 25.18 64.49 10.60
C ARG E 37 23.83 65.13 10.87
N SER E 38 22.76 64.49 10.40
CA SER E 38 21.40 64.98 10.62
C SER E 38 20.85 64.57 11.99
N GLY E 39 21.67 63.94 12.83
CA GLY E 39 21.28 63.63 14.20
C GLY E 39 20.36 62.43 14.31
N VAL E 40 20.28 61.60 13.26
CA VAL E 40 19.53 60.36 13.36
C VAL E 40 20.49 59.30 13.90
N GLN E 41 19.97 58.42 14.74
CA GLN E 41 20.75 57.41 15.44
C GLN E 41 21.02 56.21 14.51
N ALA E 42 21.83 56.40 13.48
CA ALA E 42 22.03 55.39 12.42
C ALA E 42 23.19 54.46 12.75
N GLU E 43 23.12 53.22 12.31
CA GLU E 43 24.20 52.24 12.44
C GLU E 43 24.31 51.41 11.17
N ALA E 44 25.52 50.97 10.84
CA ALA E 44 25.75 50.16 9.66
C ALA E 44 25.33 48.74 9.95
N PHE E 45 24.74 48.08 8.96
CA PHE E 45 24.36 46.69 9.06
C PHE E 45 24.72 46.02 7.75
N ASP E 46 25.73 45.16 7.75
CA ASP E 46 26.13 44.42 6.56
C ASP E 46 25.60 42.98 6.65
N PRO E 47 24.56 42.62 5.86
CA PRO E 47 23.96 41.31 6.05
C PRO E 47 24.83 40.12 5.66
N GLN E 48 25.95 40.36 4.99
CA GLN E 48 26.92 39.30 4.74
C GLN E 48 27.78 39.01 5.98
N ASP E 49 27.94 40.00 6.87
CA ASP E 49 28.70 39.84 8.12
C ASP E 49 27.84 39.66 9.37
N ARG E 50 26.60 40.15 9.35
CA ARG E 50 25.71 40.13 10.53
C ARG E 50 24.46 39.41 10.13
N SER E 51 24.07 38.39 10.90
CA SER E 51 22.83 37.67 10.60
C SER E 51 21.67 38.66 10.62
N VAL E 52 20.80 38.56 9.62
CA VAL E 52 19.58 39.40 9.55
C VAL E 52 18.70 39.30 10.78
N THR E 53 18.84 38.22 11.54
CA THR E 53 18.13 38.03 12.81
C THR E 53 18.30 39.23 13.77
N GLU E 54 19.48 39.84 13.79
CA GLU E 54 19.76 41.00 14.63
C GLU E 54 19.07 42.29 14.18
N LEU E 55 18.46 42.31 13.00
CA LEU E 55 17.64 43.45 12.56
C LEU E 55 16.54 43.80 13.54
N VAL E 56 16.10 42.80 14.29
CA VAL E 56 15.05 42.97 15.29
C VAL E 56 15.39 44.05 16.35
N ASN E 57 16.69 44.30 16.58
CA ASN E 57 17.14 45.43 17.42
C ASN E 57 16.91 46.86 16.89
N TYR E 58 16.34 47.02 15.70
CA TYR E 58 16.21 48.36 15.08
C TYR E 58 14.77 48.70 14.84
N ASP E 59 14.47 50.00 14.86
CA ASP E 59 13.14 50.54 14.62
C ASP E 59 12.82 50.79 13.15
N ARG E 60 13.82 50.94 12.28
CA ARG E 60 13.60 51.09 10.82
C ARG E 60 14.87 50.82 10.04
N ALA E 61 14.76 50.76 8.71
CA ALA E 61 15.86 50.36 7.87
C ALA E 61 15.94 51.21 6.63
N PHE E 62 17.14 51.71 6.36
CA PHE E 62 17.44 52.41 5.14
C PHE E 62 18.17 51.39 4.30
N ILE E 63 17.54 50.98 3.19
CA ILE E 63 18.11 49.95 2.32
C ILE E 63 18.95 50.63 1.26
N VAL E 64 20.22 50.27 1.21
CA VAL E 64 21.10 50.72 0.16
C VAL E 64 21.99 49.55 -0.29
N LEU E 65 21.36 48.38 -0.37
CA LEU E 65 21.96 47.15 -0.94
C LEU E 65 21.66 47.08 -2.43
N HIS E 66 22.67 46.84 -3.23
CA HIS E 66 22.50 46.82 -4.68
C HIS E 66 22.61 45.37 -5.13
N GLY E 67 21.79 45.00 -6.12
CA GLY E 67 21.83 43.67 -6.72
C GLY E 67 21.06 42.59 -5.98
N ARG E 68 21.55 41.37 -6.13
CA ARG E 68 20.96 40.19 -5.51
C ARG E 68 20.87 40.37 -3.98
N GLY E 69 19.71 40.08 -3.41
CA GLY E 69 19.42 40.37 -2.01
C GLY E 69 18.81 41.74 -1.76
N GLY E 70 19.28 42.77 -2.45
CA GLY E 70 18.87 44.13 -2.15
C GLY E 70 17.82 44.70 -3.07
N GLU E 71 18.09 44.56 -4.38
CA GLU E 71 17.29 45.17 -5.46
C GLU E 71 16.16 44.22 -5.91
N ASP E 72 16.07 43.01 -5.32
CA ASP E 72 15.22 41.93 -5.86
C ASP E 72 14.11 41.36 -4.94
N GLY E 73 13.80 42.03 -3.82
CA GLY E 73 12.71 41.59 -2.92
C GLY E 73 13.08 40.78 -1.67
N GLN E 74 14.26 40.16 -1.67
CA GLN E 74 14.66 39.30 -0.58
C GLN E 74 14.69 40.03 0.77
N ILE E 75 15.50 41.07 0.89
CA ILE E 75 15.64 41.75 2.17
C ILE E 75 14.34 42.41 2.55
N GLN E 76 13.54 42.78 1.53
CA GLN E 76 12.23 43.41 1.77
C GLN E 76 11.32 42.41 2.42
N GLY E 77 11.43 41.17 1.97
CA GLY E 77 10.78 40.04 2.61
C GLY E 77 11.07 40.00 4.09
N VAL E 78 12.35 39.96 4.47
CA VAL E 78 12.69 39.75 5.89
C VAL E 78 12.20 40.90 6.73
N LEU E 79 12.29 42.10 6.18
CA LEU E 79 11.82 43.27 6.93
C LEU E 79 10.30 43.23 7.15
N GLU E 80 9.54 42.76 6.16
CA GLU E 80 8.08 42.62 6.33
C GLU E 80 7.78 41.65 7.46
N TRP E 81 8.44 40.50 7.44
CA TRP E 81 8.25 39.55 8.53
C TRP E 81 8.73 39.97 9.91
N LEU E 82 9.66 40.90 10.00
CA LEU E 82 10.09 41.42 11.31
C LEU E 82 9.32 42.68 11.71
N ASN E 83 8.38 43.14 10.90
CA ASN E 83 7.59 44.34 11.17
C ASN E 83 8.40 45.61 11.33
N ILE E 84 9.43 45.75 10.50
CA ILE E 84 10.36 46.87 10.52
C ILE E 84 10.10 47.69 9.25
N PRO E 85 9.59 48.93 9.36
CA PRO E 85 9.41 49.74 8.14
C PRO E 85 10.74 50.08 7.47
N TYR E 86 10.69 50.35 6.17
CA TYR E 86 11.89 50.46 5.38
C TYR E 86 11.74 51.30 4.11
N THR E 87 12.85 51.67 3.52
CA THR E 87 12.83 52.62 2.43
C THR E 87 12.51 51.97 1.10
N GLY E 88 11.91 52.76 0.22
CA GLY E 88 11.78 52.38 -1.18
C GLY E 88 10.72 51.33 -1.46
N THR E 89 11.04 50.47 -2.41
CA THR E 89 10.06 49.62 -3.09
C THR E 89 9.87 48.32 -2.32
N GLY E 90 8.61 47.88 -2.18
CA GLY E 90 8.27 46.63 -1.51
C GLY E 90 8.67 45.40 -2.30
N VAL E 91 8.13 44.25 -1.90
CA VAL E 91 8.67 42.96 -2.39
C VAL E 91 8.35 42.76 -3.87
N GLN E 92 7.12 43.12 -4.25
CA GLN E 92 6.68 42.91 -5.62
C GLN E 92 7.51 43.71 -6.62
N GLY E 93 7.49 45.03 -6.45
CA GLY E 93 8.19 45.94 -7.35
C GLY E 93 9.67 45.65 -7.48
N SER E 94 10.27 45.28 -6.36
CA SER E 94 11.68 44.92 -6.34
C SER E 94 11.95 43.68 -7.18
N ALA E 95 11.18 42.63 -6.93
CA ALA E 95 11.39 41.34 -7.60
C ALA E 95 11.22 41.41 -9.13
N ILE E 96 10.22 42.19 -9.57
CA ILE E 96 9.94 42.42 -11.03
C ILE E 96 11.04 43.36 -11.61
N GLY E 97 11.28 44.50 -10.94
CA GLY E 97 12.29 45.50 -11.34
C GLY E 97 13.67 44.98 -11.71
N MET E 98 14.13 43.99 -10.97
CA MET E 98 15.42 43.39 -11.24
C MET E 98 15.38 42.32 -12.35
N ASP E 99 14.27 42.20 -13.07
CA ASP E 99 14.18 41.30 -14.22
C ASP E 99 13.71 42.12 -15.40
N LYS E 100 14.53 42.14 -16.46
CA LYS E 100 14.29 43.04 -17.60
C LYS E 100 13.09 42.53 -18.38
N VAL E 101 13.10 41.24 -18.72
CA VAL E 101 11.98 40.64 -19.49
C VAL E 101 10.65 40.88 -18.77
N LYS E 102 10.64 40.67 -17.45
CA LYS E 102 9.44 40.90 -16.64
C LYS E 102 9.06 42.38 -16.58
N THR E 103 10.05 43.28 -16.53
CA THR E 103 9.79 44.74 -16.57
C THR E 103 9.14 45.14 -17.91
N LYS E 104 9.66 44.56 -19.02
CA LYS E 104 9.11 44.81 -20.40
C LYS E 104 7.67 44.20 -20.53
N GLN E 105 7.52 42.95 -20.14
CA GLN E 105 6.17 42.32 -20.09
C GLN E 105 5.13 43.19 -19.37
N ILE E 106 5.43 43.67 -18.17
CA ILE E 106 4.37 44.42 -17.44
C ILE E 106 4.16 45.82 -18.01
N TRP E 107 5.17 46.32 -18.73
CA TRP E 107 5.04 47.59 -19.45
C TRP E 107 4.15 47.44 -20.70
N GLN E 108 4.44 46.47 -21.56
CA GLN E 108 3.55 46.12 -22.70
C GLN E 108 2.13 46.01 -22.17
N GLY E 109 1.95 45.18 -21.13
CA GLY E 109 0.66 45.04 -20.46
C GLY E 109 0.02 46.29 -19.84
N SER E 110 0.70 47.43 -19.81
CA SER E 110 0.12 48.70 -19.33
C SER E 110 0.04 49.74 -20.44
N ASP E 111 0.12 49.30 -21.70
CA ASP E 111 0.04 50.19 -22.87
C ASP E 111 1.23 51.19 -22.91
N LEU E 112 2.44 50.70 -22.62
CA LEU E 112 3.65 51.54 -22.53
C LEU E 112 4.74 51.06 -23.50
N PRO E 113 5.50 52.01 -24.07
CA PRO E 113 6.38 51.73 -25.22
C PRO E 113 7.72 51.13 -24.85
N THR E 114 8.14 50.09 -25.57
CA THR E 114 9.40 49.38 -25.30
C THR E 114 9.71 48.41 -26.45
N ALA E 115 11.00 48.09 -26.65
CA ALA E 115 11.52 47.24 -27.75
C ALA E 115 11.21 45.72 -27.63
N PRO E 116 10.62 45.10 -28.68
CA PRO E 116 10.52 43.62 -28.82
C PRO E 116 11.86 42.86 -28.79
N TYR E 117 11.83 41.53 -28.61
CA TYR E 117 13.04 40.70 -28.48
C TYR E 117 12.73 39.20 -28.84
N PHE E 184 19.05 58.35 -21.72
CA PHE E 184 18.72 59.23 -20.60
C PHE E 184 18.41 58.42 -19.31
N THR E 185 18.29 59.11 -18.17
CA THR E 185 17.79 58.50 -16.92
C THR E 185 17.02 59.50 -16.06
N ILE E 186 15.84 59.06 -15.62
CA ILE E 186 14.89 59.86 -14.89
C ILE E 186 14.92 59.26 -13.51
N SER E 187 15.30 60.06 -12.54
CA SER E 187 15.43 59.60 -11.17
C SER E 187 14.18 60.00 -10.43
N PHE E 188 13.86 59.27 -9.33
CA PHE E 188 12.63 59.49 -8.59
C PHE E 188 12.85 59.71 -7.11
N LEU E 189 12.09 60.63 -6.51
CA LEU E 189 12.08 60.85 -5.04
C LEU E 189 10.68 61.24 -4.64
N ASN E 190 10.20 60.68 -3.53
CA ASN E 190 8.82 60.89 -3.09
C ASN E 190 7.77 60.47 -4.13
N GLY E 191 8.09 59.45 -4.91
CA GLY E 191 7.24 58.99 -5.99
C GLY E 191 7.31 59.81 -7.28
N GLN E 192 7.79 61.07 -7.20
CA GLN E 192 7.77 62.02 -8.34
C GLN E 192 9.09 61.90 -9.08
N PRO E 193 9.07 62.14 -10.42
CA PRO E 193 10.33 62.18 -11.17
C PRO E 193 11.09 63.46 -10.97
N LEU E 194 12.27 63.42 -11.54
CA LEU E 194 13.27 64.41 -11.26
C LEU E 194 14.02 64.88 -12.54
N PRO E 195 14.65 66.08 -12.56
CA PRO E 195 15.33 66.55 -13.79
C PRO E 195 16.20 65.49 -14.52
N VAL E 196 15.95 65.29 -15.79
CA VAL E 196 16.54 64.15 -16.51
C VAL E 196 18.03 64.42 -16.82
N ILE E 197 18.78 63.34 -16.91
CA ILE E 197 20.22 63.35 -17.08
C ILE E 197 20.55 62.53 -18.31
N ARG E 198 21.37 63.09 -19.20
CA ARG E 198 21.87 62.36 -20.38
C ARG E 198 23.01 61.44 -19.96
N LEU E 199 23.11 60.24 -20.55
CA LEU E 199 24.24 59.28 -20.32
C LEU E 199 25.32 59.20 -21.45
N GLN E 200 25.87 58.00 -21.77
CA GLN E 200 26.64 57.74 -23.02
C GLN E 200 25.87 56.77 -23.94
N TYR E 221 29.27 65.75 -19.35
CA TYR E 221 28.43 65.84 -18.15
C TYR E 221 26.97 65.55 -18.52
N GLY E 222 26.06 65.72 -17.55
CA GLY E 222 24.76 65.12 -17.61
C GLY E 222 23.59 66.07 -17.79
N ILE E 223 23.57 67.19 -17.06
CA ILE E 223 22.50 68.19 -17.20
C ILE E 223 23.07 69.57 -17.59
N PRO E 224 22.39 70.35 -18.46
CA PRO E 224 21.11 69.97 -19.13
C PRO E 224 21.26 68.86 -20.19
N CYS E 225 20.17 68.14 -20.44
CA CYS E 225 20.17 66.84 -21.17
C CYS E 225 20.26 66.94 -22.70
N LEU E 227 14.91 68.84 -26.65
CA LEU E 227 14.08 68.54 -25.48
C LEU E 227 14.14 69.71 -24.48
N SER E 228 13.20 70.65 -24.61
CA SER E 228 13.11 71.86 -23.78
C SER E 228 12.24 71.58 -22.54
N GLU E 229 11.43 72.53 -22.03
CA GLU E 229 10.61 72.28 -20.84
C GLU E 229 9.68 71.10 -21.12
N LYS E 233 8.90 67.32 -19.63
CA LYS E 233 7.66 66.91 -19.02
C LYS E 233 6.99 65.70 -19.71
N LYS E 234 7.27 65.49 -21.01
CA LYS E 234 6.77 64.31 -21.77
C LYS E 234 7.51 63.02 -21.50
N LEU E 235 8.83 63.06 -21.30
CA LEU E 235 9.60 61.90 -20.78
C LEU E 235 9.37 61.70 -19.26
N GLN E 236 8.92 62.71 -18.54
CA GLN E 236 8.70 62.58 -17.09
C GLN E 236 7.37 61.94 -16.71
N ALA E 237 6.28 62.42 -17.34
CA ALA E 237 4.95 61.85 -17.12
C ALA E 237 4.87 60.40 -17.59
N LEU E 238 5.51 60.08 -18.72
CA LEU E 238 5.63 58.71 -19.21
C LEU E 238 6.36 57.78 -18.24
N CYS E 239 7.50 58.24 -17.74
CA CYS E 239 8.32 57.48 -16.81
C CYS E 239 7.64 57.32 -15.46
N LEU E 240 6.87 58.33 -15.01
CA LEU E 240 6.05 58.18 -13.80
C LEU E 240 5.02 57.04 -13.93
N ARG E 241 4.44 56.86 -15.10
CA ARG E 241 3.50 55.77 -15.32
C ARG E 241 4.25 54.42 -15.27
N ALA E 242 5.39 54.33 -15.95
CA ALA E 242 6.24 53.12 -15.95
C ALA E 242 6.80 52.74 -14.58
N PHE E 243 6.94 53.75 -13.73
CA PHE E 243 7.39 53.58 -12.35
C PHE E 243 6.24 53.01 -11.50
N GLN E 244 5.07 53.63 -11.62
CA GLN E 244 3.84 53.18 -10.95
C GLN E 244 3.34 51.83 -11.48
N ALA E 245 3.44 51.61 -12.78
CA ALA E 245 3.07 50.35 -13.42
C ALA E 245 3.70 49.14 -12.75
N VAL E 246 5.00 49.23 -12.46
CA VAL E 246 5.78 48.12 -11.90
C VAL E 246 5.59 48.12 -10.38
N GLY E 247 4.98 49.16 -9.83
CA GLY E 247 4.67 49.24 -8.41
C GLY E 247 5.87 49.59 -7.58
N ALA E 248 6.77 50.39 -8.15
CA ALA E 248 7.91 50.91 -7.41
C ALA E 248 7.49 52.11 -6.60
N GLU E 249 8.26 52.35 -5.53
CA GLU E 249 8.43 53.58 -4.82
C GLU E 249 9.98 53.77 -4.70
N GLY E 252 13.88 55.78 -6.90
CA GLY E 252 14.47 54.86 -7.90
C GLY E 252 14.88 55.58 -9.19
N ARG E 253 15.17 54.80 -10.23
CA ARG E 253 15.64 55.31 -11.53
C ARG E 253 15.02 54.54 -12.69
N ILE E 254 14.51 55.25 -13.70
CA ILE E 254 14.12 54.65 -15.01
C ILE E 254 14.96 55.31 -16.14
N GLU E 268 14.87 49.84 -18.66
CA GLU E 268 15.01 49.14 -17.38
C GLU E 268 14.77 50.06 -16.17
N VAL E 269 14.70 49.42 -14.99
CA VAL E 269 14.42 50.11 -13.72
C VAL E 269 15.46 49.70 -12.65
N ASN E 270 15.87 50.66 -11.81
CA ASN E 270 16.74 50.43 -10.63
C ASN E 270 16.00 50.90 -9.41
N THR E 271 15.76 49.97 -8.49
CA THR E 271 14.89 50.16 -7.36
C THR E 271 15.59 50.57 -6.06
N VAL E 272 16.90 50.29 -5.97
CA VAL E 272 17.77 50.96 -4.97
C VAL E 272 19.02 51.52 -5.73
N PRO E 273 18.95 52.82 -6.08
CA PRO E 273 20.02 53.44 -6.86
C PRO E 273 21.25 53.73 -6.02
N GLY E 274 22.35 53.96 -6.72
CA GLY E 274 23.61 54.37 -6.09
C GLY E 274 23.50 55.68 -5.31
N MET E 275 24.24 55.75 -4.20
CA MET E 275 24.37 56.96 -3.40
C MET E 275 25.84 57.35 -3.20
N THR E 276 26.71 56.87 -4.12
CA THR E 276 28.12 57.24 -4.14
C THR E 276 28.24 58.67 -4.63
N SER E 277 29.46 59.22 -4.56
CA SER E 277 29.75 60.58 -5.05
C SER E 277 29.46 60.77 -6.53
N HIS E 278 29.81 59.76 -7.33
CA HIS E 278 29.62 59.81 -8.79
C HIS E 278 28.24 59.28 -9.24
N SER E 279 27.31 59.07 -8.30
CA SER E 279 25.99 58.50 -8.61
C SER E 279 24.99 59.53 -9.12
N LEU E 280 24.07 59.07 -9.97
CA LEU E 280 23.22 59.96 -10.74
C LEU E 280 22.04 60.57 -9.97
N VAL E 281 21.53 59.90 -8.95
CA VAL E 281 20.34 60.42 -8.24
C VAL E 281 20.62 61.70 -7.42
N PRO E 282 21.77 61.73 -6.68
CA PRO E 282 22.05 62.96 -5.92
C PRO E 282 22.28 64.18 -6.80
N LYS E 283 22.95 63.97 -7.94
CA LYS E 283 23.23 65.08 -8.85
C LYS E 283 21.88 65.70 -9.32
N ALA E 284 20.94 64.88 -9.77
CA ALA E 284 19.60 65.40 -10.11
C ALA E 284 18.74 65.94 -8.94
N ALA E 285 18.84 65.34 -7.75
CA ALA E 285 18.13 65.85 -6.56
C ALA E 285 18.67 67.23 -6.16
N LYS E 286 19.98 67.44 -6.35
CA LYS E 286 20.62 68.72 -6.11
C LYS E 286 20.11 69.80 -7.08
N ALA E 287 19.94 69.45 -8.35
CA ALA E 287 19.32 70.34 -9.36
C ALA E 287 17.93 70.88 -9.01
N VAL E 288 17.29 70.36 -7.96
CA VAL E 288 16.02 70.86 -7.44
C VAL E 288 16.16 71.34 -5.98
N GLY E 289 17.41 71.60 -5.56
CA GLY E 289 17.69 72.13 -4.24
C GLY E 289 17.78 71.17 -3.06
N TYR E 290 18.00 69.88 -3.30
CA TYR E 290 18.26 68.93 -2.21
C TYR E 290 19.76 68.72 -1.98
N SER E 291 20.24 69.03 -0.76
CA SER E 291 21.58 68.61 -0.33
C SER E 291 21.55 67.12 -0.12
N PHE E 292 22.71 66.48 -0.18
CA PHE E 292 22.78 65.03 0.04
C PHE E 292 22.19 64.64 1.39
N ASP E 293 22.47 65.42 2.43
CA ASP E 293 21.94 65.13 3.77
C ASP E 293 20.44 65.26 3.84
N GLU E 294 19.94 66.24 3.14
CA GLU E 294 18.52 66.56 3.12
C GLU E 294 17.79 65.47 2.29
N LEU E 295 18.38 65.06 1.15
CA LEU E 295 17.83 63.92 0.41
C LEU E 295 17.82 62.65 1.26
N CYS E 296 18.91 62.35 1.96
CA CYS E 296 18.96 61.14 2.79
C CYS E 296 17.86 61.12 3.85
N VAL E 297 17.55 62.26 4.44
CA VAL E 297 16.44 62.31 5.38
C VAL E 297 15.10 62.15 4.64
N ALA E 298 14.93 62.82 3.50
CA ALA E 298 13.71 62.68 2.67
C ALA E 298 13.38 61.22 2.37
N ILE E 299 14.38 60.47 1.94
CA ILE E 299 14.24 59.05 1.68
C ILE E 299 13.83 58.32 2.96
N LEU E 300 14.49 58.62 4.08
CA LEU E 300 14.17 57.97 5.36
C LEU E 300 12.76 58.27 5.85
N GLU E 301 12.23 59.46 5.52
CA GLU E 301 10.86 59.86 5.92
C GLU E 301 9.73 58.94 5.41
N GLN E 302 9.96 58.29 4.25
CA GLN E 302 9.10 57.21 3.74
C GLN E 302 8.71 56.23 4.82
N THR E 303 9.63 55.92 5.73
CA THR E 303 9.41 54.92 6.78
C THR E 303 8.48 55.35 7.91
N LEU E 304 7.79 56.48 7.78
CA LEU E 304 6.73 56.72 8.74
C LEU E 304 5.28 56.78 8.16
N GLU E 305 4.32 56.41 9.02
CA GLU E 305 2.87 56.34 8.75
C GLU E 305 2.07 57.51 9.38
N MET F 1 19.78 4.81 2.94
CA MET F 1 19.72 6.24 3.39
C MET F 1 18.30 6.69 3.87
N SER F 2 18.13 6.87 5.17
CA SER F 2 16.85 7.26 5.71
C SER F 2 16.45 8.71 5.39
N ASN F 3 15.15 8.99 5.48
CA ASN F 3 14.64 10.35 5.22
C ASN F 3 14.94 11.27 6.37
N ALA F 4 15.28 10.69 7.52
CA ALA F 4 15.71 11.51 8.64
C ALA F 4 16.97 12.18 8.22
N THR F 5 17.94 11.37 7.84
CA THR F 5 19.27 11.82 7.53
C THR F 5 19.33 12.60 6.21
N LYS F 6 18.60 12.14 5.18
CA LYS F 6 18.58 12.77 3.89
C LYS F 6 18.03 14.22 3.84
N PHE F 7 16.84 14.45 4.39
CA PHE F 7 16.24 15.78 4.48
C PHE F 7 16.59 16.59 5.73
N GLY F 8 17.13 15.94 6.74
CA GLY F 8 17.44 16.67 7.99
C GLY F 8 16.23 17.26 8.70
N LYS F 9 16.46 18.29 9.52
CA LYS F 9 15.38 18.95 10.26
C LYS F 9 14.53 19.87 9.36
N VAL F 10 13.32 19.42 8.96
CA VAL F 10 12.47 20.24 8.09
C VAL F 10 11.43 21.00 8.86
N ALA F 11 11.24 22.29 8.54
CA ALA F 11 10.21 23.10 9.14
C ALA F 11 9.00 23.14 8.18
N VAL F 12 7.82 22.80 8.71
CA VAL F 12 6.58 22.96 7.98
C VAL F 12 6.01 24.30 8.38
N LEU F 13 6.15 25.30 7.50
CA LEU F 13 5.63 26.64 7.75
C LEU F 13 4.12 26.66 7.57
N LEU F 14 3.38 27.04 8.61
CA LEU F 14 1.92 26.93 8.59
C LEU F 14 1.25 27.99 9.44
N GLY F 15 -0.02 28.24 9.15
CA GLY F 15 -0.79 29.24 9.88
C GLY F 15 -0.53 30.61 9.35
N GLY F 16 0.32 31.34 10.05
CA GLY F 16 0.74 32.64 9.57
C GLY F 16 -0.24 33.75 9.90
N LYS F 17 -0.12 34.85 9.16
CA LYS F 17 -0.77 36.12 9.49
C LYS F 17 -2.05 36.43 8.70
N SER F 18 -2.26 35.76 7.57
CA SER F 18 -3.30 36.11 6.64
C SER F 18 -4.70 35.69 7.07
N ALA F 19 -5.67 36.09 6.25
CA ALA F 19 -7.07 35.69 6.41
C ALA F 19 -7.28 34.20 6.16
N GLU F 20 -6.43 33.58 5.33
CA GLU F 20 -6.42 32.12 5.14
C GLU F 20 -5.69 31.28 6.24
N ARG F 21 -5.43 31.87 7.40
CA ARG F 21 -4.74 31.20 8.49
C ARG F 21 -5.32 29.83 8.82
N ALA F 22 -6.61 29.80 9.12
CA ALA F 22 -7.26 28.54 9.49
C ALA F 22 -7.07 27.46 8.41
N VAL F 23 -7.24 27.81 7.15
CA VAL F 23 -7.01 26.84 6.09
C VAL F 23 -5.55 26.37 6.11
N SER F 24 -4.63 27.28 6.37
CA SER F 24 -3.20 26.95 6.40
C SER F 24 -2.84 26.00 7.55
N LEU F 25 -3.38 26.26 8.73
CA LEU F 25 -3.25 25.32 9.84
C LEU F 25 -3.69 23.91 9.44
N ASP F 26 -4.80 23.83 8.72
CA ASP F 26 -5.29 22.53 8.25
C ASP F 26 -4.29 21.95 7.25
N SER F 27 -3.88 22.72 6.25
CA SER F 27 -2.88 22.23 5.26
C SER F 27 -1.55 21.84 5.90
N GLY F 28 -1.14 22.60 6.92
CA GLY F 28 0.08 22.33 7.63
C GLY F 28 0.04 21.04 8.39
N GLN F 29 -1.00 20.87 9.22
CA GLN F 29 -1.22 19.63 9.99
C GLN F 29 -1.22 18.39 9.10
N ALA F 30 -1.92 18.44 7.99
CA ALA F 30 -1.96 17.32 7.07
C ALA F 30 -0.57 16.96 6.56
N VAL F 31 0.18 17.98 6.14
CA VAL F 31 1.50 17.79 5.56
C VAL F 31 2.47 17.27 6.63
N LEU F 32 2.44 17.89 7.79
CA LEU F 32 3.26 17.48 8.90
C LEU F 32 3.07 16.02 9.27
N ASP F 33 1.81 15.57 9.35
CA ASP F 33 1.52 14.17 9.67
C ASP F 33 2.05 13.24 8.58
N ALA F 34 1.90 13.65 7.32
CA ALA F 34 2.36 12.86 6.18
C ALA F 34 3.87 12.73 6.11
N LEU F 35 4.58 13.81 6.36
CA LEU F 35 6.04 13.74 6.39
C LEU F 35 6.52 12.89 7.57
N LEU F 36 5.92 13.07 8.76
CA LEU F 36 6.29 12.29 9.93
C LEU F 36 6.10 10.81 9.70
N ARG F 37 5.04 10.44 9.00
CA ARG F 37 4.79 9.04 8.60
C ARG F 37 5.83 8.52 7.64
N SER F 38 6.37 9.39 6.80
CA SER F 38 7.42 9.04 5.86
C SER F 38 8.81 9.07 6.50
N GLY F 39 8.88 9.30 7.79
CA GLY F 39 10.14 9.25 8.49
C GLY F 39 11.05 10.46 8.27
N VAL F 40 10.48 11.58 7.83
CA VAL F 40 11.24 12.82 7.76
C VAL F 40 11.07 13.53 9.09
N GLN F 41 12.14 14.18 9.54
CA GLN F 41 12.18 14.82 10.83
C GLN F 41 11.51 16.19 10.73
N ALA F 42 10.20 16.21 10.58
CA ALA F 42 9.45 17.46 10.39
C ALA F 42 8.95 18.09 11.69
N GLU F 43 8.86 19.42 11.74
CA GLU F 43 8.33 20.15 12.90
C GLU F 43 7.48 21.33 12.42
N ALA F 44 6.47 21.69 13.20
CA ALA F 44 5.58 22.79 12.82
C ALA F 44 6.25 24.06 13.15
N PHE F 45 6.04 25.06 12.31
CA PHE F 45 6.58 26.40 12.53
C PHE F 45 5.50 27.39 12.12
N ASP F 46 4.90 28.07 13.09
CA ASP F 46 3.87 29.08 12.84
C ASP F 46 4.48 30.47 12.98
N PRO F 47 4.71 31.19 11.86
CA PRO F 47 5.45 32.44 11.98
C PRO F 47 4.71 33.54 12.71
N GLN F 48 3.44 33.37 12.97
CA GLN F 48 2.70 34.32 13.81
C GLN F 48 3.03 34.10 15.29
N ASP F 49 3.38 32.87 15.66
CA ASP F 49 3.70 32.52 17.06
C ASP F 49 5.20 32.41 17.34
N ARG F 50 6.00 32.15 16.34
CA ARG F 50 7.45 31.96 16.47
C ARG F 50 8.14 32.95 15.57
N SER F 51 9.06 33.73 16.10
CA SER F 51 9.84 34.64 15.27
C SER F 51 10.58 33.86 14.19
N VAL F 52 10.52 34.37 12.96
CA VAL F 52 11.22 33.76 11.81
C VAL F 52 12.72 33.60 12.03
N THR F 53 13.29 34.36 12.97
CA THR F 53 14.70 34.25 13.35
C THR F 53 15.09 32.81 13.70
N GLU F 54 14.18 32.08 14.36
CA GLU F 54 14.43 30.70 14.75
C GLU F 54 14.46 29.70 13.58
N LEU F 55 14.07 30.12 12.38
CA LEU F 55 14.19 29.26 11.19
C LEU F 55 15.59 28.76 10.97
N VAL F 56 16.55 29.53 11.46
CA VAL F 56 17.97 29.21 11.31
C VAL F 56 18.35 27.84 11.91
N ASN F 57 17.56 27.36 12.87
CA ASN F 57 17.63 25.97 13.37
C ASN F 57 17.23 24.82 12.42
N TYR F 58 16.78 25.10 11.19
CA TYR F 58 16.30 24.05 10.30
C TYR F 58 17.10 24.00 9.03
N ASP F 59 17.17 22.81 8.44
CA ASP F 59 17.89 22.56 7.18
C ASP F 59 17.07 22.85 5.93
N ARG F 60 15.75 22.83 6.03
CA ARG F 60 14.87 23.13 4.87
C ARG F 60 13.47 23.45 5.32
N ALA F 61 12.65 23.95 4.41
CA ALA F 61 11.30 24.45 4.75
C ALA F 61 10.27 24.02 3.74
N PHE F 62 9.17 23.47 4.24
CA PHE F 62 8.03 23.11 3.43
C PHE F 62 7.06 24.24 3.69
N ILE F 63 6.77 25.04 2.67
CA ILE F 63 5.91 26.21 2.80
C ILE F 63 4.49 25.79 2.48
N VAL F 64 3.60 25.98 3.43
CA VAL F 64 2.22 25.75 3.23
C VAL F 64 1.42 26.87 3.91
N LEU F 65 1.96 28.08 3.79
CA LEU F 65 1.29 29.33 4.19
C LEU F 65 0.50 29.89 3.04
N HIS F 66 -0.76 30.22 3.26
CA HIS F 66 -1.64 30.69 2.19
C HIS F 66 -1.85 32.16 2.39
N GLY F 67 -1.90 32.90 1.30
CA GLY F 67 -2.17 34.33 1.33
C GLY F 67 -0.97 35.23 1.65
N ARG F 68 -1.28 36.36 2.27
CA ARG F 68 -0.29 37.36 2.61
C ARG F 68 0.81 36.76 3.51
N GLY F 69 2.07 37.03 3.16
CA GLY F 69 3.20 36.39 3.79
C GLY F 69 3.64 35.11 3.12
N GLY F 70 2.71 34.30 2.64
CA GLY F 70 3.04 32.97 2.17
C GLY F 70 3.11 32.86 0.68
N GLU F 71 2.04 33.31 0.04
CA GLU F 71 1.79 33.13 -1.41
C GLU F 71 2.41 34.31 -2.18
N ASP F 72 3.02 35.29 -1.49
CA ASP F 72 3.37 36.59 -2.09
C ASP F 72 4.87 37.03 -2.05
N GLY F 73 5.78 36.13 -1.71
CA GLY F 73 7.22 36.42 -1.76
C GLY F 73 7.91 36.76 -0.44
N GLN F 74 7.15 37.20 0.56
CA GLN F 74 7.73 37.63 1.85
C GLN F 74 8.53 36.56 2.59
N ILE F 75 7.89 35.44 2.95
CA ILE F 75 8.61 34.34 3.60
C ILE F 75 9.72 33.77 2.72
N GLN F 76 9.53 33.81 1.40
CA GLN F 76 10.54 33.30 0.46
C GLN F 76 11.77 34.18 0.61
N GLY F 77 11.53 35.48 0.79
CA GLY F 77 12.57 36.42 1.03
C GLY F 77 13.42 35.99 2.19
N VAL F 78 12.77 35.76 3.34
CA VAL F 78 13.53 35.48 4.57
C VAL F 78 14.33 34.19 4.41
N LEU F 79 13.75 33.22 3.73
CA LEU F 79 14.43 31.96 3.55
C LEU F 79 15.65 32.12 2.66
N GLU F 80 15.58 33.00 1.67
CA GLU F 80 16.74 33.26 0.79
C GLU F 80 17.85 33.86 1.63
N TRP F 81 17.51 34.86 2.45
CA TRP F 81 18.52 35.47 3.29
C TRP F 81 19.09 34.58 4.38
N LEU F 82 18.38 33.54 4.78
CA LEU F 82 18.90 32.58 5.76
C LEU F 82 19.54 31.35 5.10
N ASN F 83 19.58 31.31 3.76
CA ASN F 83 20.19 30.19 3.01
C ASN F 83 19.59 28.84 3.29
N ILE F 84 18.28 28.82 3.43
CA ILE F 84 17.47 27.62 3.74
C ILE F 84 16.65 27.26 2.49
N PRO F 85 16.95 26.13 1.81
CA PRO F 85 16.15 25.78 0.65
C PRO F 85 14.70 25.48 1.03
N TYR F 86 13.79 25.63 0.06
CA TYR F 86 12.38 25.61 0.34
C TYR F 86 11.51 25.20 -0.84
N THR F 87 10.27 24.86 -0.57
CA THR F 87 9.40 24.31 -1.58
C THR F 87 8.76 25.38 -2.46
N GLY F 88 8.44 24.98 -3.68
CA GLY F 88 7.66 25.79 -4.56
C GLY F 88 8.41 26.98 -5.15
N THR F 89 7.69 28.08 -5.27
CA THR F 89 8.04 29.16 -6.13
C THR F 89 8.86 30.18 -5.35
N GLY F 90 9.91 30.71 -5.99
CA GLY F 90 10.75 31.76 -5.42
C GLY F 90 10.05 33.10 -5.27
N VAL F 91 10.84 34.15 -5.03
CA VAL F 91 10.26 35.42 -4.62
C VAL F 91 9.50 36.07 -5.76
N GLN F 92 10.06 36.00 -6.96
CA GLN F 92 9.50 36.69 -8.12
C GLN F 92 8.14 36.11 -8.49
N GLY F 93 8.13 34.80 -8.78
CA GLY F 93 6.89 34.11 -9.15
C GLY F 93 5.77 34.24 -8.11
N SER F 94 6.12 34.20 -6.84
CA SER F 94 5.19 34.35 -5.76
C SER F 94 4.58 35.74 -5.74
N ALA F 95 5.42 36.76 -5.79
CA ALA F 95 4.97 38.15 -5.72
C ALA F 95 4.06 38.55 -6.87
N ILE F 96 4.38 38.05 -8.06
CA ILE F 96 3.53 38.21 -9.25
C ILE F 96 2.24 37.40 -9.10
N GLY F 97 2.38 36.09 -8.89
CA GLY F 97 1.26 35.14 -8.83
C GLY F 97 0.08 35.56 -7.97
N MET F 98 0.37 36.23 -6.87
CA MET F 98 -0.65 36.73 -5.97
C MET F 98 -1.23 38.08 -6.41
N ASP F 99 -0.90 38.53 -7.61
CA ASP F 99 -1.49 39.73 -8.16
C ASP F 99 -2.05 39.35 -9.53
N LYS F 100 -3.37 39.54 -9.71
CA LYS F 100 -4.03 39.08 -10.93
C LYS F 100 -3.65 39.99 -12.08
N VAL F 101 -3.75 41.32 -11.87
CA VAL F 101 -3.40 42.29 -12.93
C VAL F 101 -1.98 42.03 -13.43
N LYS F 102 -1.04 41.82 -12.49
CA LYS F 102 0.34 41.49 -12.86
C LYS F 102 0.46 40.15 -13.55
N THR F 103 -0.30 39.16 -13.10
CA THR F 103 -0.25 37.85 -13.70
C THR F 103 -0.79 37.94 -15.13
N LYS F 104 -1.83 38.76 -15.32
CA LYS F 104 -2.42 38.97 -16.65
C LYS F 104 -1.45 39.71 -17.54
N GLN F 105 -0.93 40.84 -17.05
CA GLN F 105 0.10 41.58 -17.77
C GLN F 105 1.18 40.67 -18.30
N ILE F 106 1.75 39.81 -17.45
CA ILE F 106 2.89 39.00 -17.94
C ILE F 106 2.45 37.86 -18.89
N TRP F 107 1.19 37.48 -18.78
CA TRP F 107 0.60 36.50 -19.70
C TRP F 107 0.33 37.13 -21.08
N GLN F 108 -0.36 38.28 -21.12
CA GLN F 108 -0.48 39.09 -22.36
C GLN F 108 0.92 39.22 -23.00
N GLY F 109 1.88 39.70 -22.21
CA GLY F 109 3.26 39.80 -22.67
C GLY F 109 3.99 38.52 -23.12
N SER F 110 3.37 37.35 -22.96
CA SER F 110 3.94 36.09 -23.46
C SER F 110 3.06 35.45 -24.56
N ASP F 111 2.16 36.25 -25.15
CA ASP F 111 1.19 35.81 -26.16
C ASP F 111 0.31 34.64 -25.68
N LEU F 112 -0.24 34.84 -24.48
CA LEU F 112 -1.10 33.86 -23.84
C LEU F 112 -2.49 34.47 -23.57
N PRO F 113 -3.53 33.64 -23.72
CA PRO F 113 -4.91 34.13 -23.74
C PRO F 113 -5.45 34.41 -22.36
N THR F 114 -6.10 35.55 -22.19
CA THR F 114 -6.70 35.90 -20.92
C THR F 114 -7.69 37.04 -21.10
N ALA F 115 -8.74 37.02 -20.29
CA ALA F 115 -9.82 38.00 -20.43
C ALA F 115 -9.24 39.40 -20.38
N PRO F 116 -9.68 40.28 -21.29
CA PRO F 116 -9.58 41.71 -21.07
C PRO F 116 -10.11 42.17 -19.69
N TYR F 117 -9.62 43.33 -19.25
CA TYR F 117 -9.86 43.82 -17.89
C TYR F 117 -9.56 45.31 -17.79
N ARG F 118 -10.07 45.96 -16.74
CA ARG F 118 -9.73 47.37 -16.41
C ARG F 118 -9.73 47.73 -14.90
N ILE F 119 -9.21 48.94 -14.64
CA ILE F 119 -9.24 49.58 -13.28
C ILE F 119 -10.68 49.74 -12.78
N LEU F 126 -17.62 54.76 -15.50
CA LEU F 126 -18.75 53.92 -15.91
C LEU F 126 -18.86 53.68 -17.43
N ASP F 127 -19.04 54.75 -18.22
CA ASP F 127 -19.35 54.65 -19.65
C ASP F 127 -18.25 54.05 -20.55
N SER F 128 -17.03 54.55 -20.37
CA SER F 128 -15.87 54.14 -21.19
C SER F 128 -15.49 52.67 -20.90
N VAL F 129 -15.76 52.21 -19.68
CA VAL F 129 -15.36 50.87 -19.24
C VAL F 129 -16.29 49.78 -19.83
N ILE F 130 -17.61 50.03 -19.76
CA ILE F 130 -18.60 49.10 -20.34
C ILE F 130 -18.69 49.20 -21.88
N ALA F 131 -18.24 50.32 -22.46
CA ALA F 131 -18.01 50.40 -23.91
C ALA F 131 -16.87 49.47 -24.36
N GLU F 132 -15.86 49.34 -23.52
CA GLU F 132 -14.72 48.43 -23.76
C GLU F 132 -14.96 46.90 -23.62
N LEU F 133 -15.56 46.49 -22.50
CA LEU F 133 -15.66 45.08 -22.07
C LEU F 133 -17.06 44.46 -22.26
N GLY F 134 -18.10 45.30 -22.25
CA GLY F 134 -19.50 44.84 -22.31
C GLY F 134 -19.99 44.47 -20.93
N LEU F 135 -21.32 44.35 -20.78
CA LEU F 135 -21.96 43.98 -19.51
C LEU F 135 -22.15 42.45 -19.58
N PRO F 136 -22.08 41.71 -18.45
CA PRO F 136 -21.91 42.24 -17.08
C PRO F 136 -20.45 42.45 -16.63
N ALA F 175 -12.80 45.42 -13.11
CA ALA F 175 -13.79 44.69 -13.88
C ALA F 175 -13.13 43.86 -14.99
N GLU F 176 -13.35 42.56 -14.93
CA GLU F 176 -12.93 41.62 -15.96
C GLU F 176 -14.11 41.36 -16.89
N LYS F 177 -13.82 41.14 -18.17
CA LYS F 177 -14.90 40.85 -19.15
C LYS F 177 -15.45 39.42 -18.88
N TRP F 178 -16.76 39.34 -18.74
CA TRP F 178 -17.50 38.13 -18.42
C TRP F 178 -17.45 37.20 -19.65
N ILE F 179 -16.92 36.00 -19.45
CA ILE F 179 -16.95 34.95 -20.47
C ILE F 179 -17.75 33.79 -19.88
N THR F 180 -18.70 33.28 -20.67
CA THR F 180 -19.51 32.12 -20.30
C THR F 180 -18.74 30.90 -20.73
N GLY F 181 -18.64 29.97 -19.78
CA GLY F 181 -18.05 28.67 -20.04
C GLY F 181 -17.73 27.94 -18.76
N ARG F 182 -17.03 26.83 -18.91
CA ARG F 182 -16.76 25.93 -17.79
C ARG F 182 -15.31 26.12 -17.26
N GLU F 183 -15.17 26.35 -15.95
CA GLU F 183 -13.86 26.47 -15.30
C GLU F 183 -13.18 25.12 -15.07
N PHE F 184 -11.85 25.13 -15.12
CA PHE F 184 -11.01 23.97 -14.85
C PHE F 184 -9.85 24.37 -13.94
N THR F 185 -9.08 23.39 -13.48
CA THR F 185 -7.83 23.66 -12.78
C THR F 185 -6.80 22.56 -13.02
N ILE F 186 -5.60 23.03 -13.39
CA ILE F 186 -4.51 22.16 -13.78
C ILE F 186 -3.52 22.32 -12.64
N SER F 187 -3.23 21.21 -11.98
CA SER F 187 -2.36 21.21 -10.83
C SER F 187 -1.01 20.80 -11.33
N PHE F 188 0.03 21.23 -10.64
CA PHE F 188 1.41 20.99 -11.07
C PHE F 188 2.21 20.30 -10.00
N LEU F 189 3.05 19.35 -10.42
CA LEU F 189 4.00 18.68 -9.56
C LEU F 189 5.27 18.35 -10.37
N ASN F 190 6.43 18.62 -9.77
CA ASN F 190 7.74 18.55 -10.44
C ASN F 190 7.77 19.35 -11.73
N GLY F 191 7.13 20.52 -11.71
CA GLY F 191 7.10 21.42 -12.86
C GLY F 191 6.10 21.05 -13.92
N GLN F 192 5.64 19.79 -13.93
CA GLN F 192 4.78 19.24 -14.98
C GLN F 192 3.31 19.26 -14.54
N PRO F 193 2.36 19.45 -15.51
CA PRO F 193 0.94 19.40 -15.14
C PRO F 193 0.43 17.99 -14.79
N LEU F 194 -0.64 17.95 -14.01
CA LEU F 194 -1.29 16.72 -13.59
C LEU F 194 -2.71 16.71 -14.20
N PRO F 195 -3.44 15.59 -14.08
CA PRO F 195 -4.78 15.49 -14.67
C PRO F 195 -5.70 16.64 -14.30
N VAL F 196 -6.38 17.20 -15.30
CA VAL F 196 -7.23 18.38 -15.06
C VAL F 196 -8.54 18.00 -14.40
N ILE F 197 -9.05 18.95 -13.61
CA ILE F 197 -10.21 18.80 -12.76
C ILE F 197 -11.19 19.91 -13.14
N ARG F 198 -12.45 19.55 -13.37
CA ARG F 198 -13.53 20.49 -13.64
C ARG F 198 -13.98 21.09 -12.30
N LEU F 199 -14.29 22.37 -12.28
CA LEU F 199 -14.84 23.04 -11.08
C LEU F 199 -16.28 23.39 -11.31
N GLN F 200 -17.05 23.57 -10.23
CA GLN F 200 -18.32 24.33 -10.28
C GLN F 200 -18.07 25.74 -9.75
N TYR F 221 -18.49 16.19 -8.41
CA TYR F 221 -17.12 15.70 -8.44
C TYR F 221 -16.28 16.52 -9.47
N GLY F 222 -15.08 16.04 -9.80
CA GLY F 222 -14.12 16.72 -10.64
C GLY F 222 -13.49 16.03 -11.85
N ILE F 223 -13.14 14.74 -11.72
CA ILE F 223 -12.53 13.99 -12.85
C ILE F 223 -13.35 12.72 -13.16
N PRO F 224 -13.57 12.38 -14.45
CA PRO F 224 -13.02 13.09 -15.62
C PRO F 224 -13.67 14.45 -15.85
N CYS F 225 -12.94 15.33 -16.53
CA CYS F 225 -13.27 16.75 -16.63
C CYS F 225 -14.37 17.04 -17.65
N GLY F 226 -14.45 16.18 -18.66
CA GLY F 226 -15.36 16.37 -19.79
C GLY F 226 -14.69 17.01 -20.99
N LEU F 227 -13.39 16.77 -21.15
CA LEU F 227 -12.60 17.21 -22.30
C LEU F 227 -12.21 15.95 -23.00
N SER F 228 -12.04 16.02 -24.31
CA SER F 228 -11.48 14.89 -25.03
C SER F 228 -9.99 14.74 -24.62
N GLU F 229 -9.42 13.57 -24.84
CA GLU F 229 -8.04 13.32 -24.44
C GLU F 229 -7.06 14.31 -25.08
N THR F 230 -7.29 14.66 -26.34
CA THR F 230 -6.42 15.63 -27.02
C THR F 230 -6.73 17.06 -26.54
N GLU F 231 -8.02 17.40 -26.41
CA GLU F 231 -8.44 18.71 -25.84
C GLU F 231 -7.88 18.94 -24.44
N GLU F 232 -7.76 17.87 -23.67
CA GLU F 232 -7.15 17.91 -22.34
C GLU F 232 -5.66 18.23 -22.42
N LYS F 233 -4.92 17.46 -23.22
CA LYS F 233 -3.48 17.71 -23.44
C LYS F 233 -3.16 19.10 -23.99
N LYS F 234 -4.09 19.68 -24.75
CA LYS F 234 -3.96 21.06 -25.21
C LYS F 234 -4.01 22.06 -24.06
N LEU F 235 -4.96 21.86 -23.15
CA LEU F 235 -5.08 22.73 -21.96
C LEU F 235 -3.87 22.57 -21.01
N GLN F 236 -3.33 21.37 -20.92
CA GLN F 236 -2.16 21.10 -20.08
C GLN F 236 -0.89 21.77 -20.63
N ALA F 237 -0.65 21.66 -21.94
CA ALA F 237 0.50 22.30 -22.57
C ALA F 237 0.42 23.83 -22.49
N LEU F 238 -0.77 24.40 -22.70
CA LEU F 238 -1.02 25.84 -22.56
C LEU F 238 -0.73 26.32 -21.15
N CYS F 239 -1.25 25.57 -20.18
CA CYS F 239 -1.07 25.91 -18.75
C CYS F 239 0.37 25.76 -18.28
N LEU F 240 1.11 24.78 -18.83
CA LEU F 240 2.55 24.67 -18.58
C LEU F 240 3.30 25.91 -19.02
N ARG F 241 2.90 26.51 -20.14
CA ARG F 241 3.55 27.73 -20.61
C ARG F 241 3.24 28.90 -19.66
N ALA F 242 1.99 29.02 -19.25
CA ALA F 242 1.54 30.07 -18.31
C ALA F 242 2.14 29.92 -16.92
N PHE F 243 2.51 28.71 -16.57
CA PHE F 243 3.17 28.37 -15.29
C PHE F 243 4.63 28.82 -15.35
N GLN F 244 5.31 28.41 -16.43
CA GLN F 244 6.68 28.84 -16.74
C GLN F 244 6.82 30.36 -16.98
N ALA F 245 5.88 30.93 -17.71
CA ALA F 245 5.85 32.36 -18.02
C ALA F 245 5.99 33.22 -16.79
N VAL F 246 5.26 32.88 -15.75
CA VAL F 246 5.14 33.66 -14.55
C VAL F 246 6.30 33.23 -13.59
N GLY F 247 7.04 32.17 -13.96
CA GLY F 247 8.24 31.77 -13.26
C GLY F 247 7.93 31.02 -11.98
N ALA F 248 6.83 30.28 -11.99
CA ALA F 248 6.49 29.42 -10.87
C ALA F 248 7.26 28.13 -11.05
N GLU F 249 7.54 27.48 -9.94
CA GLU F 249 8.24 26.19 -9.93
C GLU F 249 7.70 25.18 -8.97
N GLY F 250 8.02 23.93 -9.27
CA GLY F 250 7.79 22.85 -8.34
C GLY F 250 6.37 22.38 -8.46
N TRP F 251 5.48 23.12 -7.81
CA TRP F 251 4.09 22.73 -7.73
C TRP F 251 3.26 23.96 -7.61
N GLY F 252 1.97 23.79 -7.87
CA GLY F 252 1.01 24.90 -7.86
C GLY F 252 -0.24 24.54 -8.63
N ARG F 253 -1.06 25.55 -8.90
CA ARG F 253 -2.30 25.39 -9.63
C ARG F 253 -2.53 26.53 -10.59
N ILE F 254 -2.93 26.22 -11.83
CA ILE F 254 -3.45 27.22 -12.77
C ILE F 254 -4.93 26.97 -13.00
N ASP F 255 -5.76 28.00 -12.82
CA ASP F 255 -7.18 27.97 -13.21
C ASP F 255 -7.40 28.50 -14.64
N ALA F 256 -8.25 27.81 -15.41
CA ALA F 256 -8.53 28.17 -16.80
C ALA F 256 -10.01 28.04 -17.12
N MET F 257 -10.47 28.79 -18.13
CA MET F 257 -11.85 28.82 -18.64
C MET F 257 -11.89 28.11 -19.99
N GLN F 258 -13.07 27.62 -20.36
CA GLN F 258 -13.36 27.22 -21.74
C GLN F 258 -14.67 27.86 -22.16
N ASP F 259 -14.61 28.79 -23.10
CA ASP F 259 -15.81 29.48 -23.63
C ASP F 259 -16.65 28.59 -24.54
N GLU F 260 -17.82 29.10 -24.92
CA GLU F 260 -18.79 28.35 -25.75
C GLU F 260 -18.20 27.78 -27.06
N GLN F 261 -17.21 28.48 -27.63
CA GLN F 261 -16.57 28.08 -28.89
C GLN F 261 -15.39 27.10 -28.75
N GLY F 262 -15.04 26.69 -27.52
CA GLY F 262 -13.94 25.73 -27.29
C GLY F 262 -12.58 26.38 -27.04
N ASN F 263 -12.52 27.71 -26.91
CA ASN F 263 -11.25 28.44 -26.71
C ASN F 263 -10.93 28.58 -25.24
N PHE F 264 -9.65 28.42 -24.89
CA PHE F 264 -9.21 28.54 -23.50
C PHE F 264 -8.83 29.97 -23.12
N TRP F 265 -9.05 30.29 -21.85
CA TRP F 265 -8.67 31.57 -21.26
C TRP F 265 -8.04 31.28 -19.89
N LEU F 266 -6.96 31.98 -19.57
CA LEU F 266 -6.28 31.80 -18.29
C LEU F 266 -6.83 32.82 -17.31
N LEU F 267 -6.94 32.39 -16.04
CA LEU F 267 -7.66 33.13 -15.00
C LEU F 267 -6.79 33.57 -13.84
N GLU F 268 -6.08 32.62 -13.23
CA GLU F 268 -5.25 32.89 -12.05
C GLU F 268 -4.29 31.75 -11.73
N VAL F 269 -3.37 32.04 -10.80
CA VAL F 269 -2.33 31.10 -10.36
C VAL F 269 -2.27 31.06 -8.83
N ASN F 270 -2.09 29.86 -8.28
CA ASN F 270 -1.89 29.63 -6.83
C ASN F 270 -0.56 28.93 -6.67
N THR F 271 0.37 29.59 -5.97
CA THR F 271 1.77 29.13 -5.89
C THR F 271 2.05 28.32 -4.63
N VAL F 272 1.17 28.42 -3.63
CA VAL F 272 1.07 27.42 -2.55
C VAL F 272 -0.42 27.00 -2.37
N PRO F 273 -0.81 25.93 -3.07
CA PRO F 273 -2.15 25.40 -2.98
C PRO F 273 -2.51 24.72 -1.67
N GLY F 274 -3.81 24.54 -1.44
CA GLY F 274 -4.34 23.82 -0.29
C GLY F 274 -3.89 22.37 -0.24
N MET F 275 -3.68 21.89 0.98
CA MET F 275 -3.33 20.49 1.24
C MET F 275 -4.29 19.87 2.27
N THR F 276 -5.49 20.47 2.40
CA THR F 276 -6.56 19.94 3.23
C THR F 276 -7.15 18.72 2.54
N SER F 277 -8.02 18.01 3.24
CA SER F 277 -8.63 16.76 2.72
C SER F 277 -9.50 17.04 1.51
N HIS F 278 -10.16 18.19 1.48
CA HIS F 278 -11.02 18.59 0.38
C HIS F 278 -10.28 19.32 -0.77
N SER F 279 -8.96 19.39 -0.72
CA SER F 279 -8.18 20.21 -1.65
C SER F 279 -7.89 19.52 -2.99
N LEU F 280 -7.76 20.32 -4.04
CA LEU F 280 -7.72 19.82 -5.41
C LEU F 280 -6.40 19.21 -5.86
N VAL F 281 -5.27 19.63 -5.31
CA VAL F 281 -3.97 19.08 -5.75
C VAL F 281 -3.76 17.61 -5.37
N PRO F 282 -4.06 17.24 -4.11
CA PRO F 282 -4.00 15.81 -3.77
C PRO F 282 -4.94 14.92 -4.60
N LYS F 283 -6.14 15.43 -4.88
CA LYS F 283 -7.08 14.79 -5.79
C LYS F 283 -6.43 14.50 -7.15
N ALA F 284 -5.88 15.52 -7.80
CA ALA F 284 -5.21 15.30 -9.09
C ALA F 284 -3.91 14.48 -9.03
N ALA F 285 -3.16 14.59 -7.94
CA ALA F 285 -1.97 13.73 -7.74
C ALA F 285 -2.38 12.25 -7.55
N LYS F 286 -3.52 12.01 -6.88
CA LYS F 286 -4.06 10.65 -6.68
C LYS F 286 -4.45 10.02 -8.01
N ALA F 287 -5.04 10.82 -8.89
CA ALA F 287 -5.36 10.36 -10.26
C ALA F 287 -4.19 9.79 -11.07
N VAL F 288 -2.96 10.03 -10.63
CA VAL F 288 -1.78 9.58 -11.29
C VAL F 288 -0.98 8.69 -10.30
N GLY F 289 -1.66 8.15 -9.27
CA GLY F 289 -1.10 7.16 -8.36
C GLY F 289 -0.26 7.64 -7.19
N TYR F 290 -0.39 8.92 -6.81
CA TYR F 290 0.30 9.45 -5.64
C TYR F 290 -0.65 9.41 -4.44
N SER F 291 -0.22 8.72 -3.40
CA SER F 291 -0.82 8.88 -2.07
C SER F 291 -0.44 10.25 -1.57
N PHE F 292 -1.20 10.76 -0.60
CA PHE F 292 -0.90 12.05 -0.02
C PHE F 292 0.51 12.10 0.54
N ASP F 293 0.93 11.02 1.20
CA ASP F 293 2.28 10.96 1.78
C ASP F 293 3.35 11.01 0.71
N GLU F 294 3.08 10.35 -0.41
CA GLU F 294 4.00 10.32 -1.55
C GLU F 294 4.08 11.68 -2.19
N LEU F 295 2.93 12.30 -2.37
CA LEU F 295 2.87 13.69 -2.87
C LEU F 295 3.65 14.63 -1.97
N CYS F 296 3.49 14.52 -0.67
CA CYS F 296 4.22 15.40 0.25
C CYS F 296 5.73 15.25 0.14
N VAL F 297 6.22 14.03 -0.05
CA VAL F 297 7.67 13.83 -0.17
C VAL F 297 8.14 14.37 -1.51
N ALA F 298 7.39 14.09 -2.58
CA ALA F 298 7.69 14.62 -3.92
C ALA F 298 7.86 16.14 -3.94
N ILE F 299 6.94 16.85 -3.29
CA ILE F 299 7.07 18.31 -3.12
C ILE F 299 8.36 18.66 -2.35
N LEU F 300 8.62 17.93 -1.26
CA LEU F 300 9.81 18.23 -0.43
C LEU F 300 11.11 17.99 -1.19
N GLU F 301 11.11 17.05 -2.12
CA GLU F 301 12.31 16.72 -2.93
C GLU F 301 12.85 17.90 -3.77
N GLN F 302 11.97 18.83 -4.14
CA GLN F 302 12.36 20.13 -4.75
C GLN F 302 13.49 20.80 -4.00
N THR F 303 13.51 20.68 -2.68
CA THR F 303 14.54 21.32 -1.85
C THR F 303 15.93 20.64 -1.88
N LEU F 304 16.13 19.62 -2.74
CA LEU F 304 17.43 19.00 -2.99
C LEU F 304 18.10 19.49 -4.29
N GLU F 305 19.42 19.55 -4.25
CA GLU F 305 20.14 20.39 -5.22
C GLU F 305 20.16 19.82 -6.63
#